data_1GC4
#
_entry.id   1GC4
#
_cell.length_a   82.67
_cell.length_b   102.34
_cell.length_c   100.41
_cell.angle_alpha   90
_cell.angle_beta   112.14
_cell.angle_gamma   90
#
_symmetry.space_group_name_H-M   'P 1 21 1'
#
loop_
_entity.id
_entity.type
_entity.pdbx_description
1 polymer 'ASPARTATE AMINOTRANSFERASE'
2 non-polymer 'ASPARTIC ACID'
3 non-polymer "PYRIDOXAL-5'-PHOSPHATE"
#
_entity_poly.entity_id   1
_entity_poly.type   'polypeptide(L)'
_entity_poly.pdbx_seq_one_letter_code
;MRGLSRRVQAMKPDAVVAVNAKALELRRQGVDLVALTAGEPDFDTPEHVKEAARRALAQGKTKYAPPAGIPELREALAEK
FRRENGLSVTPEETIVTVGGSQALFNLFQAILDPGDEVIVLSPYWVSYPEMVRFAGGVVVEVETLPEEGFVPDPERVRRA
ITPRTKALVVNSPNNPTGAVYPKEVLEALARLAVEHDFYLVSDEIYEHLLYEGEHFSPGRVAPEHTLTVNGAAKAFAMTG
WRIGYACGPKEVIKAMASVSRQSTTSPDTIAQWATLEALTNQEASRAFVEMAREAYRRRRDLLLEGLTALGLKAVRPSGA
FYVLMDTSPIAPDEVRAAERLLEAGVAVVPGTDFAAFGHVRLSYATSEENLRKALERFARVLGRA
;
_entity_poly.pdbx_strand_id   A,B,C,D
#
loop_
_chem_comp.id
_chem_comp.type
_chem_comp.name
_chem_comp.formula
PLP non-polymer PYRIDOXAL-5'-PHOSPHATE 'C8 H10 N O6 P'
#
# COMPACT_ATOMS: atom_id res chain seq x y z
N MET A 1 -22.25 39.50 -13.57
CA MET A 1 -22.72 38.08 -13.46
C MET A 1 -21.77 37.25 -12.58
N ARG A 2 -22.17 36.04 -12.23
CA ARG A 2 -21.32 35.18 -11.38
C ARG A 2 -20.05 34.59 -11.95
N GLY A 3 -19.30 33.90 -11.10
CA GLY A 3 -18.06 33.27 -11.54
C GLY A 3 -16.82 33.74 -10.79
N LEU A 4 -15.80 32.89 -10.75
CA LEU A 4 -14.56 33.24 -10.05
C LEU A 4 -13.69 34.18 -10.89
N SER A 5 -12.83 34.94 -10.22
CA SER A 5 -11.97 35.90 -10.89
C SER A 5 -10.97 35.13 -11.72
N ARG A 6 -10.03 35.82 -12.36
CA ARG A 6 -9.05 35.10 -13.17
C ARG A 6 -7.65 35.14 -12.60
N ARG A 7 -7.51 35.64 -11.39
CA ARG A 7 -6.20 35.67 -10.78
C ARG A 7 -6.12 34.52 -9.79
N VAL A 8 -7.29 34.09 -9.32
CA VAL A 8 -7.37 32.98 -8.37
C VAL A 8 -7.70 31.76 -9.20
N GLN A 9 -8.01 32.00 -10.46
CA GLN A 9 -8.35 30.93 -11.38
C GLN A 9 -7.10 30.44 -12.07
N ALA A 10 -6.08 31.30 -12.14
CA ALA A 10 -4.84 30.97 -12.81
C ALA A 10 -3.73 30.41 -11.93
N MET A 11 -3.94 30.44 -10.62
CA MET A 11 -2.93 29.93 -9.72
C MET A 11 -2.80 28.42 -9.70
N LYS A 12 -1.54 27.99 -9.64
CA LYS A 12 -1.17 26.58 -9.60
C LYS A 12 -1.23 26.14 -8.14
N PRO A 13 -1.75 24.91 -7.89
CA PRO A 13 -1.90 24.30 -6.56
C PRO A 13 -0.56 24.09 -5.83
N ASP A 14 -0.59 23.99 -4.51
CA ASP A 14 0.66 23.79 -3.79
C ASP A 14 0.98 22.31 -3.90
N ALA A 15 2.23 22.04 -4.23
CA ALA A 15 2.69 20.67 -4.38
C ALA A 15 2.78 20.12 -2.98
N VAL A 16 3.24 20.95 -2.05
CA VAL A 16 3.36 20.52 -0.66
C VAL A 16 2.00 20.25 -0.03
N VAL A 17 1.08 21.21 -0.11
CA VAL A 17 -0.26 21.03 0.43
C VAL A 17 -0.90 19.77 -0.18
N ALA A 18 -0.69 19.57 -1.47
CA ALA A 18 -1.26 18.41 -2.16
C ALA A 18 -0.71 17.06 -1.72
N VAL A 19 0.60 16.98 -1.54
CA VAL A 19 1.26 15.73 -1.12
C VAL A 19 0.91 15.41 0.31
N ASN A 20 0.84 16.43 1.16
CA ASN A 20 0.53 16.22 2.56
C ASN A 20 -0.83 15.54 2.68
N ALA A 21 -1.86 16.21 2.15
CA ALA A 21 -3.24 15.70 2.20
C ALA A 21 -3.27 14.22 1.84
N LYS A 22 -2.56 13.89 0.78
CA LYS A 22 -2.47 12.53 0.30
C LYS A 22 -1.90 11.64 1.38
N ALA A 23 -0.68 11.95 1.81
CA ALA A 23 0.03 11.18 2.82
C ALA A 23 -0.93 10.89 3.96
N LEU A 24 -1.47 11.97 4.50
CA LEU A 24 -2.40 11.90 5.60
C LEU A 24 -3.48 10.85 5.46
N GLU A 25 -4.35 11.05 4.48
CA GLU A 25 -5.42 10.10 4.25
C GLU A 25 -5.02 8.61 4.23
N LEU A 26 -3.83 8.31 3.70
CA LEU A 26 -3.37 6.93 3.65
C LEU A 26 -3.03 6.48 5.06
N ARG A 27 -2.41 7.37 5.83
CA ARG A 27 -2.07 7.11 7.22
C ARG A 27 -3.42 6.76 7.85
N ARG A 28 -4.49 7.30 7.27
CA ARG A 28 -5.84 7.06 7.77
C ARG A 28 -6.46 5.73 7.28
N GLN A 29 -6.25 5.36 6.02
CA GLN A 29 -6.80 4.09 5.49
C GLN A 29 -5.71 3.02 5.56
N GLY A 30 -5.45 2.57 6.78
CA GLY A 30 -4.41 1.61 7.04
C GLY A 30 -3.14 2.41 6.89
N VAL A 31 -2.42 2.10 5.82
CA VAL A 31 -1.17 2.77 5.47
C VAL A 31 -0.20 3.51 6.40
N ASP A 32 0.94 2.90 6.69
CA ASP A 32 1.92 3.58 7.53
C ASP A 32 3.02 3.93 6.50
N LEU A 33 3.07 5.21 6.15
CA LEU A 33 4.04 5.71 5.19
C LEU A 33 4.88 6.80 5.83
N VAL A 34 6.20 6.56 5.91
CA VAL A 34 7.12 7.54 6.49
C VAL A 34 7.03 8.75 5.55
N ALA A 35 6.71 9.91 6.10
CA ALA A 35 6.58 11.13 5.29
C ALA A 35 7.61 12.25 5.41
N LEU A 36 8.54 12.30 4.47
CA LEU A 36 9.60 13.31 4.46
C LEU A 36 9.16 14.53 3.66
N THR A 37 7.89 14.90 3.78
CA THR A 37 7.35 16.03 3.04
C THR A 37 7.52 17.48 3.47
N ALA A 38 6.70 17.91 4.43
CA ALA A 38 6.73 19.30 4.91
C ALA A 38 7.92 19.87 5.67
N GLY A 39 8.18 21.15 5.44
CA GLY A 39 9.29 21.80 6.08
C GLY A 39 9.00 22.32 7.47
N GLU A 40 8.68 21.42 8.40
CA GLU A 40 8.42 21.84 9.78
C GLU A 40 9.02 20.89 10.80
N PRO A 41 9.76 21.45 11.78
CA PRO A 41 10.40 20.70 12.86
C PRO A 41 9.46 19.69 13.47
N ASP A 42 10.01 18.78 14.26
CA ASP A 42 9.22 17.77 14.95
C ASP A 42 9.23 18.27 16.39
N PHE A 43 10.25 19.06 16.72
CA PHE A 43 10.39 19.66 18.04
C PHE A 43 9.16 20.52 18.30
N ASP A 44 8.80 20.63 19.58
CA ASP A 44 7.63 21.41 19.97
C ASP A 44 8.18 22.73 20.52
N THR A 45 7.52 23.83 20.18
CA THR A 45 7.90 25.15 20.64
C THR A 45 8.28 25.16 22.13
N PRO A 46 9.49 25.64 22.46
CA PRO A 46 10.07 25.74 23.81
C PRO A 46 9.10 26.18 24.90
N GLU A 47 9.27 25.63 26.10
CA GLU A 47 8.41 25.96 27.23
C GLU A 47 8.43 27.43 27.63
N HIS A 48 9.62 28.05 27.62
CA HIS A 48 9.71 29.44 28.02
C HIS A 48 8.81 30.32 27.15
N VAL A 49 8.58 29.87 25.91
CA VAL A 49 7.71 30.60 24.99
C VAL A 49 6.24 30.30 25.32
N LYS A 50 5.94 29.04 25.65
CA LYS A 50 4.59 28.64 25.99
C LYS A 50 4.11 29.26 27.28
N GLU A 51 5.00 29.33 28.25
CA GLU A 51 4.67 29.89 29.55
C GLU A 51 4.12 31.29 29.34
N ALA A 52 4.83 32.05 28.51
CA ALA A 52 4.44 33.42 28.23
C ALA A 52 3.12 33.60 27.48
N ALA A 53 2.67 32.56 26.78
CA ALA A 53 1.41 32.61 26.04
C ALA A 53 0.31 32.37 27.04
N ARG A 54 0.65 31.68 28.14
CA ARG A 54 -0.31 31.38 29.20
C ARG A 54 -0.40 32.64 30.03
N ARG A 55 0.75 33.25 30.27
CA ARG A 55 0.85 34.46 31.04
C ARG A 55 0.08 35.56 30.32
N ALA A 56 0.05 35.48 28.98
CA ALA A 56 -0.66 36.46 28.18
C ALA A 56 -2.17 36.25 28.40
N LEU A 57 -2.63 35.01 28.27
CA LEU A 57 -4.04 34.68 28.47
C LEU A 57 -4.47 35.06 29.88
N ALA A 58 -3.59 34.74 30.82
CA ALA A 58 -3.83 35.00 32.24
C ALA A 58 -4.06 36.46 32.55
N GLN A 59 -3.38 37.33 31.81
CA GLN A 59 -3.53 38.76 32.01
C GLN A 59 -4.54 39.31 31.02
N GLY A 60 -5.30 38.40 30.41
CA GLY A 60 -6.32 38.80 29.45
C GLY A 60 -5.78 39.68 28.33
N LYS A 61 -4.67 39.27 27.72
CA LYS A 61 -4.05 40.01 26.63
C LYS A 61 -4.67 39.57 25.31
N THR A 62 -6.00 39.52 25.27
CA THR A 62 -6.73 39.10 24.07
C THR A 62 -7.52 40.10 23.21
N LYS A 63 -7.12 41.36 23.22
CA LYS A 63 -7.79 42.39 22.44
C LYS A 63 -7.15 42.58 21.06
N TYR A 64 -7.60 43.56 20.30
CA TYR A 64 -7.00 43.80 18.98
C TYR A 64 -5.61 44.41 19.23
N ALA A 65 -4.77 44.37 18.21
CA ALA A 65 -3.42 44.93 18.26
C ALA A 65 -3.26 45.76 16.97
N PRO A 66 -2.29 46.70 16.94
CA PRO A 66 -2.05 47.53 15.74
C PRO A 66 -1.83 46.67 14.52
N PRO A 67 -2.20 47.17 13.33
CA PRO A 67 -1.98 46.35 12.14
C PRO A 67 -0.50 46.03 11.93
N ALA A 68 0.37 46.86 12.49
CA ALA A 68 1.80 46.69 12.37
C ALA A 68 2.37 45.84 13.49
N GLY A 69 1.55 45.47 14.46
CA GLY A 69 2.00 44.66 15.59
C GLY A 69 2.27 45.47 16.86
N ILE A 70 2.17 44.80 18.02
CA ILE A 70 2.39 45.45 19.31
C ILE A 70 3.76 46.16 19.33
N PRO A 71 3.82 47.36 19.93
CA PRO A 71 5.04 48.18 20.02
C PRO A 71 6.20 47.52 20.71
N GLU A 72 5.90 46.47 21.47
CA GLU A 72 6.94 45.76 22.22
C GLU A 72 7.67 44.77 21.34
N LEU A 73 6.91 43.89 20.69
CA LEU A 73 7.47 42.88 19.81
C LEU A 73 8.22 43.66 18.74
N ARG A 74 7.67 44.83 18.41
CA ARG A 74 8.23 45.70 17.39
C ARG A 74 9.56 46.28 17.76
N GLU A 75 9.76 46.50 19.04
CA GLU A 75 10.99 47.08 19.50
C GLU A 75 12.11 46.05 19.61
N ALA A 76 11.75 44.83 20.02
CA ALA A 76 12.72 43.73 20.17
C ALA A 76 13.16 43.33 18.78
N LEU A 77 12.28 43.56 17.82
CA LEU A 77 12.52 43.24 16.42
C LEU A 77 13.58 44.21 15.88
N ALA A 78 13.58 45.44 16.39
CA ALA A 78 14.56 46.40 15.93
C ALA A 78 15.93 46.09 16.52
N GLU A 79 15.98 45.17 17.48
CA GLU A 79 17.25 44.78 18.13
C GLU A 79 17.70 43.44 17.62
N LYS A 80 16.77 42.66 17.07
CA LYS A 80 17.11 41.35 16.53
C LYS A 80 17.86 41.70 15.24
N PHE A 81 17.16 42.36 14.32
CA PHE A 81 17.74 42.76 13.04
C PHE A 81 18.99 43.57 13.23
N ARG A 82 19.11 44.16 14.41
CA ARG A 82 20.25 44.98 14.75
C ARG A 82 21.45 44.24 15.32
N ARG A 83 21.18 43.64 16.47
CA ARG A 83 22.14 42.87 17.26
C ARG A 83 22.53 41.66 16.46
N GLU A 84 21.54 40.86 16.03
CA GLU A 84 21.82 39.67 15.23
C GLU A 84 22.18 39.97 13.77
N ASN A 85 21.20 40.41 12.99
CA ASN A 85 21.44 40.72 11.58
C ASN A 85 22.31 41.89 11.17
N GLY A 86 22.88 42.60 12.13
CA GLY A 86 23.76 43.72 11.83
C GLY A 86 23.09 44.90 11.15
N LEU A 87 21.83 44.73 10.78
CA LEU A 87 21.04 45.79 10.15
C LEU A 87 20.89 46.94 11.14
N SER A 88 20.50 48.10 10.62
CA SER A 88 20.28 49.26 11.46
C SER A 88 18.96 49.93 11.17
N VAL A 89 17.93 49.38 11.80
CA VAL A 89 16.55 49.84 11.65
C VAL A 89 16.01 50.33 13.00
N THR A 90 15.04 51.25 12.94
CA THR A 90 14.39 51.77 14.14
C THR A 90 13.09 50.99 14.03
N PRO A 91 12.33 50.88 15.13
CA PRO A 91 11.05 50.15 15.16
C PRO A 91 10.00 50.49 14.08
N GLU A 92 9.98 51.70 13.57
CA GLU A 92 8.99 52.08 12.57
C GLU A 92 9.24 51.34 11.29
N GLU A 93 10.47 50.87 11.14
CA GLU A 93 10.89 50.14 9.95
C GLU A 93 10.83 48.64 10.22
N THR A 94 9.98 48.28 11.18
CA THR A 94 9.80 46.89 11.56
C THR A 94 8.31 46.61 11.36
N ILE A 95 7.96 45.34 11.21
CA ILE A 95 6.57 44.94 11.02
C ILE A 95 6.34 43.47 11.31
N VAL A 96 5.26 43.21 12.05
CA VAL A 96 4.90 41.85 12.44
C VAL A 96 3.82 41.39 11.49
N THR A 97 4.01 40.24 10.86
CA THR A 97 3.01 39.74 9.92
C THR A 97 2.60 38.30 10.22
N VAL A 98 1.52 37.85 9.59
CA VAL A 98 1.01 36.50 9.80
C VAL A 98 1.84 35.47 9.07
N GLY A 99 3.02 35.21 9.63
CA GLY A 99 3.95 34.25 9.08
C GLY A 99 4.93 34.91 8.12
N GLY A 100 5.83 34.11 7.57
CA GLY A 100 6.77 34.63 6.61
C GLY A 100 5.98 34.91 5.34
N SER A 101 4.98 34.06 5.10
CA SER A 101 4.11 34.16 3.94
C SER A 101 3.45 35.53 3.80
N GLN A 102 2.88 36.03 4.90
CA GLN A 102 2.23 37.34 4.86
C GLN A 102 3.19 38.47 4.54
N ALA A 103 4.37 38.44 5.14
CA ALA A 103 5.36 39.48 4.90
C ALA A 103 5.82 39.56 3.46
N LEU A 104 5.70 38.45 2.74
CA LEU A 104 6.09 38.42 1.34
C LEU A 104 4.87 38.84 0.52
N PHE A 105 3.72 38.22 0.83
CA PHE A 105 2.46 38.51 0.14
C PHE A 105 2.04 39.98 0.21
N ASN A 106 2.32 40.63 1.34
CA ASN A 106 1.98 42.03 1.54
C ASN A 106 3.04 42.82 0.78
N LEU A 107 4.27 42.33 0.88
CA LEU A 107 5.41 42.95 0.23
C LEU A 107 5.29 43.07 -1.30
N PHE A 108 4.78 42.01 -1.93
CA PHE A 108 4.63 41.99 -3.38
C PHE A 108 3.46 42.83 -3.88
N GLN A 109 2.42 42.95 -3.06
CA GLN A 109 1.22 43.72 -3.40
C GLN A 109 1.47 45.22 -3.24
N ALA A 110 2.44 45.57 -2.39
CA ALA A 110 2.77 46.96 -2.15
C ALA A 110 3.81 47.54 -3.08
N ILE A 111 4.50 46.69 -3.83
CA ILE A 111 5.53 47.15 -4.76
C ILE A 111 5.33 46.65 -6.19
N LEU A 112 4.33 45.79 -6.40
CA LEU A 112 4.07 45.28 -7.73
C LEU A 112 2.88 45.84 -8.48
N ASP A 113 3.17 46.56 -9.56
CA ASP A 113 2.09 47.08 -10.39
C ASP A 113 2.02 46.00 -11.44
N PRO A 114 0.86 45.84 -12.08
CA PRO A 114 0.77 44.82 -13.12
C PRO A 114 1.88 44.93 -14.17
N GLY A 115 2.37 43.78 -14.60
CA GLY A 115 3.42 43.73 -15.59
C GLY A 115 4.83 44.03 -15.11
N ASP A 116 5.01 44.26 -13.82
CA ASP A 116 6.35 44.54 -13.31
C ASP A 116 7.06 43.19 -13.30
N GLU A 117 8.38 43.21 -13.48
CA GLU A 117 9.15 41.97 -13.50
C GLU A 117 9.81 41.71 -12.16
N VAL A 118 9.87 40.44 -11.77
CA VAL A 118 10.52 40.06 -10.52
C VAL A 118 11.40 38.85 -10.88
N ILE A 119 12.68 38.93 -10.54
CA ILE A 119 13.61 37.83 -10.83
C ILE A 119 13.72 36.85 -9.68
N VAL A 120 13.31 35.61 -9.92
CA VAL A 120 13.40 34.57 -8.92
C VAL A 120 14.54 33.72 -9.44
N LEU A 121 15.32 33.14 -8.54
CA LEU A 121 16.43 32.28 -8.94
C LEU A 121 16.01 30.83 -8.66
N SER A 122 15.96 30.00 -9.69
CA SER A 122 15.58 28.59 -9.54
C SER A 122 16.73 27.66 -9.17
N PRO A 123 16.45 26.59 -8.39
CA PRO A 123 15.17 26.17 -7.83
C PRO A 123 14.73 27.13 -6.72
N TYR A 124 13.44 27.44 -6.71
CA TYR A 124 12.88 28.34 -5.72
C TYR A 124 11.76 27.68 -4.95
N TRP A 125 11.42 28.26 -3.80
CA TRP A 125 10.35 27.74 -2.98
C TRP A 125 9.04 27.96 -3.74
N VAL A 126 8.26 26.89 -3.82
CA VAL A 126 6.97 26.89 -4.51
C VAL A 126 6.05 28.10 -4.64
N SER A 127 6.06 28.97 -3.61
CA SER A 127 5.22 30.16 -3.59
C SER A 127 5.60 31.41 -4.34
N TYR A 128 6.82 31.88 -4.14
CA TYR A 128 7.33 33.07 -4.81
C TYR A 128 6.78 33.49 -6.16
N PRO A 129 6.68 32.53 -7.11
CA PRO A 129 6.15 32.87 -8.43
C PRO A 129 4.65 33.14 -8.28
N GLU A 130 3.94 32.24 -7.60
CA GLU A 130 2.51 32.41 -7.39
C GLU A 130 2.14 33.72 -6.71
N MET A 131 2.98 34.20 -5.82
CA MET A 131 2.72 35.45 -5.12
C MET A 131 3.00 36.57 -6.13
N VAL A 132 4.17 36.49 -6.76
CA VAL A 132 4.59 37.48 -7.75
C VAL A 132 3.60 37.63 -8.90
N ARG A 133 2.88 36.54 -9.20
CA ARG A 133 1.89 36.55 -10.28
C ARG A 133 0.51 37.00 -9.83
N PHE A 134 0.13 36.65 -8.60
CA PHE A 134 -1.17 37.01 -8.05
C PHE A 134 -1.22 38.53 -7.89
N ALA A 135 -0.06 39.17 -7.96
CA ALA A 135 0.02 40.62 -7.83
C ALA A 135 0.05 41.37 -9.15
N GLY A 136 0.17 40.64 -10.24
CA GLY A 136 0.19 41.26 -11.56
C GLY A 136 1.57 41.21 -12.20
N GLY A 137 2.60 40.99 -11.39
CA GLY A 137 3.96 40.92 -11.91
C GLY A 137 4.22 39.71 -12.81
N VAL A 138 5.43 39.67 -13.36
CA VAL A 138 5.83 38.58 -14.25
C VAL A 138 7.13 37.97 -13.71
N VAL A 139 7.22 36.64 -13.77
CA VAL A 139 8.39 35.91 -13.30
C VAL A 139 9.50 35.74 -14.33
N VAL A 140 10.64 36.37 -14.06
CA VAL A 140 11.83 36.32 -14.90
C VAL A 140 12.74 35.48 -14.03
N GLU A 141 12.95 34.22 -14.38
CA GLU A 141 13.82 33.38 -13.58
C GLU A 141 15.24 33.09 -14.02
N VAL A 142 16.18 33.30 -13.11
CA VAL A 142 17.59 33.05 -13.37
C VAL A 142 17.87 31.69 -12.78
N GLU A 143 18.54 30.86 -13.54
CA GLU A 143 18.88 29.51 -13.14
C GLU A 143 20.10 29.50 -12.22
N THR A 144 20.18 28.51 -11.33
CA THR A 144 21.34 28.39 -10.46
C THR A 144 21.64 26.90 -10.64
N LEU A 145 22.92 26.63 -10.85
CA LEU A 145 23.40 25.28 -11.12
C LEU A 145 23.95 24.33 -10.07
N PRO A 146 23.54 23.05 -10.13
CA PRO A 146 24.01 22.04 -9.19
C PRO A 146 25.53 21.94 -9.24
N GLU A 147 26.09 22.19 -10.41
CA GLU A 147 27.53 22.14 -10.57
C GLU A 147 28.18 23.32 -9.86
N GLU A 148 27.43 24.40 -9.71
CA GLU A 148 27.94 25.56 -9.01
C GLU A 148 27.52 25.56 -7.55
N GLY A 149 26.85 24.49 -7.16
CA GLY A 149 26.41 24.35 -5.79
C GLY A 149 25.20 25.23 -5.53
N PHE A 150 24.44 25.46 -6.60
CA PHE A 150 23.24 26.28 -6.54
C PHE A 150 23.37 27.74 -6.09
N VAL A 151 24.57 28.14 -5.68
CA VAL A 151 24.79 29.53 -5.30
C VAL A 151 24.75 30.25 -6.66
N PRO A 152 24.01 31.37 -6.73
CA PRO A 152 23.82 32.20 -7.92
C PRO A 152 25.08 32.93 -8.39
N ASP A 153 25.15 33.16 -9.69
CA ASP A 153 26.28 33.87 -10.26
C ASP A 153 25.69 35.19 -10.74
N PRO A 154 26.04 36.28 -10.03
CA PRO A 154 25.60 37.66 -10.28
C PRO A 154 25.66 38.17 -11.72
N GLU A 155 26.29 37.41 -12.62
CA GLU A 155 26.34 37.84 -14.01
C GLU A 155 25.12 37.34 -14.76
N ARG A 156 24.76 36.09 -14.55
CA ARG A 156 23.57 35.53 -15.18
C ARG A 156 22.45 36.47 -14.69
N VAL A 157 22.53 36.88 -13.42
CA VAL A 157 21.52 37.76 -12.85
C VAL A 157 21.53 39.16 -13.44
N ARG A 158 22.70 39.81 -13.45
CA ARG A 158 22.83 41.15 -14.01
C ARG A 158 22.25 41.14 -15.42
N ARG A 159 22.53 40.06 -16.14
CA ARG A 159 22.06 39.86 -17.50
C ARG A 159 20.53 39.93 -17.57
N ALA A 160 19.86 39.38 -16.56
CA ALA A 160 18.39 39.37 -16.52
C ALA A 160 17.62 40.66 -16.23
N ILE A 161 18.34 41.69 -15.80
CA ILE A 161 17.78 42.99 -15.48
C ILE A 161 17.22 43.79 -16.66
N THR A 162 15.89 43.98 -16.71
CA THR A 162 15.25 44.77 -17.77
C THR A 162 14.79 46.06 -17.09
N PRO A 163 14.23 47.02 -17.87
CA PRO A 163 13.77 48.29 -17.31
C PRO A 163 12.44 48.13 -16.55
N ARG A 164 11.88 46.92 -16.63
CA ARG A 164 10.63 46.57 -15.96
C ARG A 164 11.02 46.01 -14.61
N THR A 165 12.15 45.30 -14.57
CA THR A 165 12.64 44.71 -13.34
C THR A 165 12.48 45.61 -12.12
N LYS A 166 11.54 45.22 -11.26
CA LYS A 166 11.21 45.92 -10.03
C LYS A 166 11.84 45.28 -8.79
N ALA A 167 11.88 43.95 -8.75
CA ALA A 167 12.44 43.25 -7.60
C ALA A 167 13.19 41.96 -7.90
N LEU A 168 14.07 41.59 -6.97
CA LEU A 168 14.89 40.37 -7.07
C LEU A 168 14.80 39.63 -5.73
N VAL A 169 14.45 38.34 -5.81
CA VAL A 169 14.30 37.51 -4.62
C VAL A 169 15.43 36.53 -4.33
N VAL A 170 16.17 36.77 -3.24
CA VAL A 170 17.26 35.87 -2.85
C VAL A 170 16.86 35.17 -1.55
N ASN A 171 17.31 33.94 -1.37
CA ASN A 171 16.97 33.14 -0.20
C ASN A 171 18.11 32.30 0.41
N SER A 172 18.82 32.85 1.40
CA SER A 172 19.93 32.15 2.06
C SER A 172 19.86 32.05 3.60
N PRO A 173 19.82 30.83 4.15
CA PRO A 173 19.82 29.48 3.55
C PRO A 173 18.73 29.30 2.49
N ASN A 174 18.86 28.26 1.68
CA ASN A 174 17.91 28.04 0.60
C ASN A 174 16.93 26.86 0.66
N ASN A 175 15.68 27.10 0.28
CA ASN A 175 14.69 26.03 0.22
C ASN A 175 14.57 26.07 -1.30
N PRO A 176 14.66 24.92 -1.98
CA PRO A 176 14.85 23.56 -1.48
C PRO A 176 16.28 22.98 -1.54
N THR A 177 17.26 23.79 -1.91
CA THR A 177 18.63 23.28 -2.01
C THR A 177 19.54 23.23 -0.79
N GLY A 178 19.25 24.07 0.20
CA GLY A 178 20.05 24.12 1.41
C GLY A 178 21.32 24.96 1.28
N ALA A 179 21.50 25.59 0.14
CA ALA A 179 22.67 26.42 -0.09
C ALA A 179 22.78 27.73 0.69
N VAL A 180 23.92 27.96 1.34
CA VAL A 180 24.13 29.21 2.10
C VAL A 180 25.01 30.15 1.25
N TYR A 181 24.40 31.19 0.72
CA TYR A 181 25.11 32.15 -0.13
C TYR A 181 26.16 32.90 0.64
N PRO A 182 27.39 32.93 0.10
CA PRO A 182 28.51 33.62 0.74
C PRO A 182 28.47 35.13 0.60
N LYS A 183 28.89 35.77 1.69
CA LYS A 183 28.96 37.22 1.80
C LYS A 183 29.12 38.01 0.52
N GLU A 184 30.09 37.62 -0.29
CA GLU A 184 30.36 38.34 -1.54
C GLU A 184 29.35 38.23 -2.66
N VAL A 185 28.67 37.09 -2.78
CA VAL A 185 27.66 36.94 -3.83
C VAL A 185 26.53 37.83 -3.37
N LEU A 186 26.14 37.67 -2.11
CA LEU A 186 25.05 38.43 -1.49
C LEU A 186 25.29 39.92 -1.59
N GLU A 187 26.53 40.29 -1.37
CA GLU A 187 26.97 41.67 -1.41
C GLU A 187 26.98 42.14 -2.86
N ALA A 188 27.10 41.20 -3.79
CA ALA A 188 27.12 41.54 -5.22
C ALA A 188 25.71 41.80 -5.72
N LEU A 189 24.79 40.85 -5.45
CA LEU A 189 23.39 40.98 -5.86
C LEU A 189 22.83 42.29 -5.34
N ALA A 190 23.27 42.68 -4.14
CA ALA A 190 22.81 43.91 -3.53
C ALA A 190 23.20 45.12 -4.36
N ARG A 191 24.44 45.16 -4.82
CA ARG A 191 24.91 46.28 -5.65
C ARG A 191 24.24 46.32 -7.04
N LEU A 192 23.65 45.21 -7.48
CA LEU A 192 22.96 45.18 -8.78
C LEU A 192 21.69 45.99 -8.52
N ALA A 193 21.06 45.74 -7.37
CA ALA A 193 19.83 46.40 -6.96
C ALA A 193 20.05 47.89 -6.82
N VAL A 194 21.21 48.26 -6.27
CA VAL A 194 21.57 49.67 -6.09
C VAL A 194 21.85 50.29 -7.45
N GLU A 195 22.64 49.58 -8.27
CA GLU A 195 23.02 50.06 -9.60
C GLU A 195 21.90 50.23 -10.63
N HIS A 196 20.90 49.37 -10.58
CA HIS A 196 19.78 49.44 -11.51
C HIS A 196 18.48 49.86 -10.89
N ASP A 197 18.57 50.31 -9.64
CA ASP A 197 17.43 50.79 -8.89
C ASP A 197 16.25 49.87 -8.73
N PHE A 198 16.40 48.89 -7.83
CA PHE A 198 15.29 48.00 -7.57
C PHE A 198 15.38 47.42 -6.16
N TYR A 199 14.24 46.90 -5.70
CA TYR A 199 14.15 46.32 -4.37
C TYR A 199 14.77 44.93 -4.35
N LEU A 200 15.43 44.60 -3.24
CA LEU A 200 16.06 43.31 -3.06
C LEU A 200 15.28 42.73 -1.86
N VAL A 201 14.49 41.69 -2.11
CA VAL A 201 13.73 41.01 -1.06
C VAL A 201 14.74 39.96 -0.63
N SER A 202 14.91 39.80 0.67
CA SER A 202 15.85 38.80 1.19
C SER A 202 15.09 37.95 2.19
N ASP A 203 14.78 36.71 1.81
CA ASP A 203 14.04 35.80 2.70
C ASP A 203 14.92 34.95 3.65
N GLU A 204 15.58 35.61 4.61
CA GLU A 204 16.44 34.91 5.56
C GLU A 204 15.80 34.27 6.79
N ILE A 205 14.80 33.42 6.53
CA ILE A 205 14.04 32.72 7.58
C ILE A 205 14.71 31.48 8.19
N TYR A 206 15.75 30.98 7.52
CA TYR A 206 16.47 29.80 8.01
C TYR A 206 17.84 30.26 8.52
N GLU A 207 18.00 31.57 8.72
CA GLU A 207 19.27 32.10 9.17
C GLU A 207 19.91 31.31 10.31
N HIS A 208 19.06 30.70 11.13
CA HIS A 208 19.54 29.92 12.26
C HIS A 208 19.88 28.46 12.07
N LEU A 209 19.35 27.89 10.99
CA LEU A 209 19.58 26.50 10.66
C LEU A 209 20.76 26.56 9.69
N LEU A 210 21.88 27.04 10.22
CA LEU A 210 23.09 27.19 9.46
C LEU A 210 24.19 26.34 10.09
N TYR A 211 24.39 25.17 9.49
CA TYR A 211 25.37 24.18 9.93
C TYR A 211 26.83 24.53 9.69
N GLU A 212 27.10 25.08 8.51
CA GLU A 212 28.45 25.50 8.18
C GLU A 212 28.47 26.70 7.25
N GLY A 213 29.05 27.78 7.76
CA GLY A 213 29.16 29.03 7.03
C GLY A 213 28.77 30.19 7.94
N GLU A 214 28.75 31.41 7.42
CA GLU A 214 28.34 32.56 8.21
C GLU A 214 27.13 33.17 7.51
N HIS A 215 26.22 33.75 8.29
CA HIS A 215 25.02 34.37 7.72
C HIS A 215 25.13 35.89 7.51
N PHE A 216 25.10 36.28 6.25
CA PHE A 216 25.19 37.70 5.88
C PHE A 216 23.82 38.24 5.44
N SER A 217 23.44 39.39 5.99
CA SER A 217 22.16 40.00 5.67
C SER A 217 22.56 41.05 4.66
N PRO A 218 22.13 40.91 3.40
CA PRO A 218 22.45 41.86 2.33
C PRO A 218 22.03 43.27 2.65
N GLY A 219 21.07 43.40 3.55
CA GLY A 219 20.58 44.71 3.94
C GLY A 219 21.60 45.64 4.57
N ARG A 220 22.69 45.09 5.08
CA ARG A 220 23.70 45.92 5.70
C ARG A 220 24.27 46.80 4.60
N VAL A 221 24.37 46.23 3.41
CA VAL A 221 24.90 46.87 2.21
C VAL A 221 23.99 47.88 1.51
N ALA A 222 22.83 47.42 1.03
CA ALA A 222 21.89 48.30 0.33
C ALA A 222 20.71 48.49 1.27
N PRO A 223 20.83 49.40 2.26
CA PRO A 223 19.73 49.62 3.20
C PRO A 223 18.48 50.30 2.66
N GLU A 224 18.59 50.95 1.50
CA GLU A 224 17.44 51.63 0.92
C GLU A 224 16.63 50.81 -0.09
N HIS A 225 17.24 49.73 -0.57
CA HIS A 225 16.58 48.88 -1.55
C HIS A 225 16.28 47.51 -0.97
N THR A 226 16.95 47.16 0.12
CA THR A 226 16.75 45.83 0.71
C THR A 226 15.56 45.71 1.65
N LEU A 227 14.84 44.61 1.52
CA LEU A 227 13.67 44.37 2.32
C LEU A 227 13.83 43.00 2.96
N THR A 228 14.36 42.99 4.16
CA THR A 228 14.60 41.76 4.93
C THR A 228 13.29 41.10 5.40
N VAL A 229 13.18 39.79 5.20
CA VAL A 229 11.97 39.05 5.58
C VAL A 229 12.25 37.79 6.43
N ASN A 230 12.11 37.94 7.75
CA ASN A 230 12.34 36.84 8.68
C ASN A 230 11.07 36.16 9.16
N GLY A 231 11.20 35.32 10.17
CA GLY A 231 10.05 34.63 10.73
C GLY A 231 10.39 33.78 11.94
N ALA A 232 9.52 33.78 12.95
CA ALA A 232 9.75 32.99 14.17
C ALA A 232 9.18 31.59 14.07
N ALA A 233 9.03 31.10 12.84
CA ALA A 233 8.48 29.77 12.59
C ALA A 233 9.38 28.55 12.47
N LYS A 234 10.66 28.78 12.21
CA LYS A 234 11.64 27.70 12.05
C LYS A 234 12.58 27.61 13.25
N ALA A 235 13.10 28.76 13.66
CA ALA A 235 14.03 28.85 14.78
C ALA A 235 13.43 28.36 16.09
N PHE A 236 12.16 28.65 16.30
CA PHE A 236 11.48 28.27 17.52
C PHE A 236 10.36 27.24 17.48
N ALA A 237 10.36 26.39 16.46
CA ALA A 237 9.34 25.35 16.31
C ALA A 237 7.92 25.91 16.38
N MET A 238 7.79 27.19 16.02
CA MET A 238 6.52 27.91 16.03
C MET A 238 5.82 28.02 14.68
N THR A 239 5.68 26.91 13.97
CA THR A 239 5.01 26.95 12.67
C THR A 239 3.51 27.18 12.80
N GLY A 240 2.91 26.58 13.82
CA GLY A 240 1.48 26.75 14.03
C GLY A 240 1.08 28.09 14.60
N TRP A 241 2.06 28.85 15.09
CA TRP A 241 1.80 30.14 15.68
C TRP A 241 1.56 31.23 14.66
N ARG A 242 2.03 31.02 13.44
CA ARG A 242 1.85 32.00 12.39
C ARG A 242 2.34 33.42 12.70
N ILE A 243 3.60 33.57 13.06
CA ILE A 243 4.16 34.89 13.33
C ILE A 243 5.37 35.04 12.43
N GLY A 244 5.44 36.18 11.76
CA GLY A 244 6.53 36.47 10.88
C GLY A 244 6.90 37.91 11.13
N TYR A 245 8.05 38.33 10.64
CA TYR A 245 8.47 39.70 10.83
C TYR A 245 9.32 40.12 9.67
N ALA A 246 9.46 41.42 9.49
CA ALA A 246 10.24 41.94 8.39
C ALA A 246 10.62 43.38 8.66
N CYS A 247 11.47 43.91 7.80
CA CYS A 247 11.93 45.28 7.95
C CYS A 247 12.54 45.79 6.67
N GLY A 248 12.74 47.09 6.64
CA GLY A 248 13.31 47.72 5.48
C GLY A 248 12.95 49.18 5.53
N PRO A 249 12.92 49.87 4.38
CA PRO A 249 12.60 51.28 4.23
C PRO A 249 11.22 51.64 4.83
N LYS A 250 11.20 52.61 5.73
CA LYS A 250 10.00 53.09 6.41
C LYS A 250 8.87 53.14 5.39
N GLU A 251 9.16 53.84 4.30
CA GLU A 251 8.27 54.02 3.18
C GLU A 251 7.48 52.78 2.75
N VAL A 252 8.18 51.68 2.53
CA VAL A 252 7.55 50.42 2.09
C VAL A 252 6.95 49.63 3.25
N ILE A 253 7.38 49.97 4.47
CA ILE A 253 6.90 49.28 5.66
C ILE A 253 5.47 49.63 6.04
N LYS A 254 5.13 50.92 5.95
CA LYS A 254 3.78 51.36 6.28
C LYS A 254 2.82 50.88 5.20
N ALA A 255 3.31 50.73 3.98
CA ALA A 255 2.49 50.27 2.88
C ALA A 255 2.11 48.80 3.10
N MET A 256 3.01 48.05 3.73
CA MET A 256 2.77 46.63 4.02
C MET A 256 1.83 46.55 5.22
N ALA A 257 1.88 47.57 6.07
CA ALA A 257 1.04 47.68 7.26
C ALA A 257 -0.39 47.98 6.82
N SER A 258 -0.50 48.71 5.70
CA SER A 258 -1.81 49.05 5.16
C SER A 258 -2.46 47.76 4.64
N VAL A 259 -1.77 47.04 3.75
CA VAL A 259 -2.33 45.79 3.23
C VAL A 259 -2.59 44.82 4.37
N SER A 260 -1.79 44.95 5.43
CA SER A 260 -1.89 44.10 6.61
C SER A 260 -3.28 44.32 7.24
N ARG A 261 -3.68 45.58 7.35
CA ARG A 261 -4.97 45.96 7.93
C ARG A 261 -6.20 45.52 7.14
N GLN A 262 -6.25 45.83 5.85
CA GLN A 262 -7.37 45.44 5.03
C GLN A 262 -7.56 43.94 4.97
N SER A 263 -6.47 43.19 5.12
CA SER A 263 -6.54 41.74 5.06
C SER A 263 -6.79 40.96 6.35
N THR A 264 -5.96 41.20 7.36
CA THR A 264 -6.07 40.50 8.65
C THR A 264 -6.27 41.39 9.87
N THR A 265 -6.05 42.69 9.69
CA THR A 265 -6.16 43.71 10.72
C THR A 265 -4.81 43.71 11.41
N SER A 266 -4.47 42.54 11.97
CA SER A 266 -3.21 42.36 12.69
C SER A 266 -3.21 40.90 13.14
N PRO A 267 -2.02 40.34 13.40
CA PRO A 267 -1.91 38.95 13.85
C PRO A 267 -2.35 38.73 15.30
N ASP A 268 -2.49 37.47 15.68
CA ASP A 268 -2.88 37.02 17.01
C ASP A 268 -2.19 37.89 18.04
N THR A 269 -2.88 38.23 19.13
CA THR A 269 -2.26 39.07 20.14
C THR A 269 -1.57 38.18 21.17
N ILE A 270 -2.10 36.98 21.38
CA ILE A 270 -1.51 36.04 22.33
C ILE A 270 -0.18 35.67 21.70
N ALA A 271 -0.22 35.26 20.44
CA ALA A 271 0.98 34.87 19.70
C ALA A 271 2.10 35.89 19.57
N GLN A 272 1.76 37.18 19.57
CA GLN A 272 2.78 38.22 19.49
C GLN A 272 3.49 38.33 20.83
N TRP A 273 2.76 38.05 21.92
CA TRP A 273 3.34 38.12 23.24
C TRP A 273 4.31 36.96 23.42
N ALA A 274 3.88 35.77 23.00
CA ALA A 274 4.70 34.57 23.08
C ALA A 274 5.99 34.78 22.28
N THR A 275 5.85 35.26 21.04
CA THR A 275 6.99 35.53 20.18
C THR A 275 7.99 36.47 20.83
N LEU A 276 7.49 37.50 21.51
CA LEU A 276 8.33 38.48 22.19
C LEU A 276 9.24 37.74 23.18
N GLU A 277 8.69 36.75 23.87
CA GLU A 277 9.45 35.97 24.85
C GLU A 277 10.59 35.20 24.20
N ALA A 278 10.37 34.77 22.96
CA ALA A 278 11.38 34.03 22.21
C ALA A 278 12.53 34.94 21.80
N LEU A 279 12.22 36.21 21.56
CA LEU A 279 13.23 37.19 21.15
C LEU A 279 13.98 37.90 22.25
N THR A 280 13.33 38.05 23.40
CA THR A 280 13.96 38.71 24.54
C THR A 280 14.67 37.84 25.56
N ASN A 281 14.17 36.63 25.78
CA ASN A 281 14.81 35.72 26.74
C ASN A 281 15.84 34.99 25.90
N GLN A 282 17.02 35.58 25.77
CA GLN A 282 18.11 35.00 24.98
C GLN A 282 18.61 33.69 25.54
N GLU A 283 19.23 33.74 26.71
CA GLU A 283 19.77 32.55 27.34
C GLU A 283 19.00 31.29 27.07
N ALA A 284 17.67 31.40 27.15
CA ALA A 284 16.78 30.26 26.93
C ALA A 284 16.50 29.83 25.51
N SER A 285 16.54 30.79 24.58
CA SER A 285 16.30 30.51 23.17
C SER A 285 17.58 30.06 22.51
N ARG A 286 18.69 30.69 22.88
CA ARG A 286 19.98 30.33 22.30
C ARG A 286 20.19 28.87 22.63
N ALA A 287 19.94 28.51 23.89
CA ALA A 287 20.07 27.13 24.34
C ALA A 287 19.25 26.23 23.42
N PHE A 288 18.02 26.62 23.11
CA PHE A 288 17.17 25.82 22.24
C PHE A 288 17.62 25.81 20.80
N VAL A 289 18.07 26.96 20.32
CA VAL A 289 18.49 27.08 18.93
C VAL A 289 19.59 26.07 18.69
N GLU A 290 20.69 26.20 19.45
CA GLU A 290 21.82 25.30 19.31
C GLU A 290 21.38 23.84 19.43
N MET A 291 20.61 23.56 20.47
CA MET A 291 20.14 22.20 20.72
C MET A 291 19.48 21.58 19.49
N ALA A 292 18.56 22.33 18.88
CA ALA A 292 17.83 21.86 17.71
C ALA A 292 18.79 21.70 16.53
N ARG A 293 19.59 22.73 16.27
CA ARG A 293 20.54 22.70 15.17
C ARG A 293 21.37 21.44 15.07
N GLU A 294 21.84 20.95 16.20
CA GLU A 294 22.65 19.75 16.19
C GLU A 294 21.86 18.51 15.80
N ALA A 295 20.62 18.41 16.26
CA ALA A 295 19.80 17.25 15.91
C ALA A 295 19.54 17.29 14.41
N TYR A 296 19.54 18.49 13.84
CA TYR A 296 19.30 18.66 12.40
C TYR A 296 20.54 18.26 11.62
N ARG A 297 21.70 18.66 12.12
CA ARG A 297 22.98 18.36 11.50
C ARG A 297 23.16 16.85 11.50
N ARG A 298 22.86 16.23 12.64
CA ARG A 298 22.97 14.78 12.78
C ARG A 298 22.10 14.05 11.77
N ARG A 299 20.86 14.52 11.60
CA ARG A 299 19.94 13.92 10.67
C ARG A 299 20.38 14.09 9.22
N ARG A 300 21.00 15.23 8.94
CA ARG A 300 21.48 15.54 7.60
C ARG A 300 22.51 14.48 7.28
N ASP A 301 23.59 14.47 8.06
CA ASP A 301 24.66 13.51 7.87
C ASP A 301 24.16 12.07 7.75
N LEU A 302 23.18 11.70 8.57
CA LEU A 302 22.61 10.35 8.53
C LEU A 302 21.91 10.08 7.19
N LEU A 303 21.23 11.08 6.67
CA LEU A 303 20.51 10.98 5.42
C LEU A 303 21.55 10.92 4.28
N LEU A 304 22.32 12.00 4.15
CA LEU A 304 23.36 12.13 3.13
C LEU A 304 24.29 10.95 2.93
N GLU A 305 24.44 10.16 3.99
CA GLU A 305 25.29 8.98 3.97
C GLU A 305 24.45 7.94 3.27
N GLY A 306 23.44 7.41 3.97
CA GLY A 306 22.56 6.41 3.40
C GLY A 306 22.11 6.68 1.97
N LEU A 307 21.95 7.94 1.59
CA LEU A 307 21.54 8.27 0.22
C LEU A 307 22.70 7.85 -0.68
N THR A 308 23.89 8.31 -0.34
CA THR A 308 25.12 8.00 -1.05
C THR A 308 25.45 6.49 -1.03
N ALA A 309 24.99 5.80 0.01
CA ALA A 309 25.22 4.37 0.16
C ALA A 309 24.36 3.56 -0.79
N LEU A 310 23.33 4.19 -1.35
CA LEU A 310 22.47 3.52 -2.30
C LEU A 310 22.82 4.11 -3.66
N GLY A 311 23.79 5.01 -3.66
CA GLY A 311 24.22 5.64 -4.90
C GLY A 311 23.25 6.71 -5.35
N LEU A 312 22.30 7.05 -4.48
CA LEU A 312 21.32 8.08 -4.81
C LEU A 312 22.07 9.38 -4.62
N LYS A 313 22.10 10.13 -5.72
CA LYS A 313 22.79 11.42 -5.78
C LYS A 313 21.92 12.50 -5.15
N ALA A 314 22.57 13.48 -4.50
CA ALA A 314 21.88 14.59 -3.85
C ALA A 314 22.95 15.60 -3.47
N VAL A 315 22.62 16.89 -3.48
CA VAL A 315 23.61 17.88 -3.09
C VAL A 315 23.58 18.03 -1.58
N ARG A 316 24.74 18.38 -1.02
CA ARG A 316 24.88 18.58 0.41
C ARG A 316 24.49 19.98 0.87
N PRO A 317 23.44 20.08 1.69
CA PRO A 317 22.96 21.35 2.21
C PRO A 317 23.76 21.81 3.42
N SER A 318 24.00 23.11 3.52
CA SER A 318 24.76 23.69 4.61
C SER A 318 23.79 24.50 5.47
N GLY A 319 22.50 24.43 5.13
CA GLY A 319 21.48 25.16 5.86
C GLY A 319 20.08 24.59 5.69
N ALA A 320 19.12 25.17 6.44
CA ALA A 320 17.71 24.75 6.42
C ALA A 320 17.62 23.25 6.69
N PHE A 321 16.53 22.64 6.23
CA PHE A 321 16.39 21.21 6.39
C PHE A 321 15.81 20.38 5.25
N TYR A 322 16.31 20.66 4.06
CA TYR A 322 15.88 19.96 2.86
C TYR A 322 17.11 19.49 2.12
N VAL A 323 16.93 18.39 1.39
CA VAL A 323 17.98 17.80 0.58
C VAL A 323 17.28 17.55 -0.73
N LEU A 324 17.89 18.03 -1.81
CA LEU A 324 17.34 17.82 -3.15
C LEU A 324 17.97 16.51 -3.65
N MET A 325 17.14 15.50 -3.84
CA MET A 325 17.61 14.21 -4.30
C MET A 325 17.23 13.70 -5.67
N ASP A 326 18.18 13.76 -6.60
CA ASP A 326 18.03 13.31 -7.97
C ASP A 326 17.37 11.92 -8.02
N THR A 327 16.22 11.81 -8.68
CA THR A 327 15.52 10.52 -8.79
C THR A 327 15.82 9.71 -10.04
N SER A 328 16.80 10.17 -10.82
CA SER A 328 17.21 9.49 -12.05
C SER A 328 17.06 7.97 -11.96
N PRO A 329 17.49 7.35 -10.84
CA PRO A 329 17.39 5.90 -10.63
C PRO A 329 15.97 5.36 -10.46
N ILE A 330 15.27 5.79 -9.40
CA ILE A 330 13.91 5.30 -9.12
C ILE A 330 12.95 5.36 -10.32
N ALA A 331 13.13 6.35 -11.19
CA ALA A 331 12.31 6.53 -12.38
C ALA A 331 12.79 7.73 -13.20
N PRO A 332 12.32 7.86 -14.46
CA PRO A 332 12.67 8.95 -15.38
C PRO A 332 12.40 10.39 -14.91
N ASP A 333 11.15 10.66 -14.55
CA ASP A 333 10.70 11.97 -14.09
C ASP A 333 10.75 12.13 -12.56
N GLU A 334 10.25 13.26 -12.06
CA GLU A 334 10.22 13.51 -10.62
C GLU A 334 8.86 13.01 -10.16
N VAL A 335 7.89 13.12 -11.06
CA VAL A 335 6.51 12.72 -10.75
C VAL A 335 6.34 11.26 -10.41
N ARG A 336 6.52 10.42 -11.41
CA ARG A 336 6.42 9.00 -11.26
C ARG A 336 7.33 8.45 -10.15
N ALA A 337 8.54 8.97 -10.06
CA ALA A 337 9.51 8.57 -9.04
C ALA A 337 8.81 8.72 -7.70
N ALA A 338 8.05 9.79 -7.55
CA ALA A 338 7.31 10.05 -6.32
C ALA A 338 6.20 9.04 -6.12
N GLU A 339 5.51 8.68 -7.21
CA GLU A 339 4.43 7.70 -7.16
C GLU A 339 5.00 6.31 -6.86
N ARG A 340 6.25 6.10 -7.24
CA ARG A 340 6.93 4.83 -7.03
C ARG A 340 7.20 4.83 -5.55
N LEU A 341 7.92 5.85 -5.10
CA LEU A 341 8.29 6.04 -3.71
C LEU A 341 7.18 6.08 -2.70
N LEU A 342 6.00 6.52 -3.12
CA LEU A 342 4.89 6.60 -2.20
C LEU A 342 4.42 5.16 -1.92
N GLU A 343 4.52 4.30 -2.93
CA GLU A 343 4.12 2.89 -2.78
C GLU A 343 5.04 2.30 -1.71
N ALA A 344 6.35 2.52 -1.87
CA ALA A 344 7.37 2.01 -0.96
C ALA A 344 7.11 2.42 0.49
N GLY A 345 6.19 3.37 0.65
CA GLY A 345 5.82 3.85 1.96
C GLY A 345 6.55 5.13 2.33
N VAL A 346 6.80 5.99 1.35
CA VAL A 346 7.49 7.24 1.60
C VAL A 346 6.94 8.42 0.82
N ALA A 347 6.42 9.39 1.56
CA ALA A 347 5.87 10.60 0.97
C ALA A 347 6.98 11.65 0.80
N VAL A 348 7.18 12.06 -0.45
CA VAL A 348 8.20 13.06 -0.79
C VAL A 348 7.49 14.10 -1.66
N VAL A 349 8.07 15.29 -1.75
CA VAL A 349 7.50 16.36 -2.55
C VAL A 349 8.27 16.44 -3.88
N PRO A 350 7.58 16.24 -5.02
CA PRO A 350 8.22 16.30 -6.33
C PRO A 350 8.75 17.69 -6.60
N GLY A 351 9.95 17.78 -7.16
CA GLY A 351 10.55 19.08 -7.43
C GLY A 351 10.13 19.73 -8.73
N THR A 352 8.98 19.34 -9.27
CA THR A 352 8.47 19.89 -10.53
C THR A 352 8.13 21.37 -10.37
N ASP A 353 7.51 21.71 -9.25
CA ASP A 353 7.10 23.08 -8.97
C ASP A 353 8.18 24.01 -8.42
N PHE A 354 9.26 23.43 -7.93
CA PHE A 354 10.35 24.25 -7.38
C PHE A 354 11.30 24.56 -8.51
N ALA A 355 11.03 24.03 -9.71
CA ALA A 355 11.86 24.21 -10.89
C ALA A 355 13.10 23.34 -10.65
N ALA A 356 12.90 22.27 -9.90
CA ALA A 356 13.96 21.33 -9.57
C ALA A 356 13.56 20.00 -10.23
N PHE A 357 13.52 20.01 -11.56
CA PHE A 357 13.16 18.82 -12.36
C PHE A 357 14.17 17.72 -12.19
N GLY A 358 13.72 16.48 -12.38
CA GLY A 358 14.60 15.35 -12.20
C GLY A 358 14.69 14.96 -10.74
N HIS A 359 14.80 15.96 -9.85
CA HIS A 359 14.88 15.72 -8.41
C HIS A 359 13.56 15.57 -7.66
N VAL A 360 13.68 15.35 -6.35
CA VAL A 360 12.53 15.18 -5.47
C VAL A 360 13.07 15.86 -4.21
N ARG A 361 12.19 16.53 -3.45
CA ARG A 361 12.60 17.21 -2.24
C ARG A 361 12.19 16.49 -0.96
N LEU A 362 13.18 16.08 -0.19
CA LEU A 362 12.90 15.40 1.05
C LEU A 362 13.44 16.19 2.24
N SER A 363 12.70 16.11 3.35
CA SER A 363 12.99 16.83 4.60
C SER A 363 13.55 15.96 5.71
N TYR A 364 14.64 16.41 6.34
CA TYR A 364 15.24 15.66 7.43
C TYR A 364 14.99 16.33 8.77
N ALA A 365 13.91 17.08 8.86
CA ALA A 365 13.55 17.78 10.08
C ALA A 365 12.72 16.84 10.94
N THR A 366 12.40 15.67 10.39
CA THR A 366 11.62 14.66 11.10
C THR A 366 12.50 13.82 12.02
N SER A 367 11.91 12.75 12.54
CA SER A 367 12.62 11.82 13.41
C SER A 367 13.85 11.22 12.75
N GLU A 368 14.72 10.66 13.58
CA GLU A 368 15.94 10.04 13.11
C GLU A 368 15.47 8.64 12.73
N GLU A 369 14.65 8.06 13.60
CA GLU A 369 14.06 6.73 13.44
C GLU A 369 13.37 6.66 12.09
N ASN A 370 12.90 7.81 11.64
CA ASN A 370 12.21 7.90 10.38
C ASN A 370 12.99 8.06 9.11
N LEU A 371 14.07 8.84 9.17
CA LEU A 371 14.92 9.04 8.00
C LEU A 371 15.33 7.61 7.68
N ARG A 372 15.51 6.81 8.73
CA ARG A 372 15.90 5.41 8.59
C ARG A 372 14.83 4.50 7.98
N LYS A 373 13.62 4.57 8.54
CA LYS A 373 12.51 3.75 8.06
C LYS A 373 12.24 4.07 6.59
N ALA A 374 12.60 5.30 6.19
CA ALA A 374 12.43 5.76 4.81
C ALA A 374 13.58 5.15 4.01
N LEU A 375 14.81 5.38 4.48
CA LEU A 375 16.02 4.89 3.85
C LEU A 375 16.02 3.40 3.52
N GLU A 376 15.15 2.65 4.19
CA GLU A 376 15.06 1.21 3.99
C GLU A 376 14.15 0.89 2.81
N ARG A 377 13.10 1.67 2.66
CA ARG A 377 12.15 1.49 1.56
C ARG A 377 12.82 1.89 0.26
N PHE A 378 13.67 2.92 0.34
CA PHE A 378 14.39 3.43 -0.82
C PHE A 378 15.16 2.25 -1.36
N ALA A 379 15.77 1.49 -0.46
CA ALA A 379 16.56 0.31 -0.81
C ALA A 379 15.83 -0.60 -1.79
N ARG A 380 14.73 -1.18 -1.33
CA ARG A 380 13.90 -2.08 -2.14
C ARG A 380 13.67 -1.44 -3.51
N VAL A 381 12.86 -0.39 -3.50
CA VAL A 381 12.52 0.40 -4.68
C VAL A 381 13.73 0.61 -5.59
N LEU A 382 14.88 0.85 -4.95
CA LEU A 382 16.16 1.09 -5.62
C LEU A 382 16.82 -0.10 -6.30
N MET B 1 12.00 50.12 -11.79
CA MET B 1 12.48 51.15 -10.83
C MET B 1 11.69 51.08 -9.51
N ARG B 2 12.14 51.79 -8.49
CA ARG B 2 11.45 51.78 -7.20
C ARG B 2 10.12 52.52 -7.06
N GLY B 3 9.50 52.40 -5.89
CA GLY B 3 8.24 53.08 -5.64
C GLY B 3 7.11 52.14 -5.27
N LEU B 4 6.12 52.64 -4.54
CA LEU B 4 4.98 51.82 -4.13
C LEU B 4 3.98 51.63 -5.27
N SER B 5 3.21 50.55 -5.20
CA SER B 5 2.24 50.25 -6.24
C SER B 5 1.15 51.32 -6.21
N ARG B 6 0.12 51.18 -7.04
CA ARG B 6 -0.93 52.18 -7.02
C ARG B 6 -2.24 51.68 -6.46
N ARG B 7 -2.24 50.47 -5.90
CA ARG B 7 -3.45 49.93 -5.33
C ARG B 7 -3.38 50.09 -3.83
N VAL B 8 -2.15 50.16 -3.31
CA VAL B 8 -1.91 50.34 -1.89
C VAL B 8 -1.67 51.83 -1.71
N GLN B 9 -1.52 52.54 -2.82
CA GLN B 9 -1.29 53.97 -2.81
C GLN B 9 -2.62 54.73 -2.83
N ALA B 10 -3.65 54.07 -3.34
CA ALA B 10 -4.96 54.67 -3.46
C ALA B 10 -5.91 54.41 -2.33
N MET B 11 -5.52 53.51 -1.42
CA MET B 11 -6.40 53.20 -0.31
C MET B 11 -6.46 54.29 0.76
N LYS B 12 -7.66 54.53 1.24
CA LYS B 12 -7.92 55.48 2.29
C LYS B 12 -7.65 54.81 3.63
N PRO B 13 -7.19 55.58 4.60
CA PRO B 13 -6.86 55.14 5.95
C PRO B 13 -8.08 54.71 6.77
N ASP B 14 -7.84 53.90 7.80
CA ASP B 14 -8.95 53.46 8.62
C ASP B 14 -9.28 54.60 9.57
N ALA B 15 -10.57 54.93 9.63
CA ALA B 15 -11.02 56.00 10.49
C ALA B 15 -10.90 55.46 11.91
N VAL B 16 -11.26 54.19 12.09
CA VAL B 16 -11.19 53.56 13.41
C VAL B 16 -9.74 53.42 13.87
N VAL B 17 -8.89 52.82 13.04
CA VAL B 17 -7.48 52.69 13.41
C VAL B 17 -6.89 54.07 13.76
N ALA B 18 -7.26 55.09 12.98
CA ALA B 18 -6.76 56.44 13.19
C ALA B 18 -7.20 57.09 14.49
N VAL B 19 -8.49 56.93 14.84
CA VAL B 19 -9.05 57.52 16.05
C VAL B 19 -8.51 56.82 17.28
N ASN B 20 -8.36 55.51 17.19
CA ASN B 20 -7.85 54.74 18.32
C ASN B 20 -6.46 55.24 18.71
N ALA B 21 -5.54 55.20 17.76
CA ALA B 21 -4.16 55.63 17.98
C ALA B 21 -4.14 56.94 18.71
N LYS B 22 -4.97 57.87 18.24
CA LYS B 22 -5.10 59.18 18.83
C LYS B 22 -5.48 59.06 20.29
N ALA B 23 -6.65 58.46 20.53
CA ALA B 23 -7.18 58.29 21.87
C ALA B 23 -6.07 57.81 22.78
N LEU B 24 -5.50 56.66 22.41
CA LEU B 24 -4.43 56.03 23.18
C LEU B 24 -3.35 56.98 23.62
N GLU B 25 -2.65 57.59 22.66
CA GLU B 25 -1.58 58.52 23.00
C GLU B 25 -1.95 59.59 24.03
N LEU B 26 -3.18 60.09 24.00
CA LEU B 26 -3.61 61.11 24.96
C LEU B 26 -3.77 60.47 26.34
N ARG B 27 -4.37 59.27 26.37
CA ARG B 27 -4.55 58.54 27.63
C ARG B 27 -3.08 58.42 28.00
N ARG B 28 -2.24 58.39 26.97
CA ARG B 28 -0.83 58.31 27.15
C ARG B 28 -0.05 59.60 27.32
N GLN B 29 -0.68 60.81 27.24
CA GLN B 29 -0.09 62.17 27.57
C GLN B 29 -1.03 62.91 28.60
N GLY B 30 -1.05 62.43 29.85
CA GLY B 30 -1.96 62.86 30.88
C GLY B 30 -3.28 62.26 30.42
N VAL B 31 -4.17 63.17 30.02
CA VAL B 31 -5.48 62.88 29.47
C VAL B 31 -6.27 61.60 29.70
N ASP B 32 -7.38 61.72 30.41
CA ASP B 32 -8.24 60.57 30.65
C ASP B 32 -9.47 60.93 29.80
N LEU B 33 -9.61 60.22 28.68
CA LEU B 33 -10.71 60.44 27.76
C LEU B 33 -11.48 59.13 27.58
N VAL B 34 -12.77 59.15 27.96
CA VAL B 34 -13.64 57.98 27.82
C VAL B 34 -13.69 57.73 26.30
N ALA B 35 -13.34 56.52 25.87
CA ALA B 35 -13.36 56.20 24.46
C ALA B 35 -14.38 55.22 23.91
N LEU B 36 -15.44 55.75 23.30
CA LEU B 36 -16.49 54.91 22.73
C LEU B 36 -16.22 54.58 21.25
N THR B 37 -14.95 54.35 20.93
CA THR B 37 -14.54 54.06 19.57
C THR B 37 -14.68 52.69 18.91
N ALA B 38 -13.75 51.79 19.22
CA ALA B 38 -13.75 50.44 18.65
C ALA B 38 -14.84 49.43 18.95
N GLY B 39 -15.13 48.62 17.94
CA GLY B 39 -16.16 47.61 18.07
C GLY B 39 -15.71 46.31 18.71
N GLU B 40 -15.25 46.37 19.95
CA GLU B 40 -14.83 45.15 20.63
C GLU B 40 -15.26 45.12 22.10
N PRO B 41 -15.86 44.00 22.52
CA PRO B 41 -16.35 43.78 23.89
C PRO B 41 -15.31 44.16 24.91
N ASP B 42 -15.74 44.27 26.16
CA ASP B 42 -14.83 44.60 27.25
C ASP B 42 -14.68 43.25 27.95
N PHE B 43 -15.67 42.38 27.77
CA PHE B 43 -15.64 41.05 28.35
C PHE B 43 -14.39 40.33 27.82
N ASP B 44 -13.87 39.41 28.61
CA ASP B 44 -12.68 38.65 28.23
C ASP B 44 -13.18 37.27 27.82
N THR B 45 -12.60 36.75 26.76
CA THR B 45 -12.95 35.44 26.23
C THR B 45 -13.12 34.40 27.35
N PRO B 46 -14.30 33.74 27.41
CA PRO B 46 -14.68 32.71 28.38
C PRO B 46 -13.57 31.72 28.76
N GLU B 47 -13.58 31.30 30.02
CA GLU B 47 -12.59 30.36 30.52
C GLU B 47 -12.61 29.01 29.82
N HIS B 48 -13.80 28.48 29.54
CA HIS B 48 -13.87 27.18 28.87
C HIS B 48 -13.12 27.20 27.55
N VAL B 49 -13.04 28.37 26.93
CA VAL B 49 -12.33 28.50 25.66
C VAL B 49 -10.82 28.62 25.94
N LYS B 50 -10.45 29.34 26.99
CA LYS B 50 -9.04 29.51 27.35
C LYS B 50 -8.41 28.21 27.81
N GLU B 51 -9.16 27.43 28.59
CA GLU B 51 -8.67 26.18 29.11
C GLU B 51 -8.21 25.34 27.95
N ALA B 52 -9.03 25.28 26.92
CA ALA B 52 -8.71 24.50 25.73
C ALA B 52 -7.51 24.96 24.91
N ALA B 53 -7.14 26.23 25.05
CA ALA B 53 -5.99 26.77 24.31
C ALA B 53 -4.75 26.35 25.09
N ARG B 54 -4.94 26.10 26.38
CA ARG B 54 -3.84 25.68 27.26
C ARG B 54 -3.68 24.20 27.00
N ARG B 55 -4.81 23.52 26.86
CA ARG B 55 -4.84 22.09 26.62
C ARG B 55 -4.19 21.83 25.27
N ALA B 56 -4.32 22.79 24.36
CA ALA B 56 -3.74 22.66 23.03
C ALA B 56 -2.23 22.78 23.15
N LEU B 57 -1.75 23.81 23.85
CA LEU B 57 -0.32 24.01 24.05
C LEU B 57 0.28 22.81 24.78
N ALA B 58 -0.46 22.34 25.77
CA ALA B 58 -0.04 21.22 26.60
C ALA B 58 0.19 19.95 25.81
N GLN B 59 -0.60 19.77 24.76
CA GLN B 59 -0.45 18.59 23.93
C GLN B 59 0.41 18.91 22.71
N GLY B 60 1.09 20.05 22.79
CA GLY B 60 1.95 20.50 21.71
C GLY B 60 1.25 20.57 20.36
N LYS B 61 0.09 21.19 20.33
CA LYS B 61 -0.70 21.34 19.10
C LYS B 61 -0.25 22.60 18.36
N THR B 62 1.06 22.75 18.22
CA THR B 62 1.66 23.91 17.56
C THR B 62 2.29 23.82 16.16
N LYS B 63 1.86 22.86 15.36
CA LYS B 63 2.39 22.66 14.02
C LYS B 63 1.56 23.42 12.97
N TYR B 64 1.88 23.25 11.69
CA TYR B 64 1.12 23.93 10.63
C TYR B 64 -0.24 23.21 10.57
N ALA B 65 -1.23 23.88 9.95
CA ALA B 65 -2.58 23.33 9.77
C ALA B 65 -2.94 23.59 8.29
N PRO B 66 -3.92 22.85 7.73
CA PRO B 66 -4.33 23.01 6.34
C PRO B 66 -4.70 24.46 6.06
N PRO B 67 -4.51 24.92 4.82
CA PRO B 67 -4.86 26.31 4.53
C PRO B 67 -6.34 26.59 4.76
N ALA B 68 -7.14 25.53 4.71
CA ALA B 68 -8.57 25.63 4.91
C ALA B 68 -8.98 25.44 6.37
N GLY B 69 -8.01 25.12 7.23
CA GLY B 69 -8.30 24.93 8.65
C GLY B 69 -8.41 23.47 9.06
N ILE B 70 -8.13 23.18 10.33
CA ILE B 70 -8.19 21.82 10.85
C ILE B 70 -9.55 21.20 10.53
N PRO B 71 -9.58 19.91 10.15
CA PRO B 71 -10.78 19.16 9.80
C PRO B 71 -11.83 19.09 10.90
N GLU B 72 -11.41 19.37 12.13
CA GLU B 72 -12.31 19.31 13.27
C GLU B 72 -13.14 20.57 13.39
N LEU B 73 -12.46 21.71 13.43
CA LEU B 73 -13.10 23.01 13.54
C LEU B 73 -14.01 23.10 12.31
N ARG B 74 -13.54 22.51 11.23
CA ARG B 74 -14.24 22.51 9.96
C ARG B 74 -15.54 21.74 10.00
N GLU B 75 -15.59 20.71 10.82
CA GLU B 75 -16.77 19.87 10.91
C GLU B 75 -17.82 20.42 11.83
N ALA B 76 -17.37 21.14 12.86
CA ALA B 76 -18.25 21.76 13.84
C ALA B 76 -18.86 22.96 13.14
N LEU B 77 -18.12 23.50 12.19
CA LEU B 77 -18.56 24.65 11.41
C LEU B 77 -19.70 24.25 10.50
N ALA B 78 -19.68 23.01 10.04
CA ALA B 78 -20.73 22.55 9.15
C ALA B 78 -22.00 22.27 9.94
N GLU B 79 -21.90 22.30 11.27
CA GLU B 79 -23.06 22.04 12.14
C GLU B 79 -23.55 23.35 12.70
N LYS B 80 -22.66 24.34 12.77
CA LYS B 80 -23.04 25.65 13.30
C LYS B 80 -23.96 26.21 12.23
N PHE B 81 -23.42 26.40 11.04
CA PHE B 81 -24.18 26.92 9.91
C PHE B 81 -25.42 26.10 9.64
N ARG B 82 -25.40 24.86 10.09
CA ARG B 82 -26.51 23.94 9.91
C ARG B 82 -27.56 24.03 10.98
N ARG B 83 -27.12 23.71 12.19
CA ARG B 83 -27.95 23.70 13.37
C ARG B 83 -28.43 25.11 13.59
N GLU B 84 -27.50 26.03 13.79
CA GLU B 84 -27.84 27.42 14.05
C GLU B 84 -28.40 28.14 12.83
N ASN B 85 -27.54 28.44 11.86
CA ASN B 85 -27.98 29.14 10.66
C ASN B 85 -28.94 28.51 9.66
N GLY B 86 -29.39 27.30 9.95
CA GLY B 86 -30.33 26.63 9.05
C GLY B 86 -29.79 26.26 7.69
N LEU B 87 -28.57 26.70 7.39
CA LEU B 87 -27.91 26.41 6.13
C LEU B 87 -27.66 24.92 6.05
N SER B 88 -27.36 24.45 4.84
CA SER B 88 -27.06 23.05 4.63
C SER B 88 -25.81 22.86 3.82
N VAL B 89 -24.69 22.90 4.53
CA VAL B 89 -23.36 22.75 3.96
C VAL B 89 -22.67 21.53 4.53
N THR B 90 -21.74 20.96 3.77
CA THR B 90 -20.94 19.81 4.21
C THR B 90 -19.65 20.55 4.51
N PRO B 91 -18.75 19.94 5.29
CA PRO B 91 -17.47 20.56 5.66
C PRO B 91 -16.59 21.11 4.52
N GLU B 92 -16.70 20.52 3.32
CA GLU B 92 -15.91 20.95 2.17
C GLU B 92 -16.25 22.37 1.77
N GLU B 93 -17.46 22.78 2.16
CA GLU B 93 -17.99 24.10 1.84
C GLU B 93 -17.86 25.01 3.06
N THR B 94 -16.88 24.69 3.91
CA THR B 94 -16.61 25.45 5.11
C THR B 94 -15.15 25.90 5.00
N ILE B 95 -14.80 26.97 5.69
CA ILE B 95 -13.43 27.48 5.66
C ILE B 95 -13.12 28.38 6.86
N VAL B 96 -11.95 28.17 7.44
CA VAL B 96 -11.52 28.93 8.60
C VAL B 96 -10.57 29.98 8.07
N THR B 97 -10.80 31.24 8.42
CA THR B 97 -9.92 32.31 7.98
C THR B 97 -9.43 33.18 9.12
N VAL B 98 -8.44 34.03 8.83
CA VAL B 98 -7.86 34.90 9.85
C VAL B 98 -8.77 36.11 10.13
N GLY B 99 -9.85 35.82 10.85
CA GLY B 99 -10.83 36.85 11.20
C GLY B 99 -11.93 36.93 10.16
N GLY B 100 -12.88 37.82 10.41
CA GLY B 100 -13.97 38.03 9.48
C GLY B 100 -13.36 38.74 8.28
N SER B 101 -12.38 39.59 8.56
CA SER B 101 -11.66 40.37 7.56
C SER B 101 -11.05 39.50 6.44
N GLN B 102 -10.36 38.44 6.83
CA GLN B 102 -9.76 37.55 5.84
C GLN B 102 -10.77 36.87 4.95
N ALA B 103 -11.87 36.38 5.55
CA ALA B 103 -12.90 35.70 4.79
C ALA B 103 -13.56 36.60 3.73
N LEU B 104 -13.49 37.91 3.95
CA LEU B 104 -14.07 38.85 3.01
C LEU B 104 -12.98 39.18 2.00
N PHE B 105 -11.80 39.51 2.50
CA PHE B 105 -10.65 39.85 1.66
C PHE B 105 -10.27 38.76 0.66
N ASN B 106 -10.39 37.50 1.08
CA ASN B 106 -10.07 36.36 0.21
C ASN B 106 -11.24 36.24 -0.75
N LEU B 107 -12.43 36.47 -0.22
CA LEU B 107 -13.67 36.40 -0.99
C LEU B 107 -13.73 37.36 -2.18
N PHE B 108 -13.30 38.59 -1.97
CA PHE B 108 -13.32 39.58 -3.02
C PHE B 108 -12.25 39.37 -4.08
N GLN B 109 -11.14 38.77 -3.67
CA GLN B 109 -10.02 38.50 -4.58
C GLN B 109 -10.29 37.28 -5.45
N ALA B 110 -11.15 36.39 -4.96
CA ALA B 110 -11.48 35.19 -5.68
C ALA B 110 -12.66 35.30 -6.64
N ILE B 111 -13.42 36.39 -6.54
CA ILE B 111 -14.57 36.60 -7.40
C ILE B 111 -14.55 37.93 -8.13
N LEU B 112 -13.57 38.77 -7.83
CA LEU B 112 -13.48 40.07 -8.48
C LEU B 112 -12.42 40.25 -9.53
N ASP B 113 -12.84 40.44 -10.77
CA ASP B 113 -11.91 40.69 -11.85
C ASP B 113 -11.97 42.21 -11.89
N PRO B 114 -10.90 42.85 -12.37
CA PRO B 114 -10.92 44.31 -12.43
C PRO B 114 -12.14 44.85 -13.15
N GLY B 115 -12.68 45.94 -12.61
CA GLY B 115 -13.85 46.58 -13.19
C GLY B 115 -15.19 45.94 -12.89
N ASP B 116 -15.21 44.88 -12.09
CA ASP B 116 -16.47 44.23 -11.74
C ASP B 116 -17.14 45.16 -10.74
N GLU B 117 -18.46 45.17 -10.73
CA GLU B 117 -19.19 46.04 -9.82
C GLU B 117 -19.67 45.28 -8.59
N VAL B 118 -19.64 45.95 -7.44
CA VAL B 118 -20.11 45.34 -6.19
C VAL B 118 -20.99 46.39 -5.53
N ILE B 119 -22.23 46.03 -5.20
CA ILE B 119 -23.15 46.95 -4.56
C ILE B 119 -23.09 46.90 -3.04
N VAL B 120 -22.67 48.00 -2.44
CA VAL B 120 -22.60 48.08 -0.97
C VAL B 120 -23.78 49.00 -0.63
N LEU B 121 -24.41 48.74 0.51
CA LEU B 121 -25.55 49.56 0.92
C LEU B 121 -25.03 50.45 2.05
N SER B 122 -25.12 51.77 1.86
CA SER B 122 -24.67 52.73 2.88
C SER B 122 -25.74 53.09 3.91
N PRO B 123 -25.34 53.37 5.18
CA PRO B 123 -23.98 53.38 5.71
C PRO B 123 -23.43 51.97 5.81
N TYR B 124 -22.16 51.82 5.47
CA TYR B 124 -21.49 50.53 5.51
C TYR B 124 -20.25 50.56 6.39
N TRP B 125 -19.81 49.39 6.81
CA TRP B 125 -18.62 49.29 7.62
C TRP B 125 -17.43 49.75 6.77
N VAL B 126 -16.63 50.64 7.33
CA VAL B 126 -15.45 51.21 6.67
C VAL B 126 -14.58 50.45 5.66
N SER B 127 -14.49 49.13 5.82
CA SER B 127 -13.67 48.31 4.93
C SER B 127 -14.17 47.86 3.58
N TYR B 128 -15.38 47.30 3.55
CA TYR B 128 -16.01 46.82 2.32
C TYR B 128 -15.64 47.48 1.00
N PRO B 129 -15.64 48.83 0.95
CA PRO B 129 -15.29 49.51 -0.30
C PRO B 129 -13.80 49.32 -0.55
N GLU B 130 -12.99 49.54 0.49
CA GLU B 130 -11.53 49.38 0.43
C GLU B 130 -11.07 48.02 -0.01
N MET B 131 -11.85 47.00 0.32
CA MET B 131 -11.54 45.63 -0.07
C MET B 131 -11.98 45.46 -1.51
N VAL B 132 -13.23 45.85 -1.80
CA VAL B 132 -13.81 45.77 -3.13
C VAL B 132 -12.97 46.52 -4.18
N ARG B 133 -12.28 47.57 -3.74
CA ARG B 133 -11.43 48.36 -4.63
C ARG B 133 -10.01 47.82 -4.78
N PHE B 134 -9.47 47.29 -3.68
CA PHE B 134 -8.12 46.74 -3.70
C PHE B 134 -8.08 45.52 -4.62
N ALA B 135 -9.26 45.02 -4.97
CA ALA B 135 -9.36 43.86 -5.85
C ALA B 135 -9.58 44.20 -7.32
N GLY B 136 -9.83 45.48 -7.59
CA GLY B 136 -10.05 45.91 -8.95
C GLY B 136 -11.50 46.28 -9.22
N GLY B 137 -12.40 45.82 -8.37
CA GLY B 137 -13.81 46.11 -8.52
C GLY B 137 -14.17 47.57 -8.34
N VAL B 138 -15.43 47.90 -8.58
CA VAL B 138 -15.91 49.28 -8.44
C VAL B 138 -17.11 49.25 -7.48
N VAL B 139 -17.18 50.28 -6.63
CA VAL B 139 -18.25 50.41 -5.64
C VAL B 139 -19.50 51.15 -6.15
N VAL B 140 -20.60 50.41 -6.25
CA VAL B 140 -21.89 50.94 -6.70
C VAL B 140 -22.65 50.90 -5.38
N GLU B 141 -22.88 52.05 -4.76
CA GLU B 141 -23.61 52.06 -3.51
C GLU B 141 -25.07 52.47 -3.47
N VAL B 142 -25.89 51.64 -2.84
CA VAL B 142 -27.30 51.91 -2.71
C VAL B 142 -27.48 52.49 -1.32
N GLU B 143 -28.23 53.58 -1.24
CA GLU B 143 -28.50 54.24 0.03
C GLU B 143 -29.57 53.54 0.86
N THR B 144 -29.49 53.67 2.17
CA THR B 144 -30.51 53.08 3.04
C THR B 144 -30.79 54.28 3.95
N LEU B 145 -32.08 54.53 4.13
CA LEU B 145 -32.54 55.67 4.90
C LEU B 145 -32.93 55.61 6.36
N PRO B 146 -32.50 56.62 7.13
CA PRO B 146 -32.81 56.69 8.56
C PRO B 146 -34.32 56.70 8.78
N GLU B 147 -35.05 57.27 7.82
CA GLU B 147 -36.51 57.30 7.91
C GLU B 147 -37.09 55.91 7.70
N GLU B 148 -36.35 55.04 7.01
CA GLU B 148 -36.81 53.70 6.76
C GLU B 148 -36.18 52.74 7.75
N GLY B 149 -35.43 53.32 8.69
CA GLY B 149 -34.79 52.53 9.72
C GLY B 149 -33.59 51.80 9.19
N PHE B 150 -32.94 52.41 8.21
CA PHE B 150 -31.77 51.84 7.58
C PHE B 150 -31.90 50.47 6.89
N VAL B 151 -33.05 49.80 7.04
CA VAL B 151 -33.26 48.51 6.37
C VAL B 151 -33.43 48.90 4.90
N PRO B 152 -32.74 48.18 4.01
CA PRO B 152 -32.74 48.39 2.56
C PRO B 152 -34.07 48.10 1.88
N ASP B 153 -34.33 48.80 0.78
CA ASP B 153 -35.54 48.57 0.01
C ASP B 153 -35.05 47.97 -1.29
N PRO B 154 -35.32 46.66 -1.48
CA PRO B 154 -34.95 45.86 -2.65
C PRO B 154 -35.20 46.45 -4.04
N GLU B 155 -35.92 47.58 -4.12
CA GLU B 155 -36.16 48.20 -5.42
C GLU B 155 -35.06 49.18 -5.76
N ARG B 156 -34.61 49.95 -4.77
CA ARG B 156 -33.51 50.87 -4.99
C ARG B 156 -32.32 49.94 -5.35
N VAL B 157 -32.30 48.75 -4.76
CA VAL B 157 -31.24 47.79 -5.04
C VAL B 157 -31.39 47.16 -6.43
N ARG B 158 -32.56 46.61 -6.73
CA ARG B 158 -32.80 46.00 -8.03
C ARG B 158 -32.41 47.02 -9.10
N ARG B 159 -32.77 48.26 -8.82
CA ARG B 159 -32.48 49.38 -9.70
C ARG B 159 -30.99 49.50 -10.02
N ALA B 160 -30.15 49.23 -9.02
CA ALA B 160 -28.69 49.32 -9.17
C ALA B 160 -27.93 48.24 -9.93
N ILE B 161 -28.62 47.15 -10.24
CA ILE B 161 -28.05 46.01 -10.96
C ILE B 161 -27.66 46.25 -12.42
N THR B 162 -26.36 46.23 -12.73
CA THR B 162 -25.89 46.42 -14.11
C THR B 162 -25.37 45.04 -14.54
N PRO B 163 -24.95 44.89 -15.81
CA PRO B 163 -24.44 43.62 -16.32
C PRO B 163 -23.03 43.34 -15.83
N ARG B 164 -22.46 44.31 -15.13
CA ARG B 164 -21.11 44.22 -14.56
C ARG B 164 -21.30 43.68 -13.15
N THR B 165 -22.39 44.09 -12.50
CA THR B 165 -22.70 43.68 -11.15
C THR B 165 -22.41 42.20 -10.89
N LYS B 166 -21.35 41.98 -10.12
CA LYS B 166 -20.88 40.64 -9.74
C LYS B 166 -21.31 40.22 -8.34
N ALA B 167 -21.31 41.17 -7.40
CA ALA B 167 -21.69 40.88 -6.02
C ALA B 167 -22.44 41.98 -5.27
N LEU B 168 -23.19 41.57 -4.24
CA LEU B 168 -23.98 42.47 -3.40
C LEU B 168 -23.69 42.13 -1.94
N VAL B 169 -23.34 43.14 -1.16
CA VAL B 169 -22.99 42.98 0.25
C VAL B 169 -24.05 43.41 1.26
N VAL B 170 -24.64 42.44 1.96
CA VAL B 170 -25.64 42.76 2.98
C VAL B 170 -25.04 42.41 4.36
N ASN B 171 -25.45 43.16 5.39
CA ASN B 171 -24.93 42.98 6.75
C ASN B 171 -25.96 43.11 7.89
N SER B 172 -26.55 41.98 8.30
CA SER B 172 -27.54 41.98 9.40
C SER B 172 -27.25 41.02 10.56
N PRO B 173 -27.08 41.55 11.79
CA PRO B 173 -27.14 42.94 12.27
C PRO B 173 -26.20 43.86 11.52
N ASN B 174 -26.41 45.16 11.67
CA ASN B 174 -25.62 46.15 10.96
C ASN B 174 -24.60 47.04 11.64
N ASN B 175 -23.44 47.18 11.04
CA ASN B 175 -22.45 48.09 11.60
C ASN B 175 -22.50 49.09 10.44
N PRO B 176 -22.63 50.40 10.76
CA PRO B 176 -22.74 51.04 12.07
C PRO B 176 -24.15 51.41 12.58
N THR B 177 -25.21 50.99 11.89
CA THR B 177 -26.56 51.33 12.31
C THR B 177 -27.30 50.48 13.33
N GLY B 178 -26.90 49.22 13.46
CA GLY B 178 -27.54 48.32 14.40
C GLY B 178 -28.83 47.69 13.88
N ALA B 179 -29.19 47.97 12.63
CA ALA B 179 -30.41 47.44 12.02
C ALA B 179 -30.44 45.94 11.72
N VAL B 180 -31.51 45.27 12.16
CA VAL B 180 -31.63 43.85 11.88
C VAL B 180 -32.62 43.68 10.75
N TYR B 181 -32.12 43.28 9.57
CA TYR B 181 -32.96 43.08 8.40
C TYR B 181 -33.92 41.93 8.56
N PRO B 182 -35.21 42.18 8.29
CA PRO B 182 -36.25 41.17 8.42
C PRO B 182 -36.26 40.15 7.31
N LYS B 183 -36.55 38.91 7.70
CA LYS B 183 -36.64 37.77 6.81
C LYS B 183 -37.00 38.05 5.36
N GLU B 184 -38.07 38.81 5.15
CA GLU B 184 -38.52 39.13 3.79
C GLU B 184 -37.67 40.03 2.93
N VAL B 185 -36.97 40.98 3.55
CA VAL B 185 -36.11 41.88 2.77
C VAL B 185 -34.94 41.00 2.37
N LEU B 186 -34.38 40.29 3.34
CA LEU B 186 -33.25 39.40 3.14
C LEU B 186 -33.53 38.36 2.08
N GLU B 187 -34.76 37.83 2.13
CA GLU B 187 -35.23 36.82 1.22
C GLU B 187 -35.46 37.44 -0.15
N ALA B 188 -35.67 38.75 -0.17
CA ALA B 188 -35.89 39.47 -1.42
C ALA B 188 -34.55 39.70 -2.10
N LEU B 189 -33.61 40.28 -1.36
CA LEU B 189 -32.29 40.58 -1.87
C LEU B 189 -31.67 39.32 -2.44
N ALA B 190 -31.99 38.18 -1.84
CA ALA B 190 -31.46 36.89 -2.30
C ALA B 190 -31.98 36.55 -3.69
N ARG B 191 -33.26 36.79 -3.90
CA ARG B 191 -33.89 36.51 -5.18
C ARG B 191 -33.42 37.42 -6.32
N LEU B 192 -32.84 38.56 -5.97
CA LEU B 192 -32.31 39.50 -6.96
C LEU B 192 -31.05 38.83 -7.48
N ALA B 193 -30.27 38.28 -6.54
CA ALA B 193 -29.02 37.61 -6.85
C ALA B 193 -29.26 36.40 -7.75
N VAL B 194 -30.35 35.69 -7.47
CA VAL B 194 -30.71 34.50 -8.24
C VAL B 194 -31.20 34.96 -9.62
N GLU B 195 -32.08 35.96 -9.62
CA GLU B 195 -32.63 36.48 -10.86
C GLU B 195 -31.66 37.12 -11.84
N HIS B 196 -30.65 37.80 -11.31
CA HIS B 196 -29.66 38.46 -12.14
C HIS B 196 -28.29 37.85 -12.11
N ASP B 197 -28.24 36.64 -11.57
CA ASP B 197 -27.01 35.86 -11.50
C ASP B 197 -25.79 36.50 -10.86
N PHE B 198 -25.80 36.61 -9.55
CA PHE B 198 -24.64 37.17 -8.88
C PHE B 198 -24.54 36.65 -7.46
N TYR B 199 -23.33 36.79 -6.91
CA TYR B 199 -23.03 36.33 -5.56
C TYR B 199 -23.60 37.29 -4.53
N LEU B 200 -24.10 36.74 -3.42
CA LEU B 200 -24.67 37.51 -2.33
C LEU B 200 -23.73 37.20 -1.18
N VAL B 201 -22.95 38.19 -0.77
CA VAL B 201 -22.04 38.03 0.38
C VAL B 201 -22.95 38.44 1.53
N SER B 202 -22.95 37.66 2.61
CA SER B 202 -23.79 37.97 3.77
C SER B 202 -22.88 37.99 5.00
N ASP B 203 -22.60 39.17 5.53
CA ASP B 203 -21.73 39.29 6.69
C ASP B 203 -22.43 39.19 8.05
N GLU B 204 -22.99 38.03 8.36
CA GLU B 204 -23.68 37.84 9.64
C GLU B 204 -22.87 37.53 10.90
N ILE B 205 -21.87 38.38 11.17
CA ILE B 205 -20.97 38.25 12.31
C ILE B 205 -21.52 38.71 13.69
N TYR B 206 -22.61 39.46 13.67
CA TYR B 206 -23.23 39.93 14.92
C TYR B 206 -24.53 39.17 15.15
N GLU B 207 -24.71 38.05 14.43
CA GLU B 207 -25.93 37.25 14.51
C GLU B 207 -26.39 37.02 15.95
N HIS B 208 -25.43 36.98 16.86
CA HIS B 208 -25.72 36.75 18.26
C HIS B 208 -26.05 37.93 19.15
N LEU B 209 -25.66 39.11 18.70
CA LEU B 209 -25.90 40.33 19.42
C LEU B 209 -27.20 40.86 18.82
N LEU B 210 -28.24 40.06 19.00
CA LEU B 210 -29.55 40.38 18.48
C LEU B 210 -30.52 40.51 19.65
N TYR B 211 -30.78 41.75 20.04
CA TYR B 211 -31.66 42.13 21.14
C TYR B 211 -33.15 41.92 20.89
N GLU B 212 -33.58 42.29 19.69
CA GLU B 212 -34.98 42.11 19.32
C GLU B 212 -35.17 41.85 17.84
N GLY B 213 -35.71 40.66 17.54
CA GLY B 213 -35.95 40.24 16.18
C GLY B 213 -35.46 38.82 16.00
N GLU B 214 -35.56 38.28 14.79
CA GLU B 214 -35.06 36.93 14.54
C GLU B 214 -33.95 37.03 13.48
N HIS B 215 -32.96 36.15 13.55
CA HIS B 215 -31.86 36.15 12.58
C HIS B 215 -32.04 35.19 11.42
N PHE B 216 -32.19 35.74 10.22
CA PHE B 216 -32.37 34.94 9.01
C PHE B 216 -31.09 34.94 8.18
N SER B 217 -30.67 33.75 7.75
CA SER B 217 -29.46 33.62 6.95
C SER B 217 -30.02 33.50 5.54
N PRO B 218 -29.75 34.49 4.67
CA PRO B 218 -30.25 34.49 3.29
C PRO B 218 -29.81 33.26 2.51
N GLY B 219 -28.74 32.62 2.98
CA GLY B 219 -28.23 31.43 2.33
C GLY B 219 -29.20 30.27 2.26
N ARG B 220 -30.22 30.25 3.11
CA ARG B 220 -31.21 29.18 3.11
C ARG B 220 -31.95 29.24 1.80
N VAL B 221 -32.12 30.47 1.34
CA VAL B 221 -32.82 30.75 0.11
C VAL B 221 -32.06 30.52 -1.20
N ALA B 222 -30.95 31.24 -1.38
CA ALA B 222 -30.13 31.13 -2.60
C ALA B 222 -28.84 30.45 -2.17
N PRO B 223 -28.85 29.12 -2.07
CA PRO B 223 -27.64 28.40 -1.65
C PRO B 223 -26.50 28.36 -2.65
N GLU B 224 -26.79 28.65 -3.92
CA GLU B 224 -25.76 28.62 -4.94
C GLU B 224 -25.06 29.93 -5.19
N HIS B 225 -25.69 31.03 -4.78
CA HIS B 225 -25.15 32.38 -4.97
C HIS B 225 -24.75 33.00 -3.66
N THR B 226 -25.24 32.48 -2.55
CA THR B 226 -24.92 33.07 -1.25
C THR B 226 -23.62 32.62 -0.62
N LEU B 227 -22.90 33.58 -0.06
CA LEU B 227 -21.63 33.29 0.56
C LEU B 227 -21.64 33.85 1.97
N THR B 228 -22.02 33.00 2.93
CA THR B 228 -22.11 33.37 4.34
C THR B 228 -20.75 33.62 4.97
N VAL B 229 -20.63 34.73 5.70
CA VAL B 229 -19.38 35.11 6.35
C VAL B 229 -19.49 35.42 7.84
N ASN B 230 -19.19 34.44 8.67
CA ASN B 230 -19.27 34.61 10.12
C ASN B 230 -17.92 34.87 10.78
N GLY B 231 -17.88 34.77 12.11
CA GLY B 231 -16.65 34.99 12.85
C GLY B 231 -16.80 34.77 14.34
N ALA B 232 -15.80 34.17 14.97
CA ALA B 232 -15.84 33.91 16.42
C ALA B 232 -15.26 35.05 17.24
N ALA B 233 -15.26 36.24 16.66
CA ALA B 233 -14.71 37.44 17.31
C ALA B 233 -15.60 38.35 18.15
N LYS B 234 -16.91 38.27 17.94
CA LYS B 234 -17.87 39.10 18.69
C LYS B 234 -18.64 38.28 19.74
N ALA B 235 -19.14 37.12 19.31
CA ALA B 235 -19.90 36.23 20.18
C ALA B 235 -19.13 35.75 21.37
N PHE B 236 -17.84 35.48 21.17
CA PHE B 236 -16.98 35.00 22.23
C PHE B 236 -15.84 35.86 22.78
N ALA B 237 -15.97 37.17 22.62
CA ALA B 237 -14.96 38.11 23.10
C ALA B 237 -13.57 37.76 22.62
N MET B 238 -13.52 37.06 21.48
CA MET B 238 -12.28 36.63 20.84
C MET B 238 -11.74 37.50 19.70
N THR B 239 -11.69 38.80 19.93
CA THR B 239 -11.20 39.70 18.89
C THR B 239 -9.70 39.55 18.65
N GLY B 240 -8.95 39.34 19.71
CA GLY B 240 -7.51 39.18 19.59
C GLY B 240 -7.08 37.84 19.05
N TRP B 241 -7.99 36.89 19.03
CA TRP B 241 -7.68 35.57 18.53
C TRP B 241 -7.56 35.47 17.03
N ARG B 242 -8.27 36.36 16.34
CA ARG B 242 -8.25 36.41 14.89
C ARG B 242 -8.72 35.13 14.20
N ILE B 243 -9.93 34.70 14.52
CA ILE B 243 -10.48 33.49 13.88
C ILE B 243 -11.81 33.90 13.26
N GLY B 244 -11.99 33.50 12.01
CA GLY B 244 -13.20 33.81 11.29
C GLY B 244 -13.56 32.55 10.54
N TYR B 245 -14.78 32.49 10.05
CA TYR B 245 -15.20 31.33 9.30
C TYR B 245 -16.21 31.76 8.26
N ALA B 246 -16.41 30.91 7.27
CA ALA B 246 -17.34 31.21 6.21
C ALA B 246 -17.73 29.93 5.48
N CYS B 247 -18.70 30.07 4.59
CA CYS B 247 -19.16 28.94 3.84
C CYS B 247 -19.96 29.39 2.62
N GLY B 248 -20.20 28.44 1.74
CA GLY B 248 -20.94 28.72 0.53
C GLY B 248 -20.61 27.63 -0.44
N PRO B 249 -20.74 27.90 -1.75
CA PRO B 249 -20.47 26.98 -2.86
C PRO B 249 -19.05 26.44 -2.82
N LYS B 250 -18.94 25.10 -2.83
CA LYS B 250 -17.67 24.38 -2.83
C LYS B 250 -16.72 25.14 -3.75
N GLU B 251 -17.16 25.33 -4.99
CA GLU B 251 -16.40 26.04 -6.00
C GLU B 251 -15.62 27.28 -5.55
N VAL B 252 -16.34 28.19 -4.89
CA VAL B 252 -15.74 29.43 -4.42
C VAL B 252 -14.97 29.26 -3.12
N ILE B 253 -15.25 28.16 -2.42
CA ILE B 253 -14.59 27.90 -1.14
C ILE B 253 -13.13 27.50 -1.28
N LYS B 254 -12.84 26.62 -2.24
CA LYS B 254 -11.47 26.17 -2.45
C LYS B 254 -10.65 27.33 -3.03
N ALA B 255 -11.30 28.23 -3.74
CA ALA B 255 -10.64 29.38 -4.33
C ALA B 255 -10.18 30.33 -3.23
N MET B 256 -10.96 30.38 -2.14
CA MET B 256 -10.65 31.23 -0.99
C MET B 256 -9.56 30.56 -0.18
N ALA B 257 -9.52 29.23 -0.25
CA ALA B 257 -8.53 28.43 0.45
C ALA B 257 -7.18 28.61 -0.25
N SER B 258 -7.23 28.83 -1.56
CA SER B 258 -6.02 29.05 -2.35
C SER B 258 -5.42 30.39 -1.92
N VAL B 259 -6.19 31.46 -2.00
CA VAL B 259 -5.67 32.77 -1.61
C VAL B 259 -5.23 32.74 -0.14
N SER B 260 -5.89 31.87 0.63
CA SER B 260 -5.61 31.70 2.06
C SER B 260 -4.16 31.22 2.20
N ARG B 261 -3.77 30.24 1.38
CA ARG B 261 -2.43 29.66 1.40
C ARG B 261 -1.29 30.61 0.97
N GLN B 262 -1.44 31.25 -0.17
CA GLN B 262 -0.42 32.16 -0.64
C GLN B 262 -0.22 33.34 0.31
N SER B 263 -1.27 33.70 1.05
CA SER B 263 -1.17 34.82 2.00
C SER B 263 -0.73 34.53 3.43
N THR B 264 -1.42 33.61 4.10
CA THR B 264 -1.11 33.27 5.49
C THR B 264 -0.78 31.81 5.74
N THR B 265 -1.06 30.97 4.75
CA THR B 265 -0.84 29.51 4.81
C THR B 265 -2.07 28.95 5.47
N SER B 266 -2.31 29.40 6.70
CA SER B 266 -3.44 28.96 7.51
C SER B 266 -3.34 29.73 8.81
N PRO B 267 -4.48 29.87 9.52
CA PRO B 267 -4.49 30.60 10.80
C PRO B 267 -3.86 29.80 11.94
N ASP B 268 -3.64 30.49 13.06
CA ASP B 268 -3.06 29.95 14.29
C ASP B 268 -3.64 28.56 14.52
N THR B 269 -2.82 27.64 15.00
CA THR B 269 -3.31 26.28 15.26
C THR B 269 -3.85 26.18 16.68
N ILE B 270 -3.25 26.96 17.60
CA ILE B 270 -3.69 26.96 18.99
C ILE B 270 -5.09 27.57 18.93
N ALA B 271 -5.21 28.71 18.28
CA ALA B 271 -6.48 29.41 18.16
C ALA B 271 -7.62 28.67 17.52
N GLN B 272 -7.32 27.76 16.59
CA GLN B 272 -8.38 26.98 15.94
C GLN B 272 -8.90 25.94 16.91
N TRP B 273 -8.02 25.46 17.79
CA TRP B 273 -8.43 24.47 18.79
C TRP B 273 -9.33 25.14 19.81
N ALA B 274 -8.93 26.34 20.27
CA ALA B 274 -9.71 27.10 21.24
C ALA B 274 -11.09 27.40 20.66
N THR B 275 -11.12 27.89 19.42
CA THR B 275 -12.38 28.20 18.75
C THR B 275 -13.30 26.98 18.71
N LEU B 276 -12.72 25.81 18.46
CA LEU B 276 -13.50 24.58 18.37
C LEU B 276 -14.26 24.39 19.68
N GLU B 277 -13.61 24.70 20.80
CA GLU B 277 -14.21 24.54 22.13
C GLU B 277 -15.40 25.47 22.30
N ALA B 278 -15.34 26.63 21.66
CA ALA B 278 -16.43 27.60 21.74
C ALA B 278 -17.64 27.13 20.95
N LEU B 279 -17.40 26.37 19.88
CA LEU B 279 -18.48 25.87 19.05
C LEU B 279 -19.10 24.55 19.44
N THR B 280 -18.31 23.71 20.11
CA THR B 280 -18.79 22.41 20.56
C THR B 280 -19.32 22.31 21.97
N ASN B 281 -18.76 23.08 22.90
CA ASN B 281 -19.25 23.07 24.28
C ASN B 281 -20.36 24.10 24.29
N GLN B 282 -21.57 23.65 23.93
CA GLN B 282 -22.74 24.52 23.88
C GLN B 282 -23.12 25.07 25.23
N GLU B 283 -23.54 24.19 26.14
CA GLU B 283 -23.96 24.58 27.49
C GLU B 283 -23.21 25.75 28.08
N ALA B 284 -21.91 25.76 27.86
CA ALA B 284 -21.04 26.81 28.36
C ALA B 284 -20.94 28.12 27.58
N SER B 285 -21.13 28.04 26.27
CA SER B 285 -21.07 29.21 25.41
C SER B 285 -22.42 29.89 25.38
N ARG B 286 -23.50 29.11 25.33
CA ARG B 286 -24.83 29.69 25.27
C ARG B 286 -24.89 30.52 26.56
N ALA B 287 -24.52 29.91 27.68
CA ALA B 287 -24.54 30.60 28.95
C ALA B 287 -23.86 31.96 28.82
N PHE B 288 -22.68 31.96 28.18
CA PHE B 288 -21.95 33.20 28.01
C PHE B 288 -22.58 34.16 27.02
N VAL B 289 -23.12 33.61 25.95
CA VAL B 289 -23.73 34.42 24.91
C VAL B 289 -24.83 35.24 25.54
N GLU B 290 -25.82 34.57 26.15
CA GLU B 290 -26.95 35.23 26.82
C GLU B 290 -26.49 36.26 27.86
N MET B 291 -25.51 35.83 28.64
CA MET B 291 -24.98 36.67 29.69
C MET B 291 -24.48 37.99 29.13
N ALA B 292 -23.66 37.92 28.09
CA ALA B 292 -23.11 39.12 27.47
C ALA B 292 -24.19 39.97 26.84
N ARG B 293 -25.05 39.34 26.04
CA ARG B 293 -26.14 40.03 25.37
C ARG B 293 -26.94 40.96 26.25
N GLU B 294 -27.24 40.52 27.47
CA GLU B 294 -28.02 41.34 28.37
C GLU B 294 -27.25 42.56 28.84
N ALA B 295 -25.96 42.42 29.10
CA ALA B 295 -25.16 43.56 29.53
C ALA B 295 -25.11 44.57 28.38
N TYR B 296 -25.22 44.08 27.15
CA TYR B 296 -25.19 44.95 25.97
C TYR B 296 -26.51 45.69 25.81
N ARG B 297 -27.60 44.97 26.04
CA ARG B 297 -28.94 45.52 25.93
C ARG B 297 -29.07 46.60 26.98
N ARG B 298 -28.60 46.32 28.20
CA ARG B 298 -28.65 47.28 29.29
C ARG B 298 -27.91 48.57 28.95
N ARG B 299 -26.74 48.42 28.37
CA ARG B 299 -25.91 49.56 28.00
C ARG B 299 -26.55 50.37 26.90
N ARG B 300 -27.24 49.68 25.98
CA ARG B 300 -27.90 50.31 24.84
C ARG B 300 -28.95 51.24 25.46
N ASP B 301 -29.91 50.64 26.16
CA ASP B 301 -30.97 51.39 26.80
C ASP B 301 -30.46 52.57 27.63
N LEU B 302 -29.36 52.37 28.36
CA LEU B 302 -28.78 53.42 29.19
C LEU B 302 -28.27 54.56 28.31
N LEU B 303 -27.67 54.23 27.16
CA LEU B 303 -27.12 55.22 26.24
C LEU B 303 -28.31 55.95 25.59
N LEU B 304 -29.11 55.20 24.85
CA LEU B 304 -30.28 55.71 24.14
C LEU B 304 -31.21 56.64 24.89
N GLU B 305 -31.20 56.49 26.21
CA GLU B 305 -32.01 57.31 27.10
C GLU B 305 -31.23 58.62 27.19
N GLY B 306 -30.14 58.60 27.94
CA GLY B 306 -29.31 59.79 28.11
C GLY B 306 -29.08 60.58 26.84
N LEU B 307 -28.98 59.91 25.70
CA LEU B 307 -28.77 60.62 24.43
C LEU B 307 -30.02 61.47 24.21
N THR B 308 -31.18 60.81 24.26
CA THR B 308 -32.48 61.43 24.10
C THR B 308 -32.78 62.50 25.17
N ALA B 309 -32.15 62.34 26.33
CA ALA B 309 -32.34 63.27 27.45
C ALA B 309 -31.59 64.58 27.20
N LEU B 310 -30.66 64.55 26.26
CA LEU B 310 -29.90 65.74 25.92
C LEU B 310 -30.45 66.20 24.57
N GLY B 311 -31.44 65.47 24.07
CA GLY B 311 -32.05 65.81 22.80
C GLY B 311 -31.18 65.41 21.63
N LEU B 312 -30.13 64.65 21.92
CA LEU B 312 -29.23 64.19 20.88
C LEU B 312 -29.97 63.05 20.22
N LYS B 313 -30.19 63.22 18.92
CA LYS B 313 -30.91 62.26 18.07
C LYS B 313 -30.01 61.10 17.69
N ALA B 314 -30.59 59.91 17.57
CA ALA B 314 -29.82 58.70 17.22
C ALA B 314 -30.86 57.63 16.95
N VAL B 315 -30.57 56.72 16.03
CA VAL B 315 -31.53 55.66 15.76
C VAL B 315 -31.31 54.53 16.75
N ARG B 316 -32.40 53.81 17.03
CA ARG B 316 -32.39 52.69 17.95
C ARG B 316 -31.95 51.36 17.31
N PRO B 317 -30.77 50.84 17.72
CA PRO B 317 -30.25 49.58 17.19
C PRO B 317 -30.91 48.37 17.84
N SER B 318 -31.15 47.34 17.04
CA SER B 318 -31.76 46.12 17.53
C SER B 318 -30.72 45.00 17.50
N GLY B 319 -29.48 45.37 17.15
CA GLY B 319 -28.39 44.43 17.07
C GLY B 319 -27.00 45.05 17.17
N ALA B 320 -25.97 44.19 17.22
CA ALA B 320 -24.56 44.60 17.32
C ALA B 320 -24.40 45.53 18.51
N PHE B 321 -23.37 46.38 18.47
CA PHE B 321 -23.17 47.33 19.55
C PHE B 321 -22.74 48.75 19.24
N TYR B 322 -23.39 49.32 18.23
CA TYR B 322 -23.10 50.69 17.79
C TYR B 322 -24.42 51.43 17.72
N VAL B 323 -24.32 52.74 17.88
CA VAL B 323 -25.45 53.65 17.82
C VAL B 323 -24.92 54.78 16.96
N LEU B 324 -25.68 55.11 15.92
CA LEU B 324 -25.32 56.20 15.02
C LEU B 324 -25.96 57.45 15.61
N MET B 325 -25.13 58.38 16.07
CA MET B 325 -25.62 59.61 16.67
C MET B 325 -25.41 60.94 15.96
N ASP B 326 -26.48 61.44 15.35
CA ASP B 326 -26.51 62.72 14.64
C ASP B 326 -25.84 63.81 15.47
N THR B 327 -24.78 64.43 14.93
CA THR B 327 -24.07 65.50 15.64
C THR B 327 -24.51 66.91 15.34
N SER B 328 -25.59 67.03 14.58
CA SER B 328 -26.16 68.33 14.20
C SER B 328 -25.96 69.42 15.28
N PRO B 329 -26.22 69.08 16.57
CA PRO B 329 -26.07 70.01 17.68
C PRO B 329 -24.61 70.38 18.02
N ILE B 330 -23.80 69.40 18.42
CA ILE B 330 -22.40 69.67 18.78
C ILE B 330 -21.61 70.52 17.76
N ALA B 331 -21.93 70.36 16.49
CA ALA B 331 -21.27 71.09 15.40
C ALA B 331 -21.90 70.72 14.05
N PRO B 332 -21.60 71.50 12.98
CA PRO B 332 -22.10 71.31 11.61
C PRO B 332 -21.81 69.95 10.95
N ASP B 333 -20.53 69.60 10.88
CA ASP B 333 -20.04 68.35 10.28
C ASP B 333 -19.89 67.20 11.29
N GLU B 334 -19.36 66.07 10.83
CA GLU B 334 -19.14 64.92 11.70
C GLU B 334 -17.72 65.08 12.21
N VAL B 335 -16.88 65.69 11.38
CA VAL B 335 -15.48 65.87 11.71
C VAL B 335 -15.22 66.74 12.92
N ARG B 336 -15.56 68.00 12.81
CA ARG B 336 -15.41 68.96 13.88
C ARG B 336 -16.13 68.55 15.16
N ALA B 337 -17.33 68.01 15.00
CA ALA B 337 -18.13 67.54 16.12
C ALA B 337 -17.25 66.57 16.91
N ALA B 338 -16.49 65.74 16.21
CA ALA B 338 -15.59 64.77 16.84
C ALA B 338 -14.44 65.47 17.54
N GLU B 339 -13.93 66.52 16.92
CA GLU B 339 -12.83 67.27 17.50
C GLU B 339 -13.30 68.05 18.72
N ARG B 340 -14.58 68.39 18.72
CA ARG B 340 -15.19 69.12 19.82
C ARG B 340 -15.26 68.11 20.94
N LEU B 341 -15.94 67.01 20.64
CA LEU B 341 -16.13 65.90 21.56
C LEU B 341 -14.88 65.24 22.15
N LEU B 342 -13.78 65.29 21.40
CA LEU B 342 -12.55 64.70 21.89
C LEU B 342 -12.03 65.60 22.99
N GLU B 343 -12.27 66.91 22.86
CA GLU B 343 -11.84 67.89 23.86
C GLU B 343 -12.58 67.55 25.16
N ALA B 344 -13.90 67.38 25.05
CA ALA B 344 -14.75 67.05 26.19
C ALA B 344 -14.30 65.79 26.92
N GLY B 345 -13.39 65.05 26.30
CA GLY B 345 -12.88 63.83 26.89
C GLY B 345 -13.58 62.60 26.37
N VAL B 346 -13.98 62.63 25.10
CA VAL B 346 -14.65 61.49 24.50
C VAL B 346 -14.24 61.17 23.07
N ALA B 347 -13.66 59.99 22.89
CA ALA B 347 -13.23 59.54 21.59
C ALA B 347 -14.38 58.82 20.90
N VAL B 348 -14.75 59.34 19.73
CA VAL B 348 -15.82 58.77 18.90
C VAL B 348 -15.27 58.65 17.49
N VAL B 349 -15.88 57.79 16.68
CA VAL B 349 -15.45 57.59 15.31
C VAL B 349 -16.37 58.36 14.39
N PRO B 350 -15.84 59.33 13.63
CA PRO B 350 -16.65 60.13 12.70
C PRO B 350 -17.25 59.25 11.62
N GLY B 351 -18.52 59.47 11.30
CA GLY B 351 -19.18 58.67 10.28
C GLY B 351 -18.95 59.11 8.85
N THR B 352 -17.85 59.81 8.59
CA THR B 352 -17.55 60.29 7.25
C THR B 352 -17.22 59.13 6.31
N ASP B 353 -16.46 58.16 6.83
CA ASP B 353 -16.07 57.00 6.04
C ASP B 353 -17.08 55.87 5.94
N PHE B 354 -18.07 55.88 6.82
CA PHE B 354 -19.10 54.84 6.78
C PHE B 354 -20.21 55.29 5.85
N ALA B 355 -20.08 56.51 5.32
CA ALA B 355 -21.06 57.12 4.43
C ALA B 355 -22.23 57.51 5.34
N ALA B 356 -21.91 57.81 6.60
CA ALA B 356 -22.90 58.20 7.59
C ALA B 356 -22.54 59.65 7.97
N PHE B 357 -22.68 60.56 7.00
CA PHE B 357 -22.41 61.97 7.18
C PHE B 357 -23.37 62.60 8.17
N GLY B 358 -22.91 63.66 8.82
CA GLY B 358 -23.73 64.32 9.81
C GLY B 358 -23.61 63.60 11.15
N HIS B 359 -23.63 62.26 11.13
CA HIS B 359 -23.51 61.46 12.34
C HIS B 359 -22.10 61.16 12.84
N VAL B 360 -22.05 60.44 13.96
CA VAL B 360 -20.78 60.05 14.58
C VAL B 360 -21.17 58.65 15.08
N ARG B 361 -20.24 57.69 15.06
CA ARG B 361 -20.55 56.34 15.54
C ARG B 361 -19.92 56.07 16.89
N LEU B 362 -20.76 55.77 17.87
CA LEU B 362 -20.29 55.45 19.20
C LEU B 362 -20.67 54.02 19.58
N SER B 363 -19.79 53.38 20.35
CA SER B 363 -19.94 52.01 20.81
C SER B 363 -20.31 51.85 22.28
N TYR B 364 -21.32 51.04 22.56
CA TYR B 364 -21.75 50.80 23.95
C TYR B 364 -21.34 49.42 24.44
N ALA B 365 -20.27 48.89 23.86
CA ALA B 365 -19.76 47.58 24.22
C ALA B 365 -18.80 47.75 25.38
N THR B 366 -18.55 49.01 25.74
CA THR B 366 -17.65 49.33 26.84
C THR B 366 -18.39 49.27 28.20
N SER B 367 -17.70 49.73 29.24
CA SER B 367 -18.22 49.78 30.59
C SER B 367 -19.51 50.55 30.66
N GLU B 368 -20.25 50.36 31.74
CA GLU B 368 -21.53 51.05 31.95
C GLU B 368 -21.13 52.37 32.56
N GLU B 369 -20.21 52.28 33.52
CA GLU B 369 -19.65 53.44 34.24
C GLU B 369 -19.16 54.45 33.21
N ASN B 370 -18.70 53.92 32.07
CA ASN B 370 -18.15 54.74 30.99
C ASN B 370 -19.11 55.42 30.05
N LEU B 371 -20.19 54.73 29.70
CA LEU B 371 -21.19 55.31 28.82
C LEU B 371 -21.62 56.56 29.60
N ARG B 372 -21.71 56.44 30.93
CA ARG B 372 -22.10 57.54 31.83
C ARG B 372 -21.06 58.66 31.93
N LYS B 373 -19.77 58.32 32.06
CA LYS B 373 -18.69 59.32 32.14
C LYS B 373 -18.62 60.08 30.83
N ALA B 374 -19.05 59.43 29.75
CA ALA B 374 -19.08 60.04 28.42
C ALA B 374 -20.31 60.94 28.38
N LEU B 375 -21.46 60.38 28.74
CA LEU B 375 -22.76 61.09 28.77
C LEU B 375 -22.78 62.41 29.52
N GLU B 376 -21.84 62.57 30.44
CA GLU B 376 -21.74 63.80 31.22
C GLU B 376 -20.96 64.87 30.45
N ARG B 377 -19.94 64.45 29.71
CA ARG B 377 -19.11 65.38 28.92
C ARG B 377 -19.96 65.92 27.78
N PHE B 378 -20.82 65.05 27.24
CA PHE B 378 -21.72 65.40 26.14
C PHE B 378 -22.52 66.58 26.63
N ALA B 379 -23.00 66.48 27.86
CA ALA B 379 -23.79 67.54 28.49
C ALA B 379 -23.16 68.93 28.33
N ARG B 380 -22.02 69.15 28.96
CA ARG B 380 -21.31 70.43 28.87
C ARG B 380 -21.24 70.90 27.41
N VAL B 381 -20.48 70.14 26.62
CA VAL B 381 -20.29 70.37 25.18
C VAL B 381 -21.62 70.74 24.51
N LEU B 382 -22.68 70.05 24.94
CA LEU B 382 -24.04 70.24 24.44
C LEU B 382 -24.75 71.52 24.82
N MET C 1 19.55 -23.52 -26.80
CA MET C 1 20.21 -22.63 -25.78
C MET C 1 19.51 -22.76 -24.44
N ARG C 2 20.14 -22.23 -23.40
CA ARG C 2 19.55 -22.28 -22.06
C ARG C 2 18.36 -21.39 -21.76
N GLY C 3 17.79 -21.54 -20.55
CA GLY C 3 16.66 -20.74 -20.16
C GLY C 3 15.43 -21.55 -19.80
N LEU C 4 14.57 -20.99 -18.93
CA LEU C 4 13.35 -21.69 -18.50
C LEU C 4 12.27 -21.64 -19.57
N SER C 5 11.36 -22.61 -19.54
CA SER C 5 10.30 -22.69 -20.52
C SER C 5 9.38 -21.50 -20.33
N ARG C 6 8.28 -21.42 -21.07
CA ARG C 6 7.37 -20.30 -20.90
C ARG C 6 6.03 -20.68 -20.28
N ARG C 7 5.91 -21.92 -19.83
CA ARG C 7 4.67 -22.36 -19.20
C ARG C 7 4.88 -22.35 -17.70
N VAL C 8 6.14 -22.46 -17.29
CA VAL C 8 6.51 -22.46 -15.89
C VAL C 8 6.95 -21.03 -15.60
N GLN C 9 7.11 -20.26 -16.66
CA GLN C 9 7.54 -18.88 -16.54
C GLN C 9 6.33 -17.97 -16.38
N ALA C 10 5.19 -18.44 -16.87
CA ALA C 10 3.96 -17.67 -16.83
C ALA C 10 3.06 -17.91 -15.65
N MET C 11 3.39 -18.93 -14.86
CA MET C 11 2.55 -19.22 -13.71
C MET C 11 2.68 -18.26 -12.55
N LYS C 12 1.54 -17.98 -11.93
CA LYS C 12 1.48 -17.10 -10.78
C LYS C 12 1.79 -17.90 -9.56
N PRO C 13 2.41 -17.25 -8.56
CA PRO C 13 2.79 -17.85 -7.29
C PRO C 13 1.56 -18.18 -6.43
N ASP C 14 1.71 -19.12 -5.50
CA ASP C 14 0.59 -19.49 -4.64
C ASP C 14 0.52 -18.41 -3.59
N ALA C 15 -0.68 -17.92 -3.37
CA ALA C 15 -0.92 -16.87 -2.39
C ALA C 15 -0.78 -17.56 -1.04
N VAL C 16 -1.29 -18.78 -0.95
CA VAL C 16 -1.21 -19.54 0.29
C VAL C 16 0.22 -19.89 0.63
N VAL C 17 0.94 -20.53 -0.29
CA VAL C 17 2.33 -20.86 -0.05
C VAL C 17 3.12 -19.61 0.37
N ALA C 18 2.83 -18.50 -0.29
CA ALA C 18 3.52 -17.24 0.00
C ALA C 18 3.27 -16.65 1.38
N VAL C 19 2.01 -16.68 1.81
CA VAL C 19 1.61 -16.14 3.12
C VAL C 19 2.14 -17.01 4.23
N ASN C 20 2.09 -18.33 4.02
CA ASN C 20 2.57 -19.26 5.03
C ASN C 20 4.02 -18.97 5.35
N ALA C 21 4.88 -19.06 4.34
CA ALA C 21 6.32 -18.83 4.48
C ALA C 21 6.58 -17.59 5.32
N LYS C 22 5.83 -16.54 5.00
CA LYS C 22 5.94 -15.28 5.69
C LYS C 22 5.63 -15.49 7.17
N ALA C 23 4.41 -15.95 7.44
CA ALA C 23 3.94 -16.16 8.80
C ALA C 23 5.02 -16.87 9.58
N LEU C 24 5.40 -18.02 9.05
CA LEU C 24 6.42 -18.85 9.65
C LEU C 24 7.65 -18.10 10.11
N GLU C 25 8.38 -17.52 9.17
CA GLU C 25 9.59 -16.78 9.51
C GLU C 25 9.46 -15.77 10.67
N LEU C 26 8.30 -15.11 10.76
CA LEU C 26 8.08 -14.14 11.84
C LEU C 26 7.92 -14.90 13.15
N ARG C 27 7.21 -16.03 13.09
CA ARG C 27 7.00 -16.90 14.26
C ARG C 27 8.45 -17.21 14.70
N ARG C 28 9.39 -17.16 13.75
CA ARG C 28 10.81 -17.41 14.02
C ARG C 28 11.61 -16.22 14.57
N GLN C 29 11.34 -15.01 14.07
CA GLN C 29 12.04 -13.80 14.55
C GLN C 29 11.18 -13.09 15.57
N GLY C 30 11.12 -13.72 16.72
CA GLY C 30 10.29 -13.25 17.80
C GLY C 30 8.89 -13.60 17.34
N VAL C 31 8.13 -12.53 17.07
CA VAL C 31 6.77 -12.60 16.58
C VAL C 31 5.83 -13.78 16.79
N ASP C 32 4.80 -13.57 17.59
CA ASP C 32 3.80 -14.61 17.81
C ASP C 32 2.56 -14.02 17.10
N LEU C 33 2.26 -14.59 15.93
CA LEU C 33 1.14 -14.15 15.11
C LEU C 33 0.17 -15.32 14.89
N VAL C 34 -1.06 -15.16 15.36
CA VAL C 34 -2.08 -16.20 15.20
C VAL C 34 -2.28 -16.30 13.69
N ALA C 35 -2.12 -17.50 13.13
CA ALA C 35 -2.27 -17.70 11.69
C ALA C 35 -3.46 -18.46 11.13
N LEU C 36 -4.45 -17.72 10.65
CA LEU C 36 -5.67 -18.28 10.07
C LEU C 36 -5.52 -18.52 8.57
N THR C 37 -4.33 -18.96 8.16
CA THR C 37 -4.06 -19.18 6.74
C THR C 37 -4.42 -20.46 5.99
N ALA C 38 -3.61 -21.49 6.15
CA ALA C 38 -3.83 -22.77 5.47
C ALA C 38 -5.02 -23.65 5.76
N GLY C 39 -5.49 -24.33 4.72
CA GLY C 39 -6.63 -25.20 4.86
C GLY C 39 -6.33 -26.59 5.33
N GLU C 40 -5.79 -26.70 6.54
CA GLU C 40 -5.48 -28.02 7.09
C GLU C 40 -5.83 -28.13 8.58
N PRO C 41 -6.55 -29.21 8.94
CA PRO C 41 -6.97 -29.48 10.32
C PRO C 41 -5.81 -29.33 11.28
N ASP C 42 -6.14 -29.29 12.57
CA ASP C 42 -5.13 -29.19 13.61
C ASP C 42 -5.10 -30.62 14.17
N PHE C 43 -6.20 -31.33 14.00
CA PHE C 43 -6.32 -32.70 14.46
C PHE C 43 -5.22 -33.52 13.79
N ASP C 44 -4.78 -34.58 14.46
CA ASP C 44 -3.73 -35.44 13.93
C ASP C 44 -4.45 -36.68 13.43
N THR C 45 -4.01 -37.18 12.28
CA THR C 45 -4.58 -38.39 11.68
C THR C 45 -4.81 -39.50 12.71
N PRO C 46 -6.05 -40.01 12.80
CA PRO C 46 -6.51 -41.06 13.71
C PRO C 46 -5.53 -42.20 13.92
N GLU C 47 -5.50 -42.73 15.15
CA GLU C 47 -4.62 -43.85 15.48
C GLU C 47 -4.88 -45.11 14.67
N HIS C 48 -6.14 -45.46 14.45
CA HIS C 48 -6.43 -46.67 13.69
C HIS C 48 -5.77 -46.63 12.31
N VAL C 49 -5.57 -45.42 11.78
CA VAL C 49 -4.94 -45.26 10.48
C VAL C 49 -3.42 -45.38 10.64
N LYS C 50 -2.89 -44.81 11.72
CA LYS C 50 -1.44 -44.86 11.99
C LYS C 50 -0.96 -46.26 12.29
N GLU C 51 -1.76 -46.99 13.05
CA GLU C 51 -1.41 -48.36 13.43
C GLU C 51 -1.14 -49.13 12.16
N ALA C 52 -2.03 -48.99 11.19
CA ALA C 52 -1.90 -49.69 9.93
C ALA C 52 -0.72 -49.31 9.06
N ALA C 53 -0.16 -48.12 9.28
CA ALA C 53 0.98 -47.67 8.51
C ALA C 53 2.21 -48.32 9.13
N ARG C 54 2.09 -48.66 10.42
CA ARG C 54 3.18 -49.30 11.15
C ARG C 54 3.13 -50.76 10.76
N ARG C 55 1.91 -51.29 10.69
CA ARG C 55 1.66 -52.67 10.33
C ARG C 55 2.13 -52.88 8.89
N ALA C 56 2.12 -51.82 8.10
CA ALA C 56 2.57 -51.88 6.71
C ALA C 56 4.10 -51.98 6.71
N LEU C 57 4.76 -51.09 7.45
CA LEU C 57 6.23 -51.11 7.56
C LEU C 57 6.70 -52.44 8.13
N ALA C 58 6.00 -52.88 9.16
CA ALA C 58 6.30 -54.12 9.85
C ALA C 58 6.30 -55.32 8.94
N GLN C 59 5.42 -55.31 7.94
CA GLN C 59 5.34 -56.42 6.99
C GLN C 59 6.16 -56.09 5.76
N GLY C 60 6.99 -55.06 5.87
CA GLY C 60 7.83 -54.63 4.77
C GLY C 60 7.07 -54.36 3.48
N LYS C 61 5.99 -53.58 3.59
CA LYS C 61 5.16 -53.23 2.45
C LYS C 61 5.72 -51.98 1.78
N THR C 62 7.04 -51.98 1.55
CA THR C 62 7.72 -50.84 0.95
C THR C 62 8.23 -50.88 -0.50
N LYS C 63 7.62 -51.69 -1.34
CA LYS C 63 8.05 -51.82 -2.73
C LYS C 63 7.26 -50.88 -3.63
N TYR C 64 7.46 -50.98 -4.95
CA TYR C 64 6.72 -50.11 -5.89
C TYR C 64 5.28 -50.63 -5.91
N ALA C 65 4.36 -49.79 -6.38
CA ALA C 65 2.95 -50.15 -6.51
C ALA C 65 2.53 -49.73 -7.92
N PRO C 66 1.42 -50.26 -8.46
CA PRO C 66 0.94 -49.90 -9.81
C PRO C 66 0.75 -48.40 -9.93
N PRO C 67 0.93 -47.86 -11.15
CA PRO C 67 0.75 -46.41 -11.27
C PRO C 67 -0.66 -45.97 -10.91
N ALA C 68 -1.60 -46.91 -11.00
CA ALA C 68 -3.00 -46.64 -10.68
C ALA C 68 -3.34 -46.89 -9.21
N GLY C 69 -2.36 -47.42 -8.46
CA GLY C 69 -2.56 -47.72 -7.05
C GLY C 69 -2.85 -49.18 -6.74
N ILE C 70 -2.53 -49.62 -5.52
CA ILE C 70 -2.75 -51.00 -5.12
C ILE C 70 -4.20 -51.41 -5.37
N PRO C 71 -4.42 -52.64 -5.86
CA PRO C 71 -5.74 -53.20 -6.18
C PRO C 71 -6.71 -53.23 -5.01
N GLU C 72 -6.18 -53.14 -3.79
CA GLU C 72 -7.00 -53.17 -2.61
C GLU C 72 -7.63 -51.84 -2.32
N LEU C 73 -6.80 -50.80 -2.25
CA LEU C 73 -7.25 -49.45 -1.96
C LEU C 73 -8.22 -49.14 -3.08
N ARG C 74 -7.90 -49.69 -4.26
CA ARG C 74 -8.68 -49.47 -5.47
C ARG C 74 -10.07 -50.06 -5.42
N GLU C 75 -10.22 -51.15 -4.70
CA GLU C 75 -11.49 -51.82 -4.60
C GLU C 75 -12.37 -51.18 -3.55
N ALA C 76 -11.77 -50.68 -2.46
CA ALA C 76 -12.51 -50.04 -1.36
C ALA C 76 -12.99 -48.70 -1.90
N LEU C 77 -12.25 -48.18 -2.86
CA LEU C 77 -12.58 -46.92 -3.50
C LEU C 77 -13.82 -47.09 -4.36
N ALA C 78 -13.99 -48.27 -4.92
CA ALA C 78 -15.15 -48.52 -5.76
C ALA C 78 -16.38 -48.70 -4.88
N GLU C 79 -16.19 -48.81 -3.57
CA GLU C 79 -17.30 -48.97 -2.62
C GLU C 79 -17.57 -47.68 -1.89
N LYS C 80 -16.58 -46.81 -1.86
CA LYS C 80 -16.72 -45.53 -1.20
C LYS C 80 -17.64 -44.77 -2.16
N PHE C 81 -17.16 -44.54 -3.37
CA PHE C 81 -17.92 -43.82 -4.38
C PHE C 81 -19.27 -44.44 -4.63
N ARG C 82 -19.38 -45.71 -4.31
CA ARG C 82 -20.59 -46.50 -4.49
C ARG C 82 -21.55 -46.37 -3.33
N ARG C 83 -21.10 -46.84 -2.18
CA ARG C 83 -21.86 -46.86 -0.93
C ARG C 83 -22.13 -45.42 -0.48
N GLU C 84 -21.06 -44.63 -0.33
CA GLU C 84 -21.20 -43.25 0.08
C GLU C 84 -21.74 -42.34 -1.03
N ASN C 85 -20.92 -42.07 -2.05
CA ASN C 85 -21.31 -41.20 -3.15
C ASN C 85 -22.42 -41.60 -4.13
N GLY C 86 -23.02 -42.77 -3.91
CA GLY C 86 -24.10 -43.21 -4.77
C GLY C 86 -23.70 -43.53 -6.20
N LEU C 87 -22.45 -43.23 -6.55
CA LEU C 87 -21.92 -43.48 -7.88
C LEU C 87 -21.89 -44.98 -8.11
N SER C 88 -21.74 -45.37 -9.37
CA SER C 88 -21.66 -46.78 -9.71
C SER C 88 -20.49 -47.06 -10.64
N VAL C 89 -19.33 -47.22 -10.02
CA VAL C 89 -18.07 -47.48 -10.69
C VAL C 89 -17.50 -48.84 -10.28
N THR C 90 -16.72 -49.44 -11.18
CA THR C 90 -16.06 -50.72 -10.89
C THR C 90 -14.66 -50.18 -10.62
N PRO C 91 -13.79 -50.97 -9.97
CA PRO C 91 -12.42 -50.57 -9.66
C PRO C 91 -11.56 -50.04 -10.81
N GLU C 92 -11.81 -50.53 -12.02
CA GLU C 92 -11.06 -50.09 -13.19
C GLU C 92 -11.24 -48.58 -13.41
N GLU C 93 -12.36 -48.07 -12.93
CA GLU C 93 -12.71 -46.66 -13.09
C GLU C 93 -12.37 -45.89 -11.83
N THR C 94 -11.40 -46.41 -11.09
CA THR C 94 -10.95 -45.80 -9.84
C THR C 94 -9.47 -45.55 -10.05
N ILE C 95 -8.92 -44.59 -9.30
CA ILE C 95 -7.50 -44.25 -9.38
C ILE C 95 -7.00 -43.52 -8.14
N VAL C 96 -5.83 -43.95 -7.67
CA VAL C 96 -5.22 -43.36 -6.49
C VAL C 96 -4.15 -42.38 -6.98
N THR C 97 -4.20 -41.15 -6.51
CA THR C 97 -3.20 -40.18 -6.93
C THR C 97 -2.53 -39.48 -5.77
N VAL C 98 -1.46 -38.76 -6.07
CA VAL C 98 -0.71 -38.04 -5.04
C VAL C 98 -1.44 -36.75 -4.60
N GLY C 99 -2.48 -36.97 -3.82
CA GLY C 99 -3.28 -35.87 -3.30
C GLY C 99 -4.42 -35.55 -4.23
N GLY C 100 -5.22 -34.56 -3.84
CA GLY C 100 -6.33 -34.12 -4.67
C GLY C 100 -5.73 -33.39 -5.85
N SER C 101 -4.62 -32.70 -5.58
CA SER C 101 -3.88 -31.94 -6.56
C SER C 101 -3.48 -32.76 -7.78
N GLN C 102 -2.91 -33.95 -7.55
CA GLN C 102 -2.49 -34.82 -8.65
C GLN C 102 -3.64 -35.27 -9.51
N ALA C 103 -4.75 -35.66 -8.88
CA ALA C 103 -5.92 -36.12 -9.61
C ALA C 103 -6.52 -35.06 -10.53
N LEU C 104 -6.27 -33.80 -10.22
CA LEU C 104 -6.77 -32.69 -11.02
C LEU C 104 -5.71 -32.40 -12.08
N PHE C 105 -4.47 -32.26 -11.65
CA PHE C 105 -3.34 -31.99 -12.55
C PHE C 105 -3.18 -33.04 -13.66
N ASN C 106 -3.45 -34.31 -13.35
CA ASN C 106 -3.34 -35.40 -14.31
C ASN C 106 -4.58 -35.31 -15.16
N LEU C 107 -5.69 -35.00 -14.51
CA LEU C 107 -6.98 -34.87 -15.16
C LEU C 107 -6.99 -33.83 -16.26
N PHE C 108 -6.40 -32.66 -16.00
CA PHE C 108 -6.35 -31.57 -16.96
C PHE C 108 -5.41 -31.79 -18.14
N GLN C 109 -4.33 -32.54 -17.90
CA GLN C 109 -3.31 -32.86 -18.91
C GLN C 109 -3.80 -33.95 -19.85
N ALA C 110 -4.74 -34.76 -19.36
CA ALA C 110 -5.28 -35.83 -20.15
C ALA C 110 -6.50 -35.48 -21.01
N ILE C 111 -7.09 -34.31 -20.75
CA ILE C 111 -8.26 -33.88 -21.51
C ILE C 111 -8.11 -32.49 -22.11
N LEU C 112 -7.00 -31.82 -21.81
CA LEU C 112 -6.78 -30.49 -22.35
C LEU C 112 -5.77 -30.35 -23.47
N ASP C 113 -6.26 -30.00 -24.66
CA ASP C 113 -5.38 -29.77 -25.79
C ASP C 113 -5.22 -28.26 -25.69
N PRO C 114 -4.12 -27.72 -26.21
CA PRO C 114 -3.92 -26.27 -26.15
C PRO C 114 -5.11 -25.51 -26.72
N GLY C 115 -5.45 -24.41 -26.05
CA GLY C 115 -6.55 -23.59 -26.47
C GLY C 115 -7.94 -24.09 -26.13
N ASP C 116 -8.06 -25.20 -25.41
CA ASP C 116 -9.37 -25.72 -25.02
C ASP C 116 -9.85 -24.80 -23.90
N GLU C 117 -11.16 -24.62 -23.79
CA GLU C 117 -11.70 -23.75 -22.76
C GLU C 117 -12.20 -24.55 -21.56
N VAL C 118 -12.01 -23.99 -20.36
CA VAL C 118 -12.46 -24.66 -19.14
C VAL C 118 -13.14 -23.55 -18.34
N ILE C 119 -14.39 -23.79 -17.93
CA ILE C 119 -15.13 -22.82 -17.14
C ILE C 119 -14.99 -23.03 -15.65
N VAL C 120 -14.38 -22.06 -14.98
CA VAL C 120 -14.20 -22.12 -13.54
C VAL C 120 -15.23 -21.11 -13.04
N LEU C 121 -15.81 -21.36 -11.87
CA LEU C 121 -16.80 -20.45 -11.30
C LEU C 121 -16.10 -19.74 -10.14
N SER C 122 -16.02 -18.42 -10.21
CA SER C 122 -15.38 -17.63 -9.15
C SER C 122 -16.31 -17.23 -8.00
N PRO C 123 -15.78 -17.12 -6.77
CA PRO C 123 -14.40 -17.33 -6.34
C PRO C 123 -14.04 -18.81 -6.39
N TYR C 124 -12.83 -19.09 -6.83
CA TYR C 124 -12.35 -20.45 -6.96
C TYR C 124 -11.05 -20.65 -6.16
N TRP C 125 -10.74 -21.90 -5.88
CA TRP C 125 -9.52 -22.21 -5.18
C TRP C 125 -8.34 -21.87 -6.10
N VAL C 126 -7.39 -21.13 -5.54
CA VAL C 126 -6.19 -20.68 -6.23
C VAL C 126 -5.50 -21.43 -7.37
N SER C 127 -5.57 -22.76 -7.33
CA SER C 127 -4.93 -23.58 -8.35
C SER C 127 -5.60 -23.84 -9.69
N TYR C 128 -6.87 -24.24 -9.67
CA TYR C 128 -7.64 -24.51 -10.88
C TYR C 128 -7.27 -23.79 -12.18
N PRO C 129 -7.09 -22.46 -12.11
CA PRO C 129 -6.73 -21.71 -13.32
C PRO C 129 -5.30 -22.05 -13.69
N GLU C 130 -4.40 -22.02 -12.71
CA GLU C 130 -3.01 -22.34 -12.96
C GLU C 130 -2.77 -23.73 -13.53
N MET C 131 -3.63 -24.68 -13.19
CA MET C 131 -3.53 -26.06 -13.70
C MET C 131 -4.11 -26.02 -15.11
N VAL C 132 -5.30 -25.44 -15.26
CA VAL C 132 -5.95 -25.33 -16.56
C VAL C 132 -5.10 -24.61 -17.59
N ARG C 133 -4.25 -23.70 -17.14
CA ARG C 133 -3.36 -22.93 -18.01
C ARG C 133 -2.04 -23.63 -18.31
N PHE C 134 -1.50 -24.34 -17.32
CA PHE C 134 -0.24 -25.04 -17.48
C PHE C 134 -0.44 -26.17 -18.51
N ALA C 135 -1.70 -26.50 -18.79
CA ALA C 135 -2.01 -27.54 -19.75
C ALA C 135 -2.27 -27.04 -21.17
N GLY C 136 -2.39 -25.73 -21.31
CA GLY C 136 -2.63 -25.14 -22.62
C GLY C 136 -4.02 -24.56 -22.74
N GLY C 137 -4.92 -24.98 -21.86
CA GLY C 137 -6.28 -24.50 -21.88
C GLY C 137 -6.42 -23.01 -21.55
N VAL C 138 -7.65 -22.50 -21.65
CA VAL C 138 -7.94 -21.10 -21.36
C VAL C 138 -9.06 -21.05 -20.32
N VAL C 139 -8.92 -20.11 -19.38
CA VAL C 139 -9.91 -19.94 -18.32
C VAL C 139 -11.06 -19.01 -18.66
N VAL C 140 -12.26 -19.58 -18.73
CA VAL C 140 -13.49 -18.85 -19.04
C VAL C 140 -14.18 -18.91 -17.67
N GLU C 141 -14.18 -17.81 -16.93
CA GLU C 141 -14.83 -17.81 -15.63
C GLU C 141 -16.22 -17.23 -15.44
N VAL C 142 -17.10 -18.01 -14.84
CA VAL C 142 -18.45 -17.58 -14.57
C VAL C 142 -18.45 -17.11 -13.12
N GLU C 143 -19.04 -15.95 -12.90
CA GLU C 143 -19.13 -15.33 -11.58
C GLU C 143 -20.25 -15.95 -10.73
N THR C 144 -20.04 -15.99 -9.41
CA THR C 144 -21.08 -16.52 -8.53
C THR C 144 -21.13 -15.39 -7.50
N LEU C 145 -22.35 -15.00 -7.19
CA LEU C 145 -22.62 -13.89 -6.29
C LEU C 145 -22.91 -14.03 -4.81
N PRO C 146 -22.30 -13.16 -3.99
CA PRO C 146 -22.50 -13.18 -2.54
C PRO C 146 -23.97 -13.01 -2.22
N GLU C 147 -24.68 -12.26 -3.05
CA GLU C 147 -26.11 -12.05 -2.85
C GLU C 147 -26.89 -13.33 -3.13
N GLU C 148 -26.35 -14.20 -3.97
CA GLU C 148 -27.02 -15.45 -4.26
C GLU C 148 -26.46 -16.55 -3.38
N GLY C 149 -25.54 -16.18 -2.49
CA GLY C 149 -24.94 -17.14 -1.59
C GLY C 149 -23.88 -17.97 -2.28
N PHE C 150 -23.23 -17.38 -3.28
CA PHE C 150 -22.20 -18.05 -4.04
C PHE C 150 -22.56 -19.32 -4.78
N VAL C 151 -23.78 -19.81 -4.62
CA VAL C 151 -24.19 -21.00 -5.35
C VAL C 151 -24.40 -20.45 -6.77
N PRO C 152 -23.88 -21.15 -7.78
CA PRO C 152 -23.94 -20.82 -9.20
C PRO C 152 -25.33 -20.88 -9.79
N ASP C 153 -25.57 -20.05 -10.80
CA ASP C 153 -26.85 -20.04 -11.49
C ASP C 153 -26.53 -20.59 -12.88
N PRO C 154 -27.00 -21.82 -13.17
CA PRO C 154 -26.83 -22.56 -14.42
C PRO C 154 -27.11 -21.81 -15.72
N GLU C 155 -27.69 -20.61 -15.63
CA GLU C 155 -27.94 -19.85 -16.85
C GLU C 155 -26.71 -19.01 -17.20
N ARG C 156 -26.10 -18.40 -16.20
CA ARG C 156 -24.89 -17.60 -16.41
C ARG C 156 -23.89 -18.60 -16.98
N VAL C 157 -23.94 -19.83 -16.47
CA VAL C 157 -23.05 -20.90 -16.93
C VAL C 157 -23.36 -21.38 -18.35
N ARG C 158 -24.62 -21.74 -18.61
CA ARG C 158 -25.03 -22.19 -19.94
C ARG C 158 -24.57 -21.14 -20.94
N ARG C 159 -24.75 -19.88 -20.56
CA ARG C 159 -24.37 -18.72 -21.35
C ARG C 159 -22.90 -18.77 -21.75
N ALA C 160 -22.04 -19.23 -20.84
CA ALA C 160 -20.60 -19.32 -21.09
C ALA C 160 -20.03 -20.42 -21.99
N ILE C 161 -20.89 -21.40 -22.33
CA ILE C 161 -20.52 -22.52 -23.19
C ILE C 161 -20.21 -22.18 -24.65
N THR C 162 -18.94 -22.34 -25.06
CA THR C 162 -18.54 -22.10 -26.45
C THR C 162 -18.25 -23.49 -27.04
N PRO C 163 -17.93 -23.55 -28.35
CA PRO C 163 -17.64 -24.83 -29.01
C PRO C 163 -16.25 -25.35 -28.64
N ARG C 164 -15.50 -24.53 -27.91
CA ARG C 164 -14.15 -24.84 -27.47
C ARG C 164 -14.32 -25.48 -26.09
N THR C 165 -15.31 -25.00 -25.35
CA THR C 165 -15.57 -25.50 -24.00
C THR C 165 -15.47 -27.02 -23.88
N LYS C 166 -14.40 -27.44 -23.21
CA LYS C 166 -14.09 -28.84 -22.99
C LYS C 166 -14.48 -29.34 -21.60
N ALA C 167 -14.29 -28.49 -20.59
CA ALA C 167 -14.63 -28.87 -19.22
C ALA C 167 -15.17 -27.76 -18.33
N LEU C 168 -15.90 -28.16 -17.28
CA LEU C 168 -16.49 -27.25 -16.31
C LEU C 168 -16.14 -27.77 -14.91
N VAL C 169 -15.60 -26.88 -14.08
CA VAL C 169 -15.20 -27.23 -12.72
C VAL C 169 -16.13 -26.75 -11.60
N VAL C 170 -16.79 -27.70 -10.93
CA VAL C 170 -17.67 -27.35 -9.81
C VAL C 170 -17.03 -27.89 -8.51
N ASN C 171 -17.27 -27.18 -7.41
CA ASN C 171 -16.70 -27.55 -6.11
C ASN C 171 -17.62 -27.41 -4.89
N SER C 172 -18.31 -28.49 -4.51
CA SER C 172 -19.22 -28.46 -3.35
C SER C 172 -19.02 -29.55 -2.30
N PRO C 173 -18.71 -29.18 -1.03
CA PRO C 173 -18.52 -27.84 -0.44
C PRO C 173 -17.52 -26.99 -1.21
N ASN C 174 -17.55 -25.69 -0.96
CA ASN C 174 -16.72 -24.71 -1.64
C ASN C 174 -15.52 -24.09 -0.94
N ASN C 175 -14.37 -24.00 -1.62
CA ASN C 175 -13.20 -23.32 -1.06
C ASN C 175 -13.21 -22.20 -2.11
N PRO C 176 -13.16 -20.93 -1.68
CA PRO C 176 -13.08 -20.40 -0.32
C PRO C 176 -14.38 -19.90 0.34
N THR C 177 -15.53 -20.11 -0.31
CA THR C 177 -16.80 -19.64 0.25
C THR C 177 -17.57 -20.48 1.25
N GLY C 178 -17.35 -21.78 1.22
CA GLY C 178 -18.03 -22.69 2.13
C GLY C 178 -19.42 -23.10 1.65
N ALA C 179 -19.81 -22.65 0.47
CA ALA C 179 -21.12 -22.97 -0.07
C ALA C 179 -21.39 -24.41 -0.49
N VAL C 180 -22.50 -25.00 -0.01
CA VAL C 180 -22.85 -26.37 -0.40
C VAL C 180 -23.95 -26.31 -1.48
N TYR C 181 -23.57 -26.63 -2.71
CA TYR C 181 -24.50 -26.59 -3.84
C TYR C 181 -25.60 -27.61 -3.67
N PRO C 182 -26.85 -27.17 -3.83
CA PRO C 182 -28.01 -28.05 -3.70
C PRO C 182 -28.25 -28.95 -4.90
N LYS C 183 -28.66 -30.17 -4.59
CA LYS C 183 -28.95 -31.20 -5.57
C LYS C 183 -29.37 -30.75 -6.96
N GLU C 184 -30.34 -29.84 -7.02
CA GLU C 184 -30.83 -29.35 -8.30
C GLU C 184 -29.92 -28.49 -9.16
N VAL C 185 -29.06 -27.69 -8.53
CA VAL C 185 -28.14 -26.84 -9.28
C VAL C 185 -27.13 -27.82 -9.84
N LEU C 186 -26.63 -28.68 -8.97
CA LEU C 186 -25.64 -29.69 -9.34
C LEU C 186 -26.14 -30.59 -10.46
N GLU C 187 -27.41 -30.94 -10.35
CA GLU C 187 -28.06 -31.80 -11.31
C GLU C 187 -28.29 -31.03 -12.59
N ALA C 188 -28.32 -29.71 -12.50
CA ALA C 188 -28.52 -28.85 -13.66
C ALA C 188 -27.22 -28.72 -14.42
N LEU C 189 -26.13 -28.37 -13.70
CA LEU C 189 -24.82 -28.20 -14.32
C LEU C 189 -24.39 -29.48 -15.02
N ALA C 190 -24.87 -30.60 -14.50
CA ALA C 190 -24.56 -31.89 -15.09
C ALA C 190 -25.21 -32.04 -16.45
N ARG C 191 -26.48 -31.62 -16.54
CA ARG C 191 -27.21 -31.68 -17.80
C ARG C 191 -26.73 -30.72 -18.88
N LEU C 192 -25.93 -29.71 -18.49
CA LEU C 192 -25.37 -28.76 -19.43
C LEU C 192 -24.25 -29.54 -20.10
N ALA C 193 -23.49 -30.27 -19.28
CA ALA C 193 -22.37 -31.09 -19.74
C ALA C 193 -22.83 -32.15 -20.71
N VAL C 194 -23.98 -32.77 -20.41
CA VAL C 194 -24.53 -33.81 -21.27
C VAL C 194 -25.04 -33.15 -22.54
N GLU C 195 -25.76 -32.05 -22.40
CA GLU C 195 -26.34 -31.34 -23.54
C GLU C 195 -25.36 -30.75 -24.54
N HIS C 196 -24.23 -30.25 -24.03
CA HIS C 196 -23.23 -29.65 -24.89
C HIS C 196 -21.95 -30.45 -25.02
N ASP C 197 -22.03 -31.70 -24.58
CA ASP C 197 -20.93 -32.62 -24.67
C ASP C 197 -19.59 -32.19 -24.09
N PHE C 198 -19.49 -32.23 -22.77
CA PHE C 198 -18.23 -31.88 -22.14
C PHE C 198 -18.10 -32.55 -20.79
N TYR C 199 -16.86 -32.61 -20.31
CA TYR C 199 -16.54 -33.23 -19.03
C TYR C 199 -16.90 -32.30 -17.90
N LEU C 200 -17.40 -32.89 -16.82
CA LEU C 200 -17.78 -32.15 -15.60
C LEU C 200 -16.82 -32.69 -14.55
N VAL C 201 -15.89 -31.85 -14.10
CA VAL C 201 -14.93 -32.25 -13.07
C VAL C 201 -15.69 -31.82 -11.82
N SER C 202 -15.73 -32.69 -10.81
CA SER C 202 -16.43 -32.39 -9.57
C SER C 202 -15.43 -32.62 -8.43
N ASP C 203 -14.97 -31.54 -7.82
CA ASP C 203 -14.00 -31.63 -6.71
C ASP C 203 -14.64 -31.74 -5.32
N GLU C 204 -15.31 -32.86 -5.05
CA GLU C 204 -15.96 -33.08 -3.76
C GLU C 204 -15.11 -33.61 -2.59
N ILE C 205 -14.00 -32.91 -2.33
CA ILE C 205 -13.06 -33.26 -1.28
C ILE C 205 -13.44 -32.88 0.15
N TYR C 206 -14.44 -32.01 0.28
CA TYR C 206 -14.91 -31.57 1.60
C TYR C 206 -16.29 -32.17 1.85
N GLU C 207 -16.64 -33.20 1.07
CA GLU C 207 -17.94 -33.84 1.19
C GLU C 207 -18.32 -34.14 2.65
N HIS C 208 -17.31 -34.38 3.47
CA HIS C 208 -17.54 -34.70 4.87
C HIS C 208 -17.65 -33.58 5.87
N LEU C 209 -17.13 -32.42 5.49
CA LEU C 209 -17.16 -31.24 6.33
C LEU C 209 -18.41 -30.50 5.88
N LEU C 210 -19.54 -31.16 6.08
CA LEU C 210 -20.83 -30.62 5.69
C LEU C 210 -21.70 -30.49 6.94
N TYR C 211 -21.74 -29.25 7.44
CA TYR C 211 -22.50 -28.89 8.64
C TYR C 211 -24.00 -28.89 8.49
N GLU C 212 -24.47 -28.34 7.37
CA GLU C 212 -25.90 -28.30 7.09
C GLU C 212 -26.21 -28.39 5.60
N GLY C 213 -26.92 -29.47 5.26
CA GLY C 213 -27.30 -29.73 3.88
C GLY C 213 -27.03 -31.18 3.56
N GLU C 214 -27.28 -31.60 2.33
CA GLU C 214 -27.00 -32.98 1.93
C GLU C 214 -25.97 -32.92 0.79
N HIS C 215 -25.11 -33.93 0.71
CA HIS C 215 -24.10 -33.96 -0.35
C HIS C 215 -24.48 -34.78 -1.57
N PHE C 216 -24.62 -34.10 -2.70
CA PHE C 216 -24.98 -34.75 -3.96
C PHE C 216 -23.77 -34.84 -4.88
N SER C 217 -23.55 -36.03 -5.43
CA SER C 217 -22.43 -36.24 -6.33
C SER C 217 -23.10 -36.16 -7.69
N PRO C 218 -22.76 -35.13 -8.50
CA PRO C 218 -23.33 -34.94 -9.83
C PRO C 218 -23.12 -36.14 -10.75
N GLY C 219 -22.12 -36.95 -10.42
CA GLY C 219 -21.83 -38.12 -11.23
C GLY C 219 -22.94 -39.15 -11.32
N ARG C 220 -23.89 -39.11 -10.38
CA ARG C 220 -25.00 -40.07 -10.38
C ARG C 220 -25.81 -39.79 -11.65
N VAL C 221 -25.86 -38.51 -11.98
CA VAL C 221 -26.60 -38.03 -13.14
C VAL C 221 -25.95 -38.20 -14.51
N ALA C 222 -24.76 -37.62 -14.70
CA ALA C 222 -24.05 -37.71 -15.98
C ALA C 222 -22.84 -38.60 -15.72
N PRO C 223 -23.02 -39.93 -15.72
CA PRO C 223 -21.90 -40.82 -15.46
C PRO C 223 -20.85 -40.91 -16.56
N GLU C 224 -21.20 -40.46 -17.76
CA GLU C 224 -20.26 -40.52 -18.88
C GLU C 224 -19.40 -39.29 -19.08
N HIS C 225 -19.83 -38.18 -18.48
CA HIS C 225 -19.11 -36.93 -18.63
C HIS C 225 -18.54 -36.48 -17.29
N THR C 226 -19.04 -37.03 -16.19
CA THR C 226 -18.56 -36.60 -14.89
C THR C 226 -17.29 -37.27 -14.40
N LEU C 227 -16.41 -36.48 -13.81
CA LEU C 227 -15.14 -36.99 -13.32
C LEU C 227 -15.00 -36.56 -11.87
N THR C 228 -15.42 -37.44 -10.97
CA THR C 228 -15.37 -37.19 -9.53
C THR C 228 -13.94 -37.19 -8.99
N VAL C 229 -13.63 -36.18 -8.18
CA VAL C 229 -12.28 -36.04 -7.60
C VAL C 229 -12.26 -35.84 -6.09
N ASN C 230 -12.02 -36.92 -5.35
CA ASN C 230 -11.98 -36.87 -3.90
C ASN C 230 -10.57 -36.84 -3.33
N GLY C 231 -10.47 -37.08 -2.01
CA GLY C 231 -9.18 -37.10 -1.36
C GLY C 231 -9.25 -37.43 0.12
N ALA C 232 -8.31 -38.22 0.62
CA ALA C 232 -8.30 -38.60 2.03
C ALA C 232 -7.52 -37.63 2.90
N ALA C 233 -7.39 -36.40 2.41
CA ALA C 233 -6.65 -35.36 3.11
C ALA C 233 -7.33 -34.43 4.10
N LYS C 234 -8.66 -34.32 3.99
CA LYS C 234 -9.44 -33.45 4.88
C LYS C 234 -10.25 -34.23 5.90
N ALA C 235 -10.92 -35.27 5.43
CA ALA C 235 -11.74 -36.13 6.27
C ALA C 235 -10.96 -36.82 7.36
N PHE C 236 -9.74 -37.23 7.04
CA PHE C 236 -8.89 -37.93 7.99
C PHE C 236 -7.62 -37.28 8.50
N ALA C 237 -7.57 -35.96 8.48
CA ALA C 237 -6.40 -35.20 8.95
C ALA C 237 -5.09 -35.68 8.32
N MET C 238 -5.22 -36.27 7.14
CA MET C 238 -4.09 -36.80 6.38
C MET C 238 -3.54 -35.89 5.27
N THR C 239 -3.30 -34.63 5.60
CA THR C 239 -2.76 -33.70 4.61
C THR C 239 -1.32 -34.02 4.24
N GLY C 240 -0.53 -34.43 5.23
CA GLY C 240 0.86 -34.77 4.97
C GLY C 240 1.09 -36.10 4.30
N TRP C 241 0.06 -36.94 4.23
CA TRP C 241 0.19 -38.24 3.61
C TRP C 241 0.18 -38.18 2.09
N ARG C 242 -0.45 -37.14 1.56
CA ARG C 242 -0.53 -36.97 0.12
C ARG C 242 -1.22 -38.11 -0.63
N ILE C 243 -2.47 -38.42 -0.26
CA ILE C 243 -3.22 -39.47 -0.95
C ILE C 243 -4.52 -38.84 -1.41
N GLY C 244 -4.83 -39.10 -2.68
CA GLY C 244 -6.04 -38.57 -3.27
C GLY C 244 -6.62 -39.70 -4.08
N TYR C 245 -7.87 -39.54 -4.51
CA TYR C 245 -8.50 -40.56 -5.31
C TYR C 245 -9.50 -39.92 -6.22
N ALA C 246 -9.87 -40.64 -7.26
CA ALA C 246 -10.83 -40.11 -8.22
C ALA C 246 -11.43 -41.25 -9.02
N CYS C 247 -12.44 -40.91 -9.80
CA CYS C 247 -13.09 -41.91 -10.63
C CYS C 247 -13.90 -41.25 -11.72
N GLY C 248 -14.33 -42.08 -12.67
CA GLY C 248 -15.10 -41.60 -13.78
C GLY C 248 -14.98 -42.62 -14.88
N PRO C 249 -15.16 -42.21 -16.14
CA PRO C 249 -15.09 -43.03 -17.35
C PRO C 249 -13.76 -43.77 -17.47
N LYS C 250 -13.85 -45.10 -17.59
CA LYS C 250 -12.69 -45.98 -17.72
C LYS C 250 -11.70 -45.28 -18.66
N GLU C 251 -12.19 -44.91 -19.84
CA GLU C 251 -11.40 -44.23 -20.85
C GLU C 251 -10.46 -43.13 -20.39
N VAL C 252 -10.98 -42.21 -19.57
CA VAL C 252 -10.18 -41.09 -19.05
C VAL C 252 -9.36 -41.47 -17.83
N ILE C 253 -9.73 -42.58 -17.20
CA ILE C 253 -9.03 -43.04 -16.00
C ILE C 253 -7.65 -43.63 -16.29
N LYS C 254 -7.55 -44.44 -17.34
CA LYS C 254 -6.27 -45.05 -17.70
C LYS C 254 -5.34 -43.96 -18.23
N ALA C 255 -5.92 -42.92 -18.84
CA ALA C 255 -5.13 -41.82 -19.37
C ALA C 255 -4.47 -41.04 -18.22
N MET C 256 -5.17 -40.99 -17.09
CA MET C 256 -4.67 -40.28 -15.91
C MET C 256 -3.62 -41.17 -15.24
N ALA C 257 -3.78 -42.47 -15.43
CA ALA C 257 -2.87 -43.47 -14.88
C ALA C 257 -1.56 -43.41 -15.66
N SER C 258 -1.66 -43.06 -16.94
CA SER C 258 -0.48 -42.92 -17.79
C SER C 258 0.33 -41.72 -17.31
N VAL C 259 -0.31 -40.55 -17.22
CA VAL C 259 0.40 -39.37 -16.76
C VAL C 259 0.93 -39.60 -15.34
N SER C 260 0.22 -40.44 -14.60
CA SER C 260 0.56 -40.77 -13.22
C SER C 260 1.95 -41.44 -13.24
N ARG C 261 2.14 -42.38 -14.15
CA ARG C 261 3.38 -43.13 -14.31
C ARG C 261 4.60 -42.30 -14.73
N GLN C 262 4.47 -41.55 -15.81
CA GLN C 262 5.57 -40.72 -16.27
C GLN C 262 6.00 -39.68 -15.23
N SER C 263 5.07 -39.25 -14.39
CA SER C 263 5.38 -38.26 -13.38
C SER C 263 5.86 -38.72 -12.01
N THR C 264 5.09 -39.61 -11.38
CA THR C 264 5.44 -40.13 -10.05
C THR C 264 5.58 -41.64 -9.92
N THR C 265 5.15 -42.34 -10.96
CA THR C 265 5.18 -43.80 -11.06
C THR C 265 3.93 -44.25 -10.34
N SER C 266 3.84 -43.90 -9.06
CA SER C 266 2.71 -44.25 -8.21
C SER C 266 2.99 -43.63 -6.84
N PRO C 267 1.93 -43.40 -6.04
CA PRO C 267 2.10 -42.80 -4.72
C PRO C 267 2.70 -43.78 -3.70
N ASP C 268 3.08 -43.23 -2.55
CA ASP C 268 3.65 -43.96 -1.42
C ASP C 268 2.92 -45.29 -1.26
N THR C 269 3.64 -46.35 -0.92
CA THR C 269 2.98 -47.64 -0.75
C THR C 269 2.54 -47.81 0.70
N ILE C 270 3.29 -47.20 1.63
CA ILE C 270 2.95 -47.28 3.05
C ILE C 270 1.65 -46.48 3.15
N ALA C 271 1.65 -45.28 2.61
CA ALA C 271 0.47 -44.41 2.65
C ALA C 271 -0.81 -44.94 2.03
N GLN C 272 -0.70 -45.79 1.01
CA GLN C 272 -1.89 -46.36 0.39
C GLN C 272 -2.48 -47.40 1.31
N TRP C 273 -1.62 -48.08 2.07
CA TRP C 273 -2.09 -49.10 3.00
C TRP C 273 -2.82 -48.41 4.16
N ALA C 274 -2.23 -47.34 4.67
CA ALA C 274 -2.82 -46.58 5.77
C ALA C 274 -4.20 -46.05 5.32
N THR C 275 -4.26 -45.44 4.14
CA THR C 275 -5.51 -44.92 3.58
C THR C 275 -6.58 -45.99 3.51
N LEU C 276 -6.19 -47.19 3.12
CA LEU C 276 -7.13 -48.30 3.00
C LEU C 276 -7.82 -48.51 4.35
N GLU C 277 -7.05 -48.40 5.42
CA GLU C 277 -7.57 -48.59 6.77
C GLU C 277 -8.61 -47.55 7.14
N ALA C 278 -8.44 -46.34 6.58
CA ALA C 278 -9.37 -45.26 6.84
C ALA C 278 -10.68 -45.50 6.10
N LEU C 279 -10.62 -46.17 4.96
CA LEU C 279 -11.81 -46.44 4.17
C LEU C 279 -12.58 -47.70 4.51
N THR C 280 -11.87 -48.70 5.03
CA THR C 280 -12.49 -49.96 5.41
C THR C 280 -12.95 -50.12 6.86
N ASN C 281 -12.23 -49.51 7.78
CA ASN C 281 -12.62 -49.60 9.19
C ASN C 281 -13.58 -48.43 9.37
N GLN C 282 -14.85 -48.68 9.08
CA GLN C 282 -15.89 -47.66 9.18
C GLN C 282 -16.11 -47.18 10.60
N GLU C 283 -16.62 -48.07 11.44
CA GLU C 283 -16.91 -47.76 12.84
C GLU C 283 -15.93 -46.75 13.44
N ALA C 284 -14.65 -46.93 13.17
CA ALA C 284 -13.61 -46.06 13.69
C ALA C 284 -13.39 -44.71 13.03
N SER C 285 -13.68 -44.65 11.73
CA SER C 285 -13.51 -43.42 10.97
C SER C 285 -14.75 -42.57 11.10
N ARG C 286 -15.93 -43.20 11.08
CA ARG C 286 -17.17 -42.46 11.19
C ARG C 286 -17.06 -41.75 12.53
N ALA C 287 -16.66 -42.48 13.57
CA ALA C 287 -16.51 -41.92 14.89
C ALA C 287 -15.64 -40.67 14.82
N PHE C 288 -14.54 -40.75 14.09
CA PHE C 288 -13.65 -39.61 13.97
C PHE C 288 -14.21 -38.50 13.11
N VAL C 289 -14.89 -38.86 12.03
CA VAL C 289 -15.44 -37.87 11.11
C VAL C 289 -16.38 -36.98 11.90
N GLU C 290 -17.42 -37.56 12.50
CA GLU C 290 -18.39 -36.78 13.28
C GLU C 290 -17.72 -35.96 14.37
N MET C 291 -16.79 -36.59 15.08
CA MET C 291 -16.08 -35.94 16.16
C MET C 291 -15.44 -34.65 15.68
N ALA C 292 -14.71 -34.73 14.57
CA ALA C 292 -14.03 -33.56 14.03
C ALA C 292 -15.05 -32.52 13.56
N ARG C 293 -16.03 -32.97 12.77
CA ARG C 293 -17.05 -32.07 12.25
C ARG C 293 -17.65 -31.12 13.26
N GLU C 294 -17.93 -31.64 14.45
CA GLU C 294 -18.52 -30.81 15.47
C GLU C 294 -17.57 -29.74 15.97
N ALA C 295 -16.28 -30.09 16.10
CA ALA C 295 -15.32 -29.10 16.58
C ALA C 295 -15.21 -28.00 15.53
N TYR C 296 -15.47 -28.35 14.28
CA TYR C 296 -15.40 -27.39 13.17
C TYR C 296 -16.62 -26.47 13.19
N ARG C 297 -17.78 -27.07 13.43
CA ARG C 297 -19.04 -26.33 13.48
C ARG C 297 -18.95 -25.35 14.63
N ARG C 298 -18.44 -25.81 15.77
CA ARG C 298 -18.30 -24.96 16.95
C ARG C 298 -17.40 -23.77 16.66
N ARG C 299 -16.29 -24.01 15.97
CA ARG C 299 -15.35 -22.95 15.63
C ARG C 299 -15.93 -21.96 14.64
N ARG C 300 -16.77 -22.47 13.73
CA ARG C 300 -17.42 -21.65 12.71
C ARG C 300 -18.28 -20.65 13.48
N ASP C 301 -19.26 -21.18 14.21
CA ASP C 301 -20.16 -20.37 14.99
C ASP C 301 -19.45 -19.34 15.87
N LEU C 302 -18.34 -19.76 16.49
CA LEU C 302 -17.56 -18.88 17.34
C LEU C 302 -16.95 -17.73 16.54
N LEU C 303 -16.50 -18.03 15.33
CA LEU C 303 -15.90 -17.05 14.45
C LEU C 303 -16.99 -16.10 13.96
N LEU C 304 -17.94 -16.67 13.20
CA LEU C 304 -19.08 -15.94 12.65
C LEU C 304 -19.83 -14.97 13.56
N GLU C 305 -19.75 -15.23 14.85
CA GLU C 305 -20.39 -14.41 15.86
C GLU C 305 -19.43 -13.23 16.00
N GLY C 306 -18.30 -13.46 16.67
CA GLY C 306 -17.31 -12.42 16.87
C GLY C 306 -17.05 -11.53 15.66
N LEU C 307 -17.14 -12.09 14.45
CA LEU C 307 -16.91 -11.30 13.24
C LEU C 307 -18.04 -10.30 13.18
N THR C 308 -19.26 -10.80 13.28
CA THR C 308 -20.48 -10.01 13.27
C THR C 308 -20.53 -9.02 14.44
N ALA C 309 -19.87 -9.36 15.55
CA ALA C 309 -19.85 -8.53 16.74
C ALA C 309 -18.96 -7.32 16.56
N LEU C 310 -18.12 -7.37 15.55
CA LEU C 310 -17.22 -6.27 15.23
C LEU C 310 -17.79 -5.61 13.97
N GLY C 311 -18.91 -6.15 13.51
CA GLY C 311 -19.56 -5.60 12.32
C GLY C 311 -18.83 -6.01 11.07
N LEU C 312 -17.88 -6.92 11.21
CA LEU C 312 -17.12 -7.40 10.07
C LEU C 312 -18.05 -8.37 9.36
N LYS C 313 -18.30 -8.05 8.09
CA LYS C 313 -19.18 -8.82 7.22
C LYS C 313 -18.47 -10.08 6.69
N ALA C 314 -19.24 -11.14 6.50
CA ALA C 314 -18.68 -12.40 6.01
C ALA C 314 -19.86 -13.30 5.73
N VAL C 315 -19.76 -14.15 4.71
CA VAL C 315 -20.87 -15.04 4.42
C VAL C 315 -20.74 -16.29 5.30
N ARG C 316 -21.88 -16.88 5.63
CA ARG C 316 -21.92 -18.08 6.46
C ARG C 316 -21.76 -19.37 5.66
N PRO C 317 -20.65 -20.09 5.91
CA PRO C 317 -20.35 -21.34 5.23
C PRO C 317 -21.13 -22.51 5.83
N SER C 318 -21.57 -23.42 4.97
CA SER C 318 -22.30 -24.60 5.40
C SER C 318 -21.41 -25.84 5.19
N GLY C 319 -20.17 -25.60 4.78
CA GLY C 319 -19.21 -26.67 4.53
C GLY C 319 -17.76 -26.23 4.57
N ALA C 320 -16.86 -27.22 4.47
CA ALA C 320 -15.40 -26.98 4.50
C ALA C 320 -15.03 -26.20 5.75
N PHE C 321 -13.91 -25.50 5.71
CA PHE C 321 -13.51 -24.70 6.84
C PHE C 321 -12.90 -23.31 6.59
N TYR C 322 -13.54 -22.58 5.68
CA TYR C 322 -13.09 -21.23 5.34
C TYR C 322 -14.29 -20.32 5.43
N VAL C 323 -14.00 -19.05 5.71
CA VAL C 323 -15.01 -18.00 5.82
C VAL C 323 -14.37 -16.89 5.02
N LEU C 324 -15.15 -16.34 4.09
CA LEU C 324 -14.69 -15.24 3.26
C LEU C 324 -15.14 -13.98 4.00
N MET C 325 -14.17 -13.21 4.46
CA MET C 325 -14.46 -11.99 5.19
C MET C 325 -14.11 -10.65 4.59
N ASP C 326 -15.14 -9.96 4.11
CA ASP C 326 -15.04 -8.63 3.52
C ASP C 326 -14.16 -7.70 4.38
N THR C 327 -13.08 -7.18 3.82
CA THR C 327 -12.18 -6.30 4.57
C THR C 327 -12.45 -4.81 4.41
N SER C 328 -13.55 -4.47 3.76
CA SER C 328 -13.96 -3.09 3.52
C SER C 328 -13.53 -2.15 4.66
N PRO C 329 -13.76 -2.55 5.94
CA PRO C 329 -13.39 -1.76 7.12
C PRO C 329 -11.90 -1.61 7.37
N ILE C 330 -11.19 -2.72 7.62
CA ILE C 330 -9.75 -2.67 7.90
C ILE C 330 -8.91 -1.85 6.90
N ALA C 331 -9.34 -1.86 5.63
CA ALA C 331 -8.67 -1.12 4.57
C ALA C 331 -9.43 -1.26 3.24
N PRO C 332 -9.10 -0.42 2.23
CA PRO C 332 -9.73 -0.42 0.89
C PRO C 332 -9.66 -1.74 0.08
N ASP C 333 -8.44 -2.24 -0.11
CA ASP C 333 -8.16 -3.49 -0.85
C ASP C 333 -8.10 -4.74 0.05
N GLU C 334 -7.78 -5.88 -0.55
CA GLU C 334 -7.65 -7.13 0.20
C GLU C 334 -6.19 -7.19 0.61
N VAL C 335 -5.33 -6.63 -0.23
CA VAL C 335 -3.90 -6.65 0.02
C VAL C 335 -3.45 -5.95 1.29
N ARG C 336 -3.62 -4.63 1.32
CA ARG C 336 -3.27 -3.78 2.46
C ARG C 336 -3.93 -4.28 3.73
N ALA C 337 -5.21 -4.63 3.60
CA ALA C 337 -5.99 -5.11 4.73
C ALA C 337 -5.20 -6.24 5.37
N ALA C 338 -4.62 -7.09 4.53
CA ALA C 338 -3.83 -8.22 5.01
C ALA C 338 -2.54 -7.75 5.68
N GLU C 339 -1.93 -6.70 5.11
CA GLU C 339 -0.69 -6.12 5.64
C GLU C 339 -0.94 -5.39 6.94
N ARG C 340 -2.19 -4.95 7.12
CA ARG C 340 -2.63 -4.24 8.31
C ARG C 340 -2.77 -5.35 9.34
N LEU C 341 -3.60 -6.32 9.00
CA LEU C 341 -3.88 -7.48 9.84
C LEU C 341 -2.70 -8.33 10.27
N LEU C 342 -1.66 -8.36 9.44
CA LEU C 342 -0.48 -9.14 9.78
C LEU C 342 0.23 -8.43 10.93
N GLU C 343 0.16 -7.09 10.93
CA GLU C 343 0.77 -6.29 12.00
C GLU C 343 0.08 -6.65 13.31
N ALA C 344 -1.24 -6.62 13.27
CA ALA C 344 -2.06 -6.95 14.43
C ALA C 344 -1.73 -8.31 15.01
N GLY C 345 -0.98 -9.11 14.25
CA GLY C 345 -0.58 -10.43 14.69
C GLY C 345 -1.48 -11.50 14.14
N VAL C 346 -1.95 -11.32 12.91
CA VAL C 346 -2.81 -12.29 12.28
C VAL C 346 -2.55 -12.52 10.79
N ALA C 347 -2.13 -13.74 10.46
CA ALA C 347 -1.86 -14.13 9.09
C ALA C 347 -3.14 -14.62 8.43
N VAL C 348 -3.53 -13.95 7.36
CA VAL C 348 -4.72 -14.30 6.59
C VAL C 348 -4.28 -14.37 5.12
N VAL C 349 -5.07 -15.05 4.31
CA VAL C 349 -4.74 -15.18 2.90
C VAL C 349 -5.63 -14.20 2.12
N PRO C 350 -5.02 -13.24 1.39
CA PRO C 350 -5.78 -12.26 0.60
C PRO C 350 -6.56 -12.96 -0.51
N GLY C 351 -7.80 -12.53 -0.71
CA GLY C 351 -8.64 -13.15 -1.73
C GLY C 351 -8.44 -12.63 -3.14
N THR C 352 -7.28 -12.03 -3.41
CA THR C 352 -6.99 -11.49 -4.74
C THR C 352 -6.89 -12.60 -5.79
N ASP C 353 -6.24 -13.69 -5.42
CA ASP C 353 -6.06 -14.81 -6.32
C ASP C 353 -7.23 -15.78 -6.43
N PHE C 354 -8.16 -15.72 -5.49
CA PHE C 354 -9.31 -16.61 -5.52
C PHE C 354 -10.41 -15.93 -6.33
N ALA C 355 -10.15 -14.70 -6.76
CA ALA C 355 -11.09 -13.89 -7.52
C ALA C 355 -12.14 -13.45 -6.49
N ALA C 356 -11.69 -13.31 -5.25
CA ALA C 356 -12.55 -12.88 -4.14
C ALA C 356 -11.98 -11.53 -3.67
N PHE C 357 -12.06 -10.54 -4.56
CA PHE C 357 -11.59 -9.19 -4.28
C PHE C 357 -12.37 -8.53 -3.17
N GLY C 358 -11.74 -7.61 -2.47
CA GLY C 358 -12.38 -6.95 -1.36
C GLY C 358 -12.27 -7.80 -0.10
N HIS C 359 -12.49 -9.11 -0.23
CA HIS C 359 -12.40 -10.02 0.90
C HIS C 359 -11.01 -10.55 1.26
N VAL C 360 -10.97 -11.38 2.29
CA VAL C 360 -9.74 -11.98 2.78
C VAL C 360 -10.28 -13.38 3.19
N ARG C 361 -9.46 -14.42 3.03
CA ARG C 361 -9.88 -15.77 3.39
C ARG C 361 -9.24 -16.23 4.69
N LEU C 362 -10.07 -16.52 5.68
CA LEU C 362 -9.56 -17.02 6.95
C LEU C 362 -10.12 -18.42 7.24
N SER C 363 -9.28 -19.24 7.88
CA SER C 363 -9.58 -20.62 8.23
C SER C 363 -9.89 -20.86 9.70
N TYR C 364 -10.97 -21.57 10.00
CA TYR C 364 -11.34 -21.87 11.37
C TYR C 364 -11.09 -23.34 11.70
N ALA C 365 -10.14 -23.93 11.00
CA ALA C 365 -9.80 -25.34 11.22
C ALA C 365 -8.75 -25.41 12.34
N THR C 366 -8.30 -24.23 12.78
CA THR C 366 -7.30 -24.13 13.83
C THR C 366 -7.94 -24.23 15.21
N SER C 367 -7.13 -23.95 16.23
CA SER C 367 -7.57 -23.96 17.61
C SER C 367 -8.75 -23.05 17.83
N GLU C 368 -9.41 -23.23 18.97
CA GLU C 368 -10.57 -22.41 19.35
C GLU C 368 -9.92 -21.23 20.02
N GLU C 369 -8.94 -21.53 20.87
CA GLU C 369 -8.18 -20.54 21.62
C GLU C 369 -7.63 -19.52 20.64
N ASN C 370 -7.33 -19.98 19.44
CA ASN C 370 -6.77 -19.13 18.43
C ASN C 370 -7.69 -18.24 17.62
N LEU C 371 -8.88 -18.74 17.30
CA LEU C 371 -9.86 -17.95 16.55
C LEU C 371 -10.04 -16.74 17.47
N ARG C 372 -10.01 -16.98 18.76
CA ARG C 372 -10.16 -15.92 19.76
C ARG C 372 -9.00 -14.93 19.84
N LYS C 373 -7.78 -15.46 19.93
CA LYS C 373 -6.58 -14.62 20.01
C LYS C 373 -6.50 -13.76 18.74
N ALA C 374 -7.09 -14.25 17.66
CA ALA C 374 -7.12 -13.52 16.39
C ALA C 374 -8.22 -12.47 16.54
N LEU C 375 -9.41 -12.93 16.93
CA LEU C 375 -10.58 -12.08 17.13
C LEU C 375 -10.39 -10.84 17.98
N GLU C 376 -9.36 -10.88 18.84
CA GLU C 376 -9.06 -9.76 19.72
C GLU C 376 -8.20 -8.72 18.98
N ARG C 377 -7.30 -9.18 18.11
CA ARG C 377 -6.42 -8.29 17.35
C ARG C 377 -7.26 -7.54 16.33
N PHE C 378 -8.26 -8.23 15.78
CA PHE C 378 -9.16 -7.66 14.79
C PHE C 378 -9.75 -6.44 15.43
N ALA C 379 -10.15 -6.60 16.69
CA ALA C 379 -10.75 -5.52 17.48
C ALA C 379 -9.96 -4.21 17.37
N ARG C 380 -8.76 -4.18 17.92
CA ARG C 380 -7.89 -3.00 17.89
C ARG C 380 -7.83 -2.42 16.47
N VAL C 381 -7.26 -3.20 15.55
CA VAL C 381 -7.14 -2.85 14.14
C VAL C 381 -8.45 -2.27 13.61
N LEU C 382 -9.57 -2.84 14.06
CA LEU C 382 -10.93 -2.45 13.70
C LEU C 382 -11.44 -1.10 14.24
N MET D 1 -15.76 -30.30 -27.07
CA MET D 1 -16.36 -31.68 -27.08
C MET D 1 -15.44 -32.65 -26.33
N ARG D 2 -15.89 -33.89 -26.09
CA ARG D 2 -15.10 -34.87 -25.37
C ARG D 2 -13.91 -35.52 -26.07
N GLY D 3 -13.16 -36.35 -25.32
CA GLY D 3 -12.01 -37.04 -25.90
C GLY D 3 -10.71 -36.75 -25.19
N LEU D 4 -9.77 -37.69 -25.26
CA LEU D 4 -8.46 -37.51 -24.60
C LEU D 4 -7.57 -36.57 -25.39
N SER D 5 -6.61 -35.95 -24.71
CA SER D 5 -5.71 -35.01 -25.35
C SER D 5 -4.82 -35.78 -26.32
N ARG D 6 -3.86 -35.12 -26.96
CA ARG D 6 -2.99 -35.83 -27.87
C ARG D 6 -1.56 -35.98 -27.39
N ARG D 7 -1.31 -35.61 -26.14
CA ARG D 7 0.02 -35.76 -25.58
C ARG D 7 0.06 -37.00 -24.69
N VAL D 8 -1.11 -37.37 -24.18
CA VAL D 8 -1.29 -38.54 -23.33
C VAL D 8 -1.77 -39.64 -24.30
N GLN D 9 -2.10 -39.25 -25.51
CA GLN D 9 -2.57 -40.20 -26.51
C GLN D 9 -1.40 -40.74 -27.31
N ALA D 10 -0.33 -39.96 -27.36
CA ALA D 10 0.85 -40.34 -28.12
C ALA D 10 1.94 -41.07 -27.36
N MET D 11 1.79 -41.15 -26.04
CA MET D 11 2.80 -41.82 -25.25
C MET D 11 2.77 -43.33 -25.38
N LYS D 12 3.97 -43.91 -25.47
CA LYS D 12 4.15 -45.33 -25.55
C LYS D 12 4.15 -45.86 -24.13
N PRO D 13 3.62 -47.08 -23.94
CA PRO D 13 3.49 -47.81 -22.67
C PRO D 13 4.84 -48.18 -22.05
N ASP D 14 4.85 -48.39 -20.73
CA ASP D 14 6.09 -48.77 -20.08
C ASP D 14 6.28 -50.25 -20.35
N ALA D 15 7.47 -50.61 -20.81
CA ALA D 15 7.82 -51.99 -21.12
C ALA D 15 7.92 -52.69 -19.77
N VAL D 16 8.50 -51.99 -18.78
CA VAL D 16 8.67 -52.55 -17.46
C VAL D 16 7.31 -52.77 -16.80
N VAL D 17 6.50 -51.71 -16.71
CA VAL D 17 5.18 -51.84 -16.11
C VAL D 17 4.41 -52.98 -16.78
N ALA D 18 4.53 -53.08 -18.10
CA ALA D 18 3.82 -54.10 -18.86
C ALA D 18 4.25 -55.53 -18.57
N VAL D 19 5.56 -55.75 -18.48
CA VAL D 19 6.13 -57.07 -18.21
C VAL D 19 5.81 -57.50 -16.80
N ASN D 20 5.89 -56.57 -15.86
CA ASN D 20 5.63 -56.88 -14.47
C ASN D 20 4.23 -57.44 -14.31
N ALA D 21 3.23 -56.65 -14.72
CA ALA D 21 1.82 -57.04 -14.64
C ALA D 21 1.65 -58.47 -15.13
N LYS D 22 2.28 -58.75 -16.26
CA LYS D 22 2.22 -60.07 -16.87
C LYS D 22 2.75 -61.09 -15.91
N ALA D 23 4.01 -60.94 -15.52
CA ALA D 23 4.69 -61.86 -14.62
C ALA D 23 3.78 -62.18 -13.46
N LEU D 24 3.38 -61.14 -12.75
CA LEU D 24 2.51 -61.28 -11.59
C LEU D 24 1.31 -62.17 -11.80
N GLU D 25 0.43 -61.80 -12.73
CA GLU D 25 -0.74 -62.60 -12.98
C GLU D 25 -0.48 -64.11 -13.16
N LEU D 26 0.64 -64.46 -13.79
CA LEU D 26 0.97 -65.87 -14.00
C LEU D 26 1.35 -66.48 -12.65
N ARG D 27 2.11 -65.74 -11.86
CA ARG D 27 2.50 -66.20 -10.53
C ARG D 27 1.17 -66.48 -9.81
N ARG D 28 0.11 -65.79 -10.25
CA ARG D 28 -1.22 -65.98 -9.70
C ARG D 28 -2.00 -67.18 -10.29
N GLN D 29 -1.92 -67.39 -11.60
CA GLN D 29 -2.62 -68.53 -12.22
C GLN D 29 -1.63 -69.70 -12.30
N GLY D 30 -1.34 -70.29 -11.14
CA GLY D 30 -0.39 -71.37 -11.03
C GLY D 30 0.96 -70.69 -11.19
N VAL D 31 1.60 -71.03 -12.29
CA VAL D 31 2.89 -70.48 -12.70
C VAL D 31 3.91 -69.86 -11.77
N ASP D 32 5.03 -70.53 -11.59
CA ASP D 32 6.12 -70.01 -10.75
C ASP D 32 7.20 -69.67 -11.79
N LEU D 33 7.36 -68.36 -12.04
CA LEU D 33 8.31 -67.86 -13.01
C LEU D 33 9.28 -66.91 -12.32
N VAL D 34 10.57 -67.25 -12.34
CA VAL D 34 11.61 -66.43 -11.74
C VAL D 34 11.59 -65.13 -12.54
N ALA D 35 11.40 -64.00 -11.86
CA ALA D 35 11.34 -62.73 -12.56
C ALA D 35 12.48 -61.70 -12.39
N LEU D 36 13.37 -61.66 -13.37
CA LEU D 36 14.49 -60.70 -13.34
C LEU D 36 14.11 -59.41 -14.07
N THR D 37 12.90 -58.92 -13.80
CA THR D 37 12.42 -57.69 -14.41
C THR D 37 12.73 -56.31 -13.86
N ALA D 38 12.01 -55.90 -12.82
CA ALA D 38 12.19 -54.58 -12.22
C ALA D 38 13.45 -54.19 -11.48
N GLY D 39 13.79 -52.91 -11.58
CA GLY D 39 14.98 -52.40 -10.95
C GLY D 39 14.81 -51.99 -9.51
N GLU D 40 14.47 -52.95 -8.66
CA GLU D 40 14.33 -52.64 -7.24
C GLU D 40 14.89 -53.73 -6.35
N PRO D 41 15.71 -53.34 -5.35
CA PRO D 41 16.34 -54.24 -4.38
C PRO D 41 15.35 -55.22 -3.81
N ASP D 42 15.88 -56.25 -3.15
CA ASP D 42 15.03 -57.24 -2.52
C ASP D 42 15.15 -56.88 -1.03
N PHE D 43 16.25 -56.20 -0.70
CA PHE D 43 16.51 -55.75 0.67
C PHE D 43 15.37 -54.83 1.08
N ASP D 44 15.09 -54.80 2.37
CA ASP D 44 14.01 -53.97 2.89
C ASP D 44 14.70 -52.78 3.53
N THR D 45 14.13 -51.60 3.33
CA THR D 45 14.65 -50.35 3.89
C THR D 45 15.10 -50.53 5.35
N PRO D 46 16.37 -50.18 5.66
CA PRO D 46 17.02 -50.27 6.98
C PRO D 46 16.14 -49.86 8.15
N GLU D 47 16.33 -50.53 9.28
CA GLU D 47 15.57 -50.22 10.48
C GLU D 47 15.75 -48.81 11.00
N HIS D 48 16.98 -48.30 10.98
CA HIS D 48 17.21 -46.96 11.50
C HIS D 48 16.35 -45.93 10.76
N VAL D 49 16.01 -46.23 9.51
CA VAL D 49 15.17 -45.35 8.71
C VAL D 49 13.70 -45.55 9.09
N LYS D 50 13.30 -46.80 9.32
CA LYS D 50 11.93 -47.11 9.70
C LYS D 50 11.57 -46.58 11.07
N GLU D 51 12.51 -46.69 12.01
CA GLU D 51 12.28 -46.24 13.36
C GLU D 51 11.87 -44.78 13.30
N ALA D 52 12.61 -44.01 12.51
CA ALA D 52 12.32 -42.59 12.37
C ALA D 52 11.00 -42.21 11.73
N ALA D 53 10.42 -43.13 10.96
CA ALA D 53 9.14 -42.89 10.30
C ALA D 53 8.07 -43.14 11.34
N ARG D 54 8.40 -43.95 12.34
CA ARG D 54 7.47 -44.29 13.42
C ARG D 54 7.55 -43.10 14.36
N ARG D 55 8.76 -42.62 14.58
CA ARG D 55 9.01 -41.50 15.45
C ARG D 55 8.29 -40.28 14.89
N ALA D 56 8.18 -40.22 13.56
CA ALA D 56 7.51 -39.12 12.87
C ALA D 56 6.02 -39.22 13.17
N LEU D 57 5.45 -40.40 12.96
CA LEU D 57 4.02 -40.62 13.21
C LEU D 57 3.71 -40.35 14.67
N ALA D 58 4.60 -40.81 15.53
CA ALA D 58 4.46 -40.68 16.97
C ALA D 58 4.38 -39.23 17.42
N GLN D 59 5.09 -38.36 16.73
CA GLN D 59 5.08 -36.95 17.07
C GLN D 59 4.07 -36.23 16.18
N GLY D 60 3.20 -37.00 15.54
CA GLY D 60 2.18 -36.45 14.67
C GLY D 60 2.73 -35.51 13.62
N LYS D 61 3.77 -35.96 12.91
CA LYS D 61 4.40 -35.15 11.87
C LYS D 61 3.69 -35.40 10.54
N THR D 62 2.35 -35.34 10.57
CA THR D 62 1.53 -35.59 9.40
C THR D 62 0.80 -34.46 8.67
N LYS D 63 1.31 -33.23 8.77
CA LYS D 63 0.68 -32.07 8.14
C LYS D 63 1.28 -31.80 6.75
N TYR D 64 0.89 -30.72 6.10
CA TYR D 64 1.43 -30.40 4.77
C TYR D 64 2.88 -29.94 5.00
N ALA D 65 3.67 -29.98 3.92
CA ALA D 65 5.07 -29.53 3.97
C ALA D 65 5.24 -28.61 2.74
N PRO D 66 6.29 -27.75 2.73
CA PRO D 66 6.54 -26.85 1.60
C PRO D 66 6.63 -27.60 0.29
N PRO D 67 6.24 -26.96 -0.83
CA PRO D 67 6.32 -27.68 -2.09
C PRO D 67 7.76 -28.10 -2.41
N ALA D 68 8.71 -27.39 -1.82
CA ALA D 68 10.12 -27.68 -2.04
C ALA D 68 10.69 -28.67 -1.03
N GLY D 69 9.87 -29.07 -0.06
CA GLY D 69 10.30 -30.01 0.97
C GLY D 69 10.72 -29.36 2.29
N ILE D 70 10.60 -30.13 3.38
CA ILE D 70 10.95 -29.62 4.71
C ILE D 70 12.36 -29.04 4.71
N PRO D 71 12.56 -27.91 5.39
CA PRO D 71 13.84 -27.20 5.48
C PRO D 71 14.99 -28.04 6.05
N GLU D 72 14.63 -29.12 6.73
CA GLU D 72 15.62 -29.98 7.35
C GLU D 72 16.24 -30.94 6.36
N LEU D 73 15.38 -31.69 5.68
CA LEU D 73 15.81 -32.66 4.68
C LEU D 73 16.56 -31.84 3.64
N ARG D 74 16.11 -30.62 3.43
CA ARG D 74 16.68 -29.71 2.46
C ARG D 74 18.08 -29.28 2.81
N GLU D 75 18.39 -29.22 4.10
CA GLU D 75 19.72 -28.78 4.53
C GLU D 75 20.72 -29.92 4.55
N ALA D 76 20.23 -31.13 4.79
CA ALA D 76 21.09 -32.31 4.82
C ALA D 76 21.43 -32.60 3.36
N LEU D 77 20.52 -32.21 2.48
CA LEU D 77 20.69 -32.42 1.05
C LEU D 77 21.80 -31.49 0.53
N ALA D 78 21.94 -30.33 1.16
CA ALA D 78 22.97 -29.40 0.72
C ALA D 78 24.33 -29.88 1.21
N GLU D 79 24.34 -30.88 2.08
CA GLU D 79 25.60 -31.42 2.60
C GLU D 79 25.91 -32.74 1.94
N LYS D 80 24.89 -33.39 1.39
CA LYS D 80 25.07 -34.68 0.72
C LYS D 80 25.79 -34.27 -0.57
N PHE D 81 25.11 -33.49 -1.40
CA PHE D 81 25.67 -33.02 -2.67
C PHE D 81 26.99 -32.33 -2.47
N ARG D 82 27.20 -31.85 -1.27
CA ARG D 82 28.42 -31.15 -0.94
C ARG D 82 29.53 -32.05 -0.50
N ARG D 83 29.28 -32.72 0.62
CA ARG D 83 30.20 -33.65 1.26
C ARG D 83 30.47 -34.81 0.31
N GLU D 84 29.42 -35.51 -0.09
CA GLU D 84 29.56 -36.63 -1.00
C GLU D 84 29.87 -36.22 -2.43
N ASN D 85 28.89 -35.64 -3.13
CA ASN D 85 29.08 -35.21 -4.51
C ASN D 85 30.04 -34.09 -4.88
N GLY D 86 30.72 -33.53 -3.88
CA GLY D 86 31.67 -32.46 -4.16
C GLY D 86 31.08 -31.15 -4.68
N LEU D 87 29.78 -31.17 -4.96
CA LEU D 87 29.06 -30.01 -5.45
C LEU D 87 29.07 -28.96 -4.36
N SER D 88 28.76 -27.72 -4.75
CA SER D 88 28.69 -26.62 -3.80
C SER D 88 27.43 -25.82 -3.96
N VAL D 89 26.38 -26.34 -3.32
CA VAL D 89 25.04 -25.76 -3.33
C VAL D 89 24.62 -25.35 -1.93
N THR D 90 23.74 -24.34 -1.84
CA THR D 90 23.21 -23.90 -0.57
C THR D 90 21.82 -24.55 -0.66
N PRO D 91 21.13 -24.70 0.47
CA PRO D 91 19.80 -25.33 0.49
C PRO D 91 18.75 -24.77 -0.50
N GLU D 92 18.87 -23.49 -0.86
CA GLU D 92 17.93 -22.85 -1.80
C GLU D 92 17.98 -23.50 -3.16
N GLU D 93 19.10 -24.15 -3.42
CA GLU D 93 19.37 -24.82 -4.68
C GLU D 93 19.18 -26.32 -4.53
N THR D 94 18.35 -26.71 -3.56
CA THR D 94 18.07 -28.10 -3.29
C THR D 94 16.55 -28.23 -3.42
N ILE D 95 16.08 -29.44 -3.69
CA ILE D 95 14.64 -29.68 -3.83
C ILE D 95 14.30 -31.16 -3.64
N VAL D 96 13.25 -31.40 -2.89
CA VAL D 96 12.78 -32.76 -2.60
C VAL D 96 11.60 -33.02 -3.53
N THR D 97 11.66 -34.13 -4.27
CA THR D 97 10.57 -34.45 -5.17
C THR D 97 10.05 -35.87 -4.99
N VAL D 98 8.91 -36.16 -5.59
CA VAL D 98 8.28 -37.47 -5.48
C VAL D 98 9.00 -38.52 -6.35
N GLY D 99 10.17 -38.92 -5.86
CA GLY D 99 10.98 -39.89 -6.57
C GLY D 99 11.96 -39.23 -7.52
N GLY D 100 12.75 -40.05 -8.20
CA GLY D 100 13.70 -39.54 -9.17
C GLY D 100 12.88 -39.06 -10.34
N SER D 101 11.80 -39.79 -10.59
CA SER D 101 10.86 -39.52 -11.68
C SER D 101 10.32 -38.09 -11.67
N GLN D 102 9.87 -37.64 -10.51
CA GLN D 102 9.33 -36.28 -10.39
C GLN D 102 10.37 -35.21 -10.66
N ALA D 103 11.56 -35.40 -10.12
CA ALA D 103 12.64 -34.42 -10.32
C ALA D 103 13.04 -34.25 -11.78
N LEU D 104 12.78 -35.27 -12.60
CA LEU D 104 13.10 -35.21 -14.02
C LEU D 104 11.86 -34.63 -14.72
N PHE D 105 10.69 -35.16 -14.42
CA PHE D 105 9.43 -34.71 -15.00
C PHE D 105 9.16 -33.21 -14.77
N ASN D 106 9.55 -32.70 -13.61
CA ASN D 106 9.35 -31.29 -13.26
C ASN D 106 10.43 -30.55 -14.00
N LEU D 107 11.61 -31.14 -14.02
CA LEU D 107 12.76 -30.58 -14.69
C LEU D 107 12.57 -30.32 -16.18
N PHE D 108 11.93 -31.26 -16.88
CA PHE D 108 11.69 -31.13 -18.32
C PHE D 108 10.58 -30.15 -18.67
N GLN D 109 9.62 -30.00 -17.75
CA GLN D 109 8.49 -29.10 -17.95
C GLN D 109 8.89 -27.66 -17.68
N ALA D 110 9.93 -27.48 -16.87
CA ALA D 110 10.40 -26.15 -16.52
C ALA D 110 11.44 -25.56 -17.46
N ILE D 111 12.02 -26.40 -18.32
CA ILE D 111 13.03 -25.93 -19.27
C ILE D 111 12.72 -26.28 -20.72
N LEU D 112 11.64 -27.01 -20.95
CA LEU D 112 11.28 -27.38 -22.30
C LEU D 112 10.11 -26.65 -22.92
N ASP D 113 10.39 -25.86 -23.95
CA ASP D 113 9.33 -25.17 -24.67
C ASP D 113 9.11 -26.14 -25.81
N PRO D 114 7.92 -26.16 -26.39
CA PRO D 114 7.68 -27.08 -27.50
C PRO D 114 8.73 -26.95 -28.59
N GLY D 115 9.09 -28.09 -29.16
CA GLY D 115 10.08 -28.14 -30.22
C GLY D 115 11.54 -28.01 -29.80
N ASP D 116 11.81 -27.90 -28.49
CA ASP D 116 13.18 -27.78 -28.02
C ASP D 116 13.78 -29.18 -28.19
N GLU D 117 15.08 -29.26 -28.45
CA GLU D 117 15.72 -30.56 -28.63
C GLU D 117 16.44 -31.00 -27.37
N VAL D 118 16.39 -32.31 -27.10
CA VAL D 118 17.06 -32.87 -25.92
C VAL D 118 17.80 -34.09 -26.42
N ILE D 119 19.11 -34.16 -26.16
CA ILE D 119 19.92 -35.29 -26.60
C ILE D 119 20.01 -36.38 -25.55
N VAL D 120 19.48 -37.54 -25.88
CA VAL D 120 19.52 -38.68 -24.98
C VAL D 120 20.55 -39.59 -25.64
N LEU D 121 21.32 -40.33 -24.84
CA LEU D 121 22.33 -41.22 -25.38
C LEU D 121 21.79 -42.64 -25.20
N SER D 122 21.61 -43.37 -26.30
CA SER D 122 21.11 -44.74 -26.26
C SER D 122 22.18 -45.82 -26.04
N PRO D 123 21.84 -46.91 -25.35
CA PRO D 123 20.56 -47.28 -24.74
C PRO D 123 20.27 -46.40 -23.53
N TYR D 124 19.02 -45.98 -23.41
CA TYR D 124 18.59 -45.13 -22.31
C TYR D 124 17.45 -45.76 -21.54
N TRP D 125 17.24 -45.29 -20.31
CA TRP D 125 16.16 -45.79 -19.47
C TRP D 125 14.83 -45.37 -20.10
N VAL D 126 13.96 -46.35 -20.29
CA VAL D 126 12.65 -46.16 -20.90
C VAL D 126 11.83 -44.85 -20.87
N SER D 127 11.96 -44.11 -19.78
CA SER D 127 11.23 -42.87 -19.62
C SER D 127 11.70 -41.60 -20.28
N TYR D 128 12.97 -41.26 -20.09
CA TYR D 128 13.56 -40.06 -20.67
C TYR D 128 12.96 -39.46 -21.95
N PRO D 129 12.73 -40.31 -22.97
CA PRO D 129 12.15 -39.80 -24.21
C PRO D 129 10.70 -39.40 -23.97
N GLU D 130 9.94 -40.29 -23.31
CA GLU D 130 8.54 -40.03 -22.99
C GLU D 130 8.33 -38.76 -22.21
N MET D 131 9.26 -38.45 -21.33
CA MET D 131 9.16 -37.24 -20.51
C MET D 131 9.50 -36.07 -21.42
N VAL D 132 10.63 -36.19 -22.13
CA VAL D 132 11.08 -35.15 -23.05
C VAL D 132 10.05 -34.82 -24.13
N ARG D 133 9.22 -35.82 -24.47
CA ARG D 133 8.16 -35.63 -25.47
C ARG D 133 6.86 -35.09 -24.92
N PHE D 134 6.52 -35.52 -23.71
CA PHE D 134 5.29 -35.11 -23.06
C PHE D 134 5.38 -33.60 -22.77
N ALA D 135 6.59 -33.05 -22.84
CA ALA D 135 6.80 -31.64 -22.56
C ALA D 135 6.83 -30.79 -23.82
N GLY D 136 6.85 -31.43 -24.99
CA GLY D 136 6.85 -30.69 -26.24
C GLY D 136 8.18 -30.79 -26.96
N GLY D 137 9.22 -31.18 -26.22
CA GLY D 137 10.55 -31.33 -26.82
C GLY D 137 10.66 -32.45 -27.84
N VAL D 138 11.83 -32.55 -28.47
CA VAL D 138 12.07 -33.58 -29.47
C VAL D 138 13.34 -34.33 -29.05
N VAL D 139 13.32 -35.65 -29.26
CA VAL D 139 14.44 -36.52 -28.92
C VAL D 139 15.48 -36.68 -30.03
N VAL D 140 16.69 -36.18 -29.76
CA VAL D 140 17.82 -36.25 -30.69
C VAL D 140 18.69 -37.24 -29.95
N GLU D 141 18.75 -38.48 -30.42
CA GLU D 141 19.59 -39.46 -29.74
C GLU D 141 20.97 -39.84 -30.29
N VAL D 142 21.97 -39.80 -29.42
CA VAL D 142 23.32 -40.15 -29.79
C VAL D 142 23.49 -41.59 -29.33
N GLU D 143 23.98 -42.45 -30.20
CA GLU D 143 24.22 -43.85 -29.88
C GLU D 143 25.50 -44.00 -29.05
N THR D 144 25.58 -45.08 -28.30
CA THR D 144 26.77 -45.36 -27.51
C THR D 144 26.93 -46.84 -27.83
N LEU D 145 28.16 -47.21 -28.16
CA LEU D 145 28.50 -48.56 -28.57
C LEU D 145 29.01 -49.64 -27.64
N PRO D 146 28.48 -50.86 -27.80
CA PRO D 146 28.92 -52.00 -26.97
C PRO D 146 30.41 -52.23 -27.12
N GLU D 147 30.95 -51.94 -28.30
CA GLU D 147 32.38 -52.09 -28.53
C GLU D 147 33.16 -51.04 -27.76
N GLU D 148 32.51 -49.92 -27.44
CA GLU D 148 33.14 -48.85 -26.71
C GLU D 148 32.79 -48.95 -25.23
N GLY D 149 32.06 -49.99 -24.91
CA GLY D 149 31.67 -50.23 -23.54
C GLY D 149 30.57 -49.29 -23.12
N PHE D 150 29.76 -48.89 -24.12
CA PHE D 150 28.66 -47.97 -23.90
C PHE D 150 28.96 -46.58 -23.35
N VAL D 151 30.20 -46.32 -22.98
CA VAL D 151 30.57 -45.00 -22.49
C VAL D 151 30.53 -44.16 -23.76
N PRO D 152 29.88 -42.98 -23.70
CA PRO D 152 29.71 -42.04 -24.80
C PRO D 152 31.01 -41.39 -25.28
N ASP D 153 31.05 -41.04 -26.56
CA ASP D 153 32.21 -40.35 -27.13
C ASP D 153 31.72 -38.95 -27.44
N PRO D 154 32.19 -37.97 -26.66
CA PRO D 154 31.86 -36.55 -26.76
C PRO D 154 31.88 -35.92 -28.16
N GLU D 155 32.38 -36.63 -29.16
CA GLU D 155 32.40 -36.04 -30.49
C GLU D 155 31.11 -36.39 -31.19
N ARG D 156 30.62 -37.62 -31.05
CA ARG D 156 29.36 -38.00 -31.66
C ARG D 156 28.30 -37.09 -31.02
N VAL D 157 28.56 -36.73 -29.76
CA VAL D 157 27.65 -35.84 -29.05
C VAL D 157 27.79 -34.40 -29.52
N ARG D 158 29.02 -33.85 -29.53
CA ARG D 158 29.25 -32.48 -29.98
C ARG D 158 28.59 -32.33 -31.34
N ARG D 159 28.77 -33.34 -32.15
CA ARG D 159 28.20 -33.43 -33.47
C ARG D 159 26.70 -33.18 -33.48
N ALA D 160 26.00 -33.76 -32.51
CA ALA D 160 24.55 -33.63 -32.38
C ALA D 160 23.91 -32.32 -31.94
N ILE D 161 24.75 -31.40 -31.46
CA ILE D 161 24.30 -30.09 -31.00
C ILE D 161 23.76 -29.14 -32.08
N THR D 162 22.46 -28.83 -32.02
CA THR D 162 21.85 -27.89 -32.97
C THR D 162 21.55 -26.63 -32.15
N PRO D 163 21.03 -25.56 -32.80
CA PRO D 163 20.71 -24.32 -32.10
C PRO D 163 19.42 -24.44 -31.29
N ARG D 164 18.75 -25.58 -31.44
CA ARG D 164 17.51 -25.89 -30.75
C ARG D 164 17.90 -26.61 -29.47
N THR D 165 18.96 -27.41 -29.56
CA THR D 165 19.44 -28.16 -28.42
C THR D 165 19.44 -27.37 -27.11
N LYS D 166 18.51 -27.76 -26.25
CA LYS D 166 18.31 -27.14 -24.94
C LYS D 166 18.93 -27.94 -23.79
N ALA D 167 18.84 -29.27 -23.88
CA ALA D 167 19.40 -30.13 -22.83
C ALA D 167 20.00 -31.46 -23.29
N LEU D 168 20.90 -31.98 -22.45
CA LEU D 168 21.59 -33.25 -22.70
C LEU D 168 21.50 -34.09 -21.43
N VAL D 169 21.06 -35.33 -21.61
CA VAL D 169 20.88 -36.26 -20.51
C VAL D 169 21.94 -37.36 -20.36
N VAL D 170 22.75 -37.29 -19.30
CA VAL D 170 23.78 -38.31 -19.07
C VAL D 170 23.37 -39.08 -17.81
N ASN D 171 23.73 -40.36 -17.76
CA ASN D 171 23.38 -41.25 -16.65
C ASN D 171 24.47 -42.24 -16.18
N SER D 172 25.27 -41.84 -15.18
CA SER D 172 26.33 -42.70 -14.64
C SER D 172 26.32 -42.92 -13.14
N PRO D 173 26.21 -44.19 -12.68
CA PRO D 173 26.05 -45.47 -13.40
C PRO D 173 24.88 -45.45 -14.39
N ASN D 174 24.88 -46.43 -15.29
CA ASN D 174 23.88 -46.52 -16.34
C ASN D 174 22.79 -47.59 -16.33
N ASN D 175 21.56 -47.19 -16.62
CA ASN D 175 20.46 -48.15 -16.72
C ASN D 175 20.26 -47.94 -18.23
N PRO D 176 20.22 -49.04 -19.02
CA PRO D 176 20.32 -50.45 -18.66
C PRO D 176 21.69 -51.14 -18.84
N THR D 177 22.73 -50.40 -19.20
CA THR D 177 24.03 -51.01 -19.42
C THR D 177 25.00 -51.24 -18.26
N GLY D 178 24.83 -50.47 -17.18
CA GLY D 178 25.70 -50.61 -16.01
C GLY D 178 27.02 -49.87 -16.15
N ALA D 179 27.21 -49.14 -17.24
CA ALA D 179 28.44 -48.40 -17.47
C ALA D 179 28.71 -47.18 -16.57
N VAL D 180 29.90 -47.12 -15.98
CA VAL D 180 30.24 -45.98 -15.14
C VAL D 180 31.13 -45.08 -16.00
N TYR D 181 30.63 -43.89 -16.34
CA TYR D 181 31.38 -42.94 -17.13
C TYR D 181 32.54 -42.36 -16.35
N PRO D 182 33.73 -42.36 -16.96
CA PRO D 182 34.93 -41.83 -16.32
C PRO D 182 35.01 -40.31 -16.31
N LYS D 183 35.54 -39.81 -15.20
CA LYS D 183 35.74 -38.40 -14.96
C LYS D 183 35.92 -37.51 -16.18
N GLU D 184 36.82 -37.90 -17.08
CA GLU D 184 37.10 -37.11 -18.28
C GLU D 184 36.02 -37.01 -19.35
N VAL D 185 35.23 -38.07 -19.52
CA VAL D 185 34.16 -38.05 -20.52
C VAL D 185 33.13 -37.11 -19.92
N LEU D 186 32.79 -37.35 -18.66
CA LEU D 186 31.81 -36.56 -17.93
C LEU D 186 32.18 -35.10 -17.91
N GLU D 187 33.47 -34.86 -17.73
CA GLU D 187 34.04 -33.52 -17.66
C GLU D 187 34.03 -32.91 -19.06
N ALA D 188 34.00 -33.77 -20.07
CA ALA D 188 33.97 -33.30 -21.46
C ALA D 188 32.57 -32.88 -21.85
N LEU D 189 31.60 -33.76 -21.61
CA LEU D 189 30.19 -33.52 -21.91
C LEU D 189 29.76 -32.23 -21.22
N ALA D 190 30.32 -31.95 -20.06
CA ALA D 190 30.00 -30.74 -19.31
C ALA D 190 30.45 -29.50 -20.06
N ARG D 191 31.65 -29.57 -20.64
CA ARG D 191 32.21 -28.48 -21.41
C ARG D 191 31.50 -28.21 -22.73
N LEU D 192 30.74 -29.19 -23.20
CA LEU D 192 29.97 -29.02 -24.43
C LEU D 192 28.79 -28.12 -24.04
N ALA D 193 28.20 -28.42 -22.88
CA ALA D 193 27.06 -27.69 -22.36
C ALA D 193 27.46 -26.25 -22.11
N VAL D 194 28.68 -26.06 -21.61
CA VAL D 194 29.18 -24.73 -21.32
C VAL D 194 29.41 -24.01 -22.62
N GLU D 195 30.11 -24.67 -23.53
CA GLU D 195 30.46 -24.10 -24.82
C GLU D 195 29.30 -23.74 -25.76
N HIS D 196 28.25 -24.55 -25.72
CA HIS D 196 27.08 -24.35 -26.55
C HIS D 196 25.84 -23.91 -25.81
N ASP D 197 26.06 -23.46 -24.59
CA ASP D 197 25.00 -22.95 -23.73
C ASP D 197 23.76 -23.80 -23.58
N PHE D 198 23.85 -24.86 -22.80
CA PHE D 198 22.69 -25.66 -22.54
C PHE D 198 22.79 -26.38 -21.20
N TYR D 199 21.65 -26.83 -20.71
CA TYR D 199 21.55 -27.53 -19.44
C TYR D 199 22.03 -28.97 -19.59
N LEU D 200 22.72 -29.45 -18.55
CA LEU D 200 23.23 -30.81 -18.52
C LEU D 200 22.47 -31.43 -17.34
N VAL D 201 21.59 -32.37 -17.64
CA VAL D 201 20.81 -33.07 -16.61
C VAL D 201 21.72 -34.25 -16.33
N SER D 202 21.96 -34.54 -15.07
CA SER D 202 22.83 -35.65 -14.69
C SER D 202 22.05 -36.54 -13.72
N ASP D 203 21.63 -37.71 -14.20
CA ASP D 203 20.86 -38.64 -13.37
C ASP D 203 21.69 -39.62 -12.55
N GLU D 204 22.46 -39.12 -11.59
CA GLU D 204 23.30 -39.99 -10.74
C GLU D 204 22.65 -40.69 -9.53
N ILE D 205 21.56 -41.41 -9.80
CA ILE D 205 20.80 -42.14 -8.79
C ILE D 205 21.38 -43.49 -8.33
N TYR D 206 22.33 -44.04 -9.08
CA TYR D 206 22.98 -45.31 -8.71
C TYR D 206 24.41 -45.01 -8.25
N GLU D 207 24.70 -43.74 -7.97
CA GLU D 207 26.04 -43.34 -7.55
C GLU D 207 26.65 -44.29 -6.52
N HIS D 208 25.78 -44.91 -5.72
CA HIS D 208 26.23 -45.83 -4.69
C HIS D 208 26.43 -47.29 -5.02
N LEU D 209 25.81 -47.71 -6.12
CA LEU D 209 25.91 -49.08 -6.58
C LEU D 209 27.04 -49.02 -7.59
N LEU D 210 28.22 -48.69 -7.10
CA LEU D 210 29.40 -48.57 -7.92
C LEU D 210 30.43 -49.57 -7.42
N TYR D 211 30.50 -50.69 -8.13
CA TYR D 211 31.42 -51.80 -7.86
C TYR D 211 32.89 -51.55 -8.16
N GLU D 212 33.14 -50.91 -9.29
CA GLU D 212 34.52 -50.58 -9.67
C GLU D 212 34.60 -49.31 -10.47
N GLY D 213 35.30 -48.32 -9.90
CA GLY D 213 35.49 -47.03 -10.52
C GLY D 213 35.24 -45.94 -9.50
N GLU D 214 35.31 -44.69 -9.92
CA GLU D 214 35.03 -43.58 -8.99
C GLU D 214 33.84 -42.80 -9.57
N HIS D 215 33.03 -42.23 -8.68
CA HIS D 215 31.86 -41.45 -9.12
C HIS D 215 32.10 -39.94 -9.21
N PHE D 216 32.04 -39.42 -10.42
CA PHE D 216 32.24 -37.99 -10.65
C PHE D 216 30.91 -37.31 -10.96
N SER D 217 30.66 -36.18 -10.30
CA SER D 217 29.43 -35.44 -10.49
C SER D 217 29.88 -34.33 -11.43
N PRO D 218 29.36 -34.31 -12.65
CA PRO D 218 29.73 -33.30 -13.65
C PRO D 218 29.44 -31.88 -13.19
N GLY D 219 28.55 -31.76 -12.22
CA GLY D 219 28.19 -30.45 -11.69
C GLY D 219 29.32 -29.66 -11.05
N ARG D 220 30.38 -30.35 -10.68
CA ARG D 220 31.54 -29.72 -10.04
C ARG D 220 32.14 -28.81 -11.09
N VAL D 221 32.03 -29.29 -12.32
CA VAL D 221 32.51 -28.66 -13.52
C VAL D 221 31.74 -27.47 -14.13
N ALA D 222 30.49 -27.72 -14.49
CA ALA D 222 29.64 -26.67 -15.06
C ALA D 222 28.54 -26.48 -14.02
N PRO D 223 28.79 -25.68 -12.97
CA PRO D 223 27.77 -25.48 -11.94
C PRO D 223 26.57 -24.62 -12.36
N GLU D 224 26.70 -23.89 -13.46
CA GLU D 224 25.60 -23.05 -13.94
C GLU D 224 24.69 -23.67 -14.96
N HIS D 225 25.13 -24.77 -15.54
CA HIS D 225 24.35 -25.46 -16.56
C HIS D 225 23.96 -26.85 -16.09
N THR D 226 24.64 -27.36 -15.07
CA THR D 226 24.34 -28.71 -14.61
C THR D 226 23.20 -28.82 -13.61
N LEU D 227 22.38 -29.84 -13.81
CA LEU D 227 21.23 -30.06 -12.95
C LEU D 227 21.28 -31.49 -12.45
N THR D 228 21.88 -31.66 -11.27
CA THR D 228 22.03 -32.97 -10.63
C THR D 228 20.70 -33.55 -10.16
N VAL D 229 20.47 -34.83 -10.46
CA VAL D 229 19.23 -35.50 -10.09
C VAL D 229 19.42 -36.84 -9.38
N ASN D 230 19.35 -36.81 -8.05
CA ASN D 230 19.54 -38.02 -7.23
C ASN D 230 18.22 -38.61 -6.73
N GLY D 231 18.33 -39.55 -5.80
CA GLY D 231 17.16 -40.19 -5.23
C GLY D 231 17.48 -41.19 -4.13
N ALA D 232 16.67 -41.21 -3.08
CA ALA D 232 16.89 -42.12 -1.96
C ALA D 232 16.20 -43.47 -2.15
N ALA D 233 15.94 -43.82 -3.40
CA ALA D 233 15.25 -45.05 -3.74
C ALA D 233 16.03 -46.32 -4.01
N LYS D 234 17.31 -46.18 -4.34
CA LYS D 234 18.18 -47.33 -4.64
C LYS D 234 19.17 -47.63 -3.51
N ALA D 235 19.81 -46.57 -3.03
CA ALA D 235 20.80 -46.66 -1.96
C ALA D 235 20.23 -47.22 -0.68
N PHE D 236 18.99 -46.83 -0.37
CA PHE D 236 18.33 -47.27 0.85
C PHE D 236 17.13 -48.19 0.79
N ALA D 237 17.00 -48.94 -0.30
CA ALA D 237 15.89 -49.86 -0.48
C ALA D 237 14.52 -49.20 -0.29
N MET D 238 14.50 -47.89 -0.50
CA MET D 238 13.29 -47.08 -0.36
C MET D 238 12.52 -46.77 -1.65
N THR D 239 12.27 -47.80 -2.46
CA THR D 239 11.54 -47.58 -3.72
C THR D 239 10.08 -47.24 -3.48
N GLY D 240 9.48 -47.87 -2.48
CA GLY D 240 8.09 -47.60 -2.18
C GLY D 240 7.84 -46.28 -1.46
N TRP D 241 8.90 -45.66 -0.95
CA TRP D 241 8.75 -44.39 -0.23
C TRP D 241 8.53 -43.20 -1.16
N ARG D 242 9.00 -43.33 -2.39
CA ARG D 242 8.85 -42.26 -3.37
C ARG D 242 9.48 -40.93 -2.96
N ILE D 243 10.77 -40.93 -2.65
CA ILE D 243 11.45 -39.69 -2.30
C ILE D 243 12.63 -39.55 -3.25
N GLY D 244 12.76 -38.36 -3.81
CA GLY D 244 13.84 -38.09 -4.73
C GLY D 244 14.34 -36.72 -4.36
N TYR D 245 15.49 -36.35 -4.89
CA TYR D 245 16.05 -35.04 -4.60
C TYR D 245 16.89 -34.59 -5.78
N ALA D 246 17.13 -33.30 -5.84
CA ALA D 246 17.90 -32.74 -6.92
C ALA D 246 18.43 -31.37 -6.54
N CYS D 247 19.28 -30.84 -7.40
CA CYS D 247 19.86 -29.55 -7.16
C CYS D 247 20.47 -28.98 -8.43
N GLY D 248 20.79 -27.69 -8.36
CA GLY D 248 21.36 -26.99 -9.49
C GLY D 248 21.14 -25.53 -9.27
N PRO D 249 21.09 -24.72 -10.36
CA PRO D 249 20.87 -23.27 -10.36
C PRO D 249 19.57 -22.87 -9.68
N LYS D 250 19.68 -21.98 -8.70
CA LYS D 250 18.56 -21.47 -7.91
C LYS D 250 17.40 -21.24 -8.89
N GLU D 251 17.66 -20.41 -9.89
CA GLU D 251 16.69 -20.07 -10.94
C GLU D 251 15.81 -21.21 -11.45
N VAL D 252 16.42 -22.35 -11.76
CA VAL D 252 15.67 -23.50 -12.27
C VAL D 252 15.06 -24.34 -11.15
N ILE D 253 15.58 -24.16 -9.94
CA ILE D 253 15.09 -24.92 -8.80
C ILE D 253 13.72 -24.48 -8.32
N LYS D 254 13.50 -23.16 -8.24
CA LYS D 254 12.22 -22.64 -7.79
C LYS D 254 11.15 -22.93 -8.86
N ALA D 255 11.58 -23.02 -10.12
CA ALA D 255 10.68 -23.30 -11.22
C ALA D 255 10.18 -24.75 -11.12
N MET D 256 11.02 -25.62 -10.59
CA MET D 256 10.67 -27.03 -10.41
C MET D 256 9.78 -27.15 -9.18
N ALA D 257 9.97 -26.22 -8.24
CA ALA D 257 9.21 -26.15 -7.00
C ALA D 257 7.80 -25.68 -7.33
N SER D 258 7.69 -24.84 -8.36
CA SER D 258 6.39 -24.35 -8.81
C SER D 258 5.61 -25.52 -9.40
N VAL D 259 6.18 -26.22 -10.38
CA VAL D 259 5.48 -27.36 -10.98
C VAL D 259 5.20 -28.41 -9.92
N SER D 260 6.05 -28.44 -8.90
CA SER D 260 5.93 -29.39 -7.79
C SER D 260 4.59 -29.12 -7.09
N ARG D 261 4.33 -27.84 -6.82
CA ARG D 261 3.12 -27.41 -6.15
C ARG D 261 1.82 -27.69 -6.91
N GLN D 262 1.74 -27.24 -8.15
CA GLN D 262 0.53 -27.45 -8.94
C GLN D 262 0.21 -28.92 -9.13
N SER D 263 1.24 -29.76 -9.10
CA SER D 263 1.03 -31.18 -9.28
C SER D 263 0.78 -32.07 -8.06
N THR D 264 1.67 -31.99 -7.08
CA THR D 264 1.56 -32.80 -5.87
C THR D 264 1.50 -32.02 -4.56
N THR D 265 1.83 -30.73 -4.64
CA THR D 265 1.86 -29.79 -3.51
C THR D 265 3.23 -29.99 -2.90
N SER D 266 3.50 -31.22 -2.47
CA SER D 266 4.77 -31.59 -1.84
C SER D 266 4.65 -33.07 -1.54
N PRO D 267 5.80 -33.75 -1.36
CA PRO D 267 5.81 -35.19 -1.06
C PRO D 267 5.43 -35.49 0.39
N ASP D 268 5.21 -36.79 0.64
CA ASP D 268 4.84 -37.32 1.95
C ASP D 268 5.66 -36.60 3.02
N THR D 269 5.05 -36.32 4.17
CA THR D 269 5.79 -35.64 5.23
C THR D 269 6.45 -36.68 6.13
N ILE D 270 5.82 -37.84 6.26
CA ILE D 270 6.37 -38.91 7.09
C ILE D 270 7.63 -39.35 6.36
N ALA D 271 7.48 -39.62 5.06
CA ALA D 271 8.61 -40.05 4.23
C ALA D 271 9.81 -39.12 4.14
N GLN D 272 9.59 -37.81 4.24
CA GLN D 272 10.69 -36.85 4.20
C GLN D 272 11.47 -36.92 5.52
N TRP D 273 10.77 -37.23 6.61
CA TRP D 273 11.43 -37.34 7.91
C TRP D 273 12.29 -38.59 7.93
N ALA D 274 11.73 -39.70 7.42
CA ALA D 274 12.45 -40.97 7.35
C ALA D 274 13.71 -40.80 6.49
N THR D 275 13.55 -40.19 5.31
CA THR D 275 14.67 -39.95 4.42
C THR D 275 15.78 -39.16 5.10
N LEU D 276 15.40 -38.16 5.90
CA LEU D 276 16.36 -37.32 6.61
C LEU D 276 17.24 -38.22 7.46
N GLU D 277 16.64 -39.24 8.09
CA GLU D 277 17.38 -40.16 8.95
C GLU D 277 18.42 -40.97 8.18
N ALA D 278 18.10 -41.25 6.92
CA ALA D 278 19.00 -42.00 6.05
C ALA D 278 20.21 -41.14 5.67
N LEU D 279 20.00 -39.84 5.55
CA LEU D 279 21.07 -38.93 5.17
C LEU D 279 21.93 -38.39 6.27
N THR D 280 21.36 -38.29 7.48
CA THR D 280 22.09 -37.80 8.63
C THR D 280 22.78 -38.82 9.53
N ASN D 281 22.18 -40.00 9.66
CA ASN D 281 22.78 -41.04 10.49
C ASN D 281 23.70 -41.77 9.52
N GLN D 282 24.94 -41.29 9.39
CA GLN D 282 25.93 -41.87 8.48
C GLN D 282 26.28 -43.29 8.93
N GLU D 283 27.31 -43.42 9.74
CA GLU D 283 27.59 -44.68 10.43
C GLU D 283 26.62 -45.85 10.12
N ALA D 284 25.31 -45.62 10.32
CA ALA D 284 24.29 -46.64 10.08
C ALA D 284 23.88 -46.91 8.65
N SER D 285 23.96 -45.88 7.81
CA SER D 285 23.61 -46.01 6.39
C SER D 285 24.81 -46.50 5.62
N ARG D 286 26.00 -46.03 5.99
CA ARG D 286 27.22 -46.43 5.31
C ARG D 286 27.26 -47.93 5.49
N ALA D 287 27.10 -48.37 6.73
CA ALA D 287 27.11 -49.78 7.04
C ALA D 287 26.18 -50.52 6.09
N PHE D 288 24.98 -49.99 5.89
CA PHE D 288 24.03 -50.64 5.01
C PHE D 288 24.40 -50.56 3.55
N VAL D 289 24.92 -49.41 3.13
CA VAL D 289 25.27 -49.19 1.73
C VAL D 289 26.26 -50.26 1.34
N GLU D 290 27.42 -50.31 1.99
CA GLU D 290 28.44 -51.30 1.67
C GLU D 290 27.88 -52.71 1.72
N MET D 291 27.14 -53.00 2.80
CA MET D 291 26.57 -54.32 2.98
C MET D 291 25.80 -54.76 1.75
N ALA D 292 24.92 -53.89 1.27
CA ALA D 292 24.10 -54.19 0.10
C ALA D 292 24.98 -54.33 -1.14
N ARG D 293 25.85 -53.35 -1.35
CA ARG D 293 26.74 -53.35 -2.51
C ARG D 293 27.43 -54.66 -2.76
N GLU D 294 27.93 -55.28 -1.70
CA GLU D 294 28.61 -56.54 -1.86
C GLU D 294 27.69 -57.67 -2.31
N ALA D 295 26.47 -57.70 -1.79
CA ALA D 295 25.53 -58.75 -2.19
C ALA D 295 25.22 -58.55 -3.68
N TYR D 296 25.29 -57.31 -4.15
CA TYR D 296 25.01 -56.98 -5.55
C TYR D 296 26.16 -57.42 -6.45
N ARG D 297 27.38 -57.17 -5.98
CA ARG D 297 28.60 -57.53 -6.70
C ARG D 297 28.64 -59.03 -6.83
N ARG D 298 28.34 -59.73 -5.74
CA ARG D 298 28.33 -61.19 -5.73
C ARG D 298 27.34 -61.75 -6.76
N ARG D 299 26.16 -61.16 -6.81
CA ARG D 299 25.12 -61.59 -7.73
C ARG D 299 25.51 -61.32 -9.18
N ARG D 300 26.21 -60.21 -9.39
CA ARG D 300 26.66 -59.81 -10.72
C ARG D 300 27.58 -60.92 -11.20
N ASP D 301 28.68 -61.10 -10.48
CA ASP D 301 29.65 -62.13 -10.81
C ASP D 301 29.03 -63.50 -11.03
N LEU D 302 28.05 -63.86 -10.20
CA LEU D 302 27.38 -65.16 -10.33
C LEU D 302 26.60 -65.24 -11.65
N LEU D 303 25.98 -64.12 -12.03
CA LEU D 303 25.18 -64.04 -13.26
C LEU D 303 26.15 -64.09 -14.44
N LEU D 304 27.00 -63.07 -14.53
CA LEU D 304 28.00 -62.94 -15.60
C LEU D 304 28.80 -64.16 -15.95
N GLU D 305 28.94 -65.06 -14.99
CA GLU D 305 29.68 -66.30 -15.16
C GLU D 305 28.72 -67.20 -15.91
N GLY D 306 27.71 -67.70 -15.19
CA GLY D 306 26.71 -68.57 -15.81
C GLY D 306 26.23 -68.13 -17.17
N LEU D 307 26.15 -66.82 -17.42
CA LEU D 307 25.70 -66.33 -18.71
C LEU D 307 26.75 -66.78 -19.72
N THR D 308 28.00 -66.44 -19.42
CA THR D 308 29.17 -66.78 -20.24
C THR D 308 29.36 -68.30 -20.36
N ALA D 309 28.90 -69.04 -19.36
CA ALA D 309 29.03 -70.49 -19.35
C ALA D 309 28.05 -71.14 -20.33
N LEU D 310 27.05 -70.37 -20.75
CA LEU D 310 26.06 -70.86 -21.71
C LEU D 310 26.40 -70.18 -23.03
N GLY D 311 27.45 -69.38 -23.01
CA GLY D 311 27.88 -68.67 -24.20
C GLY D 311 26.99 -67.49 -24.50
N LEU D 312 26.11 -67.16 -23.56
CA LEU D 312 25.21 -66.04 -23.72
C LEU D 312 26.08 -64.83 -23.45
N LYS D 313 26.08 -63.96 -24.45
CA LYS D 313 26.83 -62.74 -24.46
C LYS D 313 26.15 -61.64 -23.66
N ALA D 314 26.96 -60.80 -23.01
CA ALA D 314 26.42 -59.70 -22.21
C ALA D 314 27.60 -58.83 -21.80
N VAL D 315 27.38 -57.52 -21.69
CA VAL D 315 28.48 -56.66 -21.26
C VAL D 315 28.55 -56.65 -19.74
N ARG D 316 29.75 -56.44 -19.22
CA ARG D 316 30.01 -56.42 -17.79
C ARG D 316 29.77 -55.04 -17.17
N PRO D 317 28.74 -54.92 -16.30
CA PRO D 317 28.39 -53.67 -15.64
C PRO D 317 29.30 -53.39 -14.45
N SER D 318 29.65 -52.13 -14.26
CA SER D 318 30.50 -51.73 -13.15
C SER D 318 29.64 -50.92 -12.17
N GLY D 319 28.35 -50.85 -12.44
CA GLY D 319 27.45 -50.11 -11.57
C GLY D 319 25.99 -50.54 -11.72
N ALA D 320 25.13 -49.95 -10.87
CA ALA D 320 23.68 -50.25 -10.84
C ALA D 320 23.46 -51.74 -10.71
N PHE D 321 22.31 -52.23 -11.15
CA PHE D 321 22.04 -53.66 -11.11
C PHE D 321 21.34 -54.33 -12.29
N TYR D 322 21.79 -53.97 -13.49
CA TYR D 322 21.25 -54.52 -14.72
C TYR D 322 22.39 -55.01 -15.56
N VAL D 323 22.08 -56.00 -16.38
CA VAL D 323 23.03 -56.61 -17.30
C VAL D 323 22.25 -56.69 -18.59
N LEU D 324 22.84 -56.17 -19.67
CA LEU D 324 22.20 -56.20 -20.97
C LEU D 324 22.69 -57.48 -21.62
N MET D 325 21.76 -58.40 -21.85
CA MET D 325 22.10 -59.68 -22.46
C MET D 325 21.60 -60.00 -23.85
N ASP D 326 22.51 -59.94 -24.81
CA ASP D 326 22.24 -60.25 -26.22
C ASP D 326 21.47 -61.57 -26.36
N THR D 327 20.28 -61.51 -26.96
CA THR D 327 19.47 -62.72 -27.13
C THR D 327 19.63 -63.44 -28.46
N SER D 328 20.61 -63.01 -29.26
CA SER D 328 20.90 -63.59 -30.55
C SER D 328 20.61 -65.10 -30.61
N PRO D 329 21.05 -65.86 -29.58
CA PRO D 329 20.83 -67.31 -29.51
C PRO D 329 19.37 -67.73 -29.28
N ILE D 330 18.77 -67.35 -28.15
CA ILE D 330 17.38 -67.73 -27.85
C ILE D 330 16.37 -67.50 -28.98
N ALA D 331 16.61 -66.45 -29.76
CA ALA D 331 15.73 -66.10 -30.89
C ALA D 331 16.29 -64.86 -31.61
N PRO D 332 15.77 -64.56 -32.83
CA PRO D 332 16.17 -63.42 -33.68
C PRO D 332 16.04 -62.01 -33.07
N ASP D 333 14.84 -61.68 -32.60
CA ASP D 333 14.54 -60.38 -31.99
C ASP D 333 14.67 -60.38 -30.46
N GLU D 334 14.33 -59.26 -29.84
CA GLU D 334 14.38 -59.14 -28.38
C GLU D 334 13.00 -59.58 -27.90
N VAL D 335 11.99 -59.33 -28.74
CA VAL D 335 10.62 -59.63 -28.41
C VAL D 335 10.31 -61.09 -28.18
N ARG D 336 10.42 -61.91 -29.23
CA ARG D 336 10.17 -63.35 -29.04
C ARG D 336 11.11 -64.02 -28.10
N ALA D 337 12.35 -63.57 -28.11
CA ALA D 337 13.33 -64.13 -27.21
C ALA D 337 12.71 -64.05 -25.81
N ALA D 338 12.05 -62.94 -25.53
CA ALA D 338 11.39 -62.73 -24.24
C ALA D 338 10.19 -63.65 -24.07
N GLU D 339 9.46 -63.83 -25.16
CA GLU D 339 8.29 -64.71 -25.15
C GLU D 339 8.71 -66.17 -25.03
N ARG D 340 9.93 -66.47 -25.47
CA ARG D 340 10.49 -67.81 -25.41
C ARG D 340 10.85 -67.99 -23.95
N LEU D 341 11.68 -67.08 -23.46
CA LEU D 341 12.14 -67.06 -22.08
C LEU D 341 11.08 -67.01 -20.99
N LEU D 342 9.93 -66.42 -21.30
CA LEU D 342 8.86 -66.34 -20.32
C LEU D 342 8.27 -67.74 -20.16
N GLU D 343 8.27 -68.50 -21.25
CA GLU D 343 7.77 -69.88 -21.24
C GLU D 343 8.67 -70.67 -20.27
N ALA D 344 9.98 -70.55 -20.46
CA ALA D 344 10.99 -71.22 -19.65
C ALA D 344 10.84 -70.93 -18.17
N GLY D 345 10.02 -69.93 -17.86
CA GLY D 345 9.77 -69.54 -16.48
C GLY D 345 10.63 -68.38 -16.05
N VAL D 346 10.90 -67.46 -16.97
CA VAL D 346 11.70 -66.29 -16.66
C VAL D 346 11.22 -64.99 -17.28
N ALA D 347 10.83 -64.05 -16.43
CA ALA D 347 10.37 -62.76 -16.87
C ALA D 347 11.56 -61.81 -17.01
N VAL D 348 11.75 -61.30 -18.22
CA VAL D 348 12.81 -60.35 -18.54
C VAL D 348 12.16 -59.18 -19.27
N VAL D 349 12.84 -58.04 -19.29
CA VAL D 349 12.33 -56.87 -19.94
C VAL D 349 13.02 -56.73 -21.29
N PRO D 350 12.26 -56.76 -22.41
CA PRO D 350 12.84 -56.63 -23.75
C PRO D 350 13.48 -55.25 -23.93
N GLY D 351 14.65 -55.22 -24.54
CA GLY D 351 15.35 -53.96 -24.74
C GLY D 351 14.92 -53.16 -25.95
N THR D 352 13.71 -53.38 -26.43
CA THR D 352 13.19 -52.66 -27.60
C THR D 352 12.99 -51.18 -27.29
N ASP D 353 12.46 -50.91 -26.11
CA ASP D 353 12.22 -49.54 -25.68
C ASP D 353 13.39 -48.77 -25.11
N PHE D 354 14.44 -49.48 -24.74
CA PHE D 354 15.62 -48.82 -24.20
C PHE D 354 16.55 -48.47 -25.35
N ALA D 355 16.16 -48.85 -26.57
CA ALA D 355 16.94 -48.64 -27.79
C ALA D 355 18.10 -49.63 -27.71
N ALA D 356 17.85 -50.75 -27.03
CA ALA D 356 18.84 -51.82 -26.85
C ALA D 356 18.29 -53.03 -27.59
N PHE D 357 18.18 -52.89 -28.91
CA PHE D 357 17.68 -53.96 -29.79
C PHE D 357 18.60 -55.16 -29.78
N GLY D 358 18.02 -56.32 -30.05
CA GLY D 358 18.80 -57.55 -30.03
C GLY D 358 18.92 -58.06 -28.60
N HIS D 359 19.18 -57.17 -27.65
CA HIS D 359 19.31 -57.56 -26.24
C HIS D 359 18.03 -57.65 -25.44
N VAL D 360 18.18 -58.02 -24.17
CA VAL D 360 17.07 -58.16 -23.24
C VAL D 360 17.73 -57.64 -21.95
N ARG D 361 16.97 -56.96 -21.10
CA ARG D 361 17.49 -56.45 -19.82
C ARG D 361 17.07 -57.28 -18.62
N LEU D 362 18.06 -57.84 -17.94
CA LEU D 362 17.79 -58.61 -16.75
C LEU D 362 18.45 -57.98 -15.53
N SER D 363 17.76 -58.09 -14.39
CA SER D 363 18.18 -57.53 -13.11
C SER D 363 18.71 -58.54 -12.11
N TYR D 364 19.86 -58.26 -11.51
CA TYR D 364 20.44 -59.17 -10.51
C TYR D 364 20.32 -58.61 -9.10
N ALA D 365 19.30 -57.77 -8.90
CA ALA D 365 19.07 -57.16 -7.60
C ALA D 365 18.21 -58.11 -6.79
N THR D 366 17.79 -59.18 -7.43
CA THR D 366 16.96 -60.18 -6.78
C THR D 366 17.80 -61.18 -5.99
N SER D 367 17.13 -62.23 -5.50
CA SER D 367 17.75 -63.29 -4.74
C SER D 367 18.89 -63.94 -5.52
N GLU D 368 19.77 -64.64 -4.82
CA GLU D 368 20.91 -65.32 -5.42
C GLU D 368 20.34 -66.63 -5.91
N GLU D 369 19.55 -67.24 -5.04
CA GLU D 369 18.88 -68.51 -5.30
C GLU D 369 18.17 -68.38 -6.63
N ASN D 370 17.65 -67.18 -6.90
CA ASN D 370 16.89 -66.89 -8.11
C ASN D 370 17.62 -66.68 -9.42
N LEU D 371 18.78 -66.01 -9.34
CA LEU D 371 19.58 -65.76 -10.54
C LEU D 371 19.84 -67.20 -11.02
N ARG D 372 20.08 -68.11 -10.08
CA ARG D 372 20.33 -69.51 -10.41
C ARG D 372 19.13 -70.27 -10.99
N LYS D 373 17.95 -70.12 -10.36
CA LYS D 373 16.72 -70.80 -10.83
C LYS D 373 16.39 -70.31 -12.24
N ALA D 374 16.84 -69.10 -12.55
CA ALA D 374 16.64 -68.49 -13.86
C ALA D 374 17.71 -69.11 -14.78
N LEU D 375 18.97 -69.04 -14.37
CA LEU D 375 20.12 -69.59 -15.13
C LEU D 375 19.99 -71.05 -15.57
N GLU D 376 19.08 -71.78 -14.93
CA GLU D 376 18.86 -73.18 -15.27
C GLU D 376 17.86 -73.28 -16.42
N ARG D 377 16.84 -72.41 -16.42
CA ARG D 377 15.82 -72.39 -17.46
C ARG D 377 16.46 -71.92 -18.75
N PHE D 378 17.40 -70.98 -18.63
CA PHE D 378 18.11 -70.42 -19.78
C PHE D 378 18.74 -71.60 -20.47
N ALA D 379 19.33 -72.50 -19.68
CA ALA D 379 19.98 -73.70 -20.18
C ALA D 379 19.13 -74.47 -21.21
N ARG D 380 18.02 -75.05 -20.76
CA ARG D 380 17.10 -75.79 -21.63
C ARG D 380 16.80 -74.98 -22.89
N VAL D 381 16.12 -73.84 -22.70
CA VAL D 381 15.78 -72.91 -23.78
C VAL D 381 16.95 -72.70 -24.73
N LEU D 382 18.15 -72.63 -24.14
CA LEU D 382 19.42 -72.44 -24.85
C LEU D 382 19.97 -73.62 -25.64
N ASP E . 8.00 26.49 4.35
CA ASP E . 8.21 25.14 3.78
C ASP E . 8.54 24.53 2.57
O ASP E . 9.71 24.04 2.61
CB ASP E . 6.93 24.35 4.20
CG ASP E . 5.59 25.18 3.85
OD1 ASP E . 5.47 25.97 2.83
OD2 ASP E . 4.65 24.88 4.57
OXT ASP E . 7.71 24.56 1.60
N1 PLP F . 10.33 31.19 2.88
C2 PLP F . 10.60 29.89 2.59
C2A PLP F . 11.73 29.59 1.64
C3 PLP F . 9.85 28.85 3.16
O3 PLP F . 10.00 27.61 2.81
C4 PLP F . 8.86 29.08 4.01
C4A PLP F . 8.08 28.07 4.58
C5 PLP F . 8.56 30.44 4.30
C6 PLP F . 9.30 31.47 3.72
C5A PLP F . 7.31 30.84 5.09
O4P PLP F . 7.22 30.68 6.48
P PLP F . 5.78 30.53 7.17
O1P PLP F . 5.95 29.98 8.52
O2P PLP F . 4.91 29.49 6.36
O3P PLP F . 5.06 31.80 7.01
N ASP G . -15.03 45.67 14.30
CA ASP G . -14.92 47.04 13.80
C ASP G . -16.00 47.98 13.60
O ASP G . -17.22 47.56 14.00
CB ASP G . -14.06 47.14 12.54
CG ASP G . -12.67 47.10 12.88
OD1 ASP G . -12.24 46.08 13.41
OD2 ASP G . -12.05 48.17 12.70
OXT ASP G . -15.57 49.19 13.59
N1 PLP H . -17.36 42.89 9.85
C2 PLP H . -17.88 43.92 10.58
C2A PLP H . -19.16 44.50 10.14
C3 PLP H . -17.13 44.47 11.63
O3 PLP H . -17.59 45.50 12.22
C4 PLP H . -15.91 44.05 12.08
C4A PLP H . -15.47 44.46 13.49
C5 PLP H . -15.36 42.94 11.29
C6 PLP H . -16.09 42.42 10.18
C5A PLP H . -14.00 42.42 11.55
O4P PLP H . -13.93 41.00 11.60
P PLP H . -12.76 40.29 12.43
O1P PLP H . -13.39 39.26 13.29
O2P PLP H . -12.00 41.50 13.27
O3P PLP H . -11.83 39.85 11.41
N ASP I . -6.15 -27.35 0.26
CA ASP I . -6.08 -25.97 0.70
C ASP I . -6.66 -24.80 0.01
O ASP I . -6.91 -23.83 0.76
CB ASP I . -4.67 -25.63 1.14
CG ASP I . -3.60 -25.93 0.06
OD1 ASP I . -3.12 -24.97 -0.59
OD2 ASP I . -3.26 -27.11 -0.15
OXT ASP I . -6.87 -24.85 -1.16
N1 PLP J . -9.47 -28.94 -3.90
C2 PLP J . -9.70 -27.93 -3.05
C2A PLP J . -10.90 -27.09 -3.33
C3 PLP J . -8.82 -27.67 -2.00
O3 PLP J . -9.01 -26.63 -1.21
C4 PLP J . -7.72 -28.44 -1.84
C4A PLP J . -6.74 -28.31 -0.66
C5 PLP J . -7.51 -29.47 -2.69
C6 PLP J . -8.39 -29.70 -3.73
C5A PLP J . -6.20 -30.37 -2.60
O4P PLP J . -5.99 -31.28 -1.49
P PLP J . -4.62 -32.05 -1.39
O1P PLP J . -4.72 -33.05 -0.34
O2P PLP J . -3.33 -31.10 -1.09
O3P PLP J . -4.44 -32.46 -2.76
N ASP K . 13.78 -47.65 -11.99
CA ASP K . 13.65 -48.94 -12.75
C ASP K . 13.88 -49.48 -14.03
O ASP K . 15.09 -49.70 -14.36
CB ASP K . 12.08 -49.28 -12.42
CG ASP K . 11.11 -48.00 -12.53
OD1 ASP K . 10.98 -47.23 -11.52
OD2 ASP K . 10.38 -47.97 -13.56
OXT ASP K . 12.81 -49.55 -14.72
N1 PLP L . 16.47 -42.86 -13.26
C2 PLP L . 16.83 -44.12 -13.60
C2A PLP L . 18.13 -44.38 -14.39
C3 PLP L . 16.13 -45.22 -13.13
O3 PLP L . 16.50 -46.45 -13.51
C4 PLP L . 15.03 -45.09 -12.32
C4A PLP L . 14.33 -46.13 -11.84
C5 PLP L . 14.65 -43.75 -11.97
C6 PLP L . 15.39 -42.66 -12.46
C5A PLP L . 13.45 -43.48 -11.03
O4P PLP L . 13.68 -43.30 -9.57
P PLP L . 12.38 -43.25 -8.58
O1P PLP L . 12.86 -43.29 -7.18
O2P PLP L . 11.56 -44.57 -8.98
O3P PLP L . 11.51 -42.16 -9.05
#